data_8ZW5
#
_entry.id   8ZW5
#
_cell.length_a   1.00
_cell.length_b   1.00
_cell.length_c   1.00
_cell.angle_alpha   90.00
_cell.angle_beta   90.00
_cell.angle_gamma   90.00
#
_symmetry.space_group_name_H-M   'P 1'
#
loop_
_entity.id
_entity.type
_entity.pdbx_description
1 polymer Hemagglutinin
2 branched alpha-D-mannopyranose-(1-3)-[alpha-D-mannopyranose-(1-6)]beta-D-mannopyranose-(1-4)-2-acetamido-2-deoxy-beta-D-glucopyranose-(1-4)-2-acetamido-2-deoxy-beta-D-glucopyranose
3 branched 2-acetamido-2-deoxy-beta-D-glucopyranose-(1-4)-2-acetamido-2-deoxy-beta-D-glucopyranose
4 branched 'N-acetyl-alpha-neuraminic acid-(2-3)-beta-D-galactopyranose'
5 non-polymer 2-acetamido-2-deoxy-beta-D-glucopyranose
#
_entity_poly.entity_id   1
_entity_poly.type   'polypeptide(L)'
_entity_poly.pdbx_seq_one_letter_code
;LQQNLPGKDSSTATLCLGHHSVPNGTIVKTITDDQIEVTNATELVQNSSTGKICNNPHKVLDGRDCTLIDAMLGDPHCDV
FQDEKWDLFVERSSAFSNCYPYDVPDYASLRSLIASSGTLDFITESFTWAGVSQNGGSSACKRGPANGFFSRLNWLTKSG
SSYPLLNVTMPNNYNFDKLYIWGVHHPSTNQEQTNLYVQASGRVTVSTRRSQQTIVPNIGSRPWVRGQSGRISIYWTIVK
PGDVLVINSNGNLIAPRGFFKIRTGRSSIMRSDAPIETCISECITPNGSIPNDKPFQNVNKITYGACPKYVKQNTLKLAT
GMRNVPEKQTRGLFGAIAGFIENGWEGMIDGWYGFRHQNSEGTGQAADLKSTQAAIDQINGKLNRVIEKTNEKFHQIEKE
FSEVEGRIQDLEKYVEDTKVDLWSYNAELLVALENQHTIDLTDSEMNKLFEKTRRQLRENAEDMGNGCFKIYHKCDNACI
ESIRNGTYDHDIYRDEALNNRFQIRGVEF
;
_entity_poly.pdbx_strand_id   A,B,C
#
loop_
_chem_comp.id
_chem_comp.type
_chem_comp.name
_chem_comp.formula
BMA D-saccharide, beta linking beta-D-mannopyranose 'C6 H12 O6'
GAL D-saccharide, beta linking beta-D-galactopyranose 'C6 H12 O6'
MAN D-saccharide, alpha linking alpha-D-mannopyranose 'C6 H12 O6'
NAG D-saccharide, beta linking 2-acetamido-2-deoxy-beta-D-glucopyranose 'C8 H15 N O6'
SIA D-saccharide, alpha linking 'N-acetyl-alpha-neuraminic acid' 'C11 H19 N O9'
#
# COMPACT_ATOMS: atom_id res chain seq x y z
N THR A 12 -62.73 15.09 -23.41
CA THR A 12 -61.44 14.49 -23.13
C THR A 12 -60.47 15.51 -22.53
N ALA A 13 -59.29 15.03 -22.14
CA ALA A 13 -58.24 15.88 -21.59
C ALA A 13 -56.91 15.15 -21.72
N THR A 14 -55.81 15.91 -21.62
CA THR A 14 -54.49 15.33 -21.69
C THR A 14 -53.70 15.66 -20.43
N LEU A 15 -52.98 14.67 -19.90
CA LEU A 15 -52.15 14.87 -18.72
C LEU A 15 -50.79 14.24 -18.97
N CYS A 16 -49.75 15.05 -19.03
CA CYS A 16 -48.41 14.58 -19.31
C CYS A 16 -47.51 14.77 -18.10
N LEU A 17 -46.49 13.92 -18.00
CA LEU A 17 -45.50 13.98 -16.92
C LEU A 17 -44.14 14.27 -17.53
N GLY A 18 -43.36 15.11 -16.85
CA GLY A 18 -42.08 15.48 -17.44
C GLY A 18 -41.06 15.89 -16.39
N HIS A 19 -39.84 16.13 -16.86
CA HIS A 19 -38.72 16.51 -16.01
C HIS A 19 -37.99 17.69 -16.62
N HIS A 20 -37.32 18.45 -15.75
CA HIS A 20 -36.70 19.71 -16.15
C HIS A 20 -35.45 19.47 -16.99
N SER A 21 -35.05 20.53 -17.70
CA SER A 21 -33.87 20.51 -18.56
C SER A 21 -33.18 21.86 -18.49
N VAL A 22 -31.90 21.88 -18.86
CA VAL A 22 -31.10 23.11 -18.81
C VAL A 22 -30.45 23.35 -20.18
N PRO A 23 -30.20 24.60 -20.56
CA PRO A 23 -29.62 24.85 -21.89
C PRO A 23 -28.18 24.38 -22.03
N ASN A 24 -27.40 24.37 -20.96
CA ASN A 24 -26.00 23.96 -21.01
C ASN A 24 -25.71 22.95 -19.92
N GLY A 25 -25.48 21.69 -20.30
CA GLY A 25 -25.16 20.63 -19.38
C GLY A 25 -23.67 20.30 -19.37
N THR A 26 -23.32 19.36 -18.51
CA THR A 26 -21.93 18.97 -18.29
C THR A 26 -21.76 17.47 -18.54
N ILE A 27 -20.61 17.10 -19.08
CA ILE A 27 -20.31 15.71 -19.44
C ILE A 27 -19.66 15.01 -18.25
N VAL A 28 -20.13 13.78 -17.96
CA VAL A 28 -19.54 12.94 -16.94
C VAL A 28 -19.39 11.53 -17.49
N LYS A 29 -18.73 10.67 -16.72
CA LYS A 29 -18.48 9.28 -17.09
C LYS A 29 -19.04 8.36 -16.02
N THR A 30 -19.70 7.29 -16.47
CA THR A 30 -20.25 6.28 -15.57
C THR A 30 -19.61 4.92 -15.87
N ILE A 31 -20.08 3.90 -15.16
CA ILE A 31 -19.60 2.54 -15.38
C ILE A 31 -19.99 2.04 -16.76
N THR A 32 -21.17 2.43 -17.23
CA THR A 32 -21.75 1.90 -18.46
C THR A 32 -21.48 2.77 -19.68
N ASP A 33 -21.47 4.10 -19.54
CA ASP A 33 -21.30 5.01 -20.67
C ASP A 33 -20.01 5.79 -20.53
N ASP A 34 -19.33 6.01 -21.67
CA ASP A 34 -18.09 6.78 -21.66
C ASP A 34 -18.35 8.26 -21.37
N GLN A 35 -19.48 8.78 -21.86
CA GLN A 35 -19.80 10.19 -21.64
C GLN A 35 -21.31 10.38 -21.72
N ILE A 36 -21.88 10.97 -20.67
CA ILE A 36 -23.29 11.29 -20.61
C ILE A 36 -23.44 12.71 -20.06
N GLU A 37 -24.40 13.45 -20.61
CA GLU A 37 -24.60 14.84 -20.24
C GLU A 37 -25.66 14.96 -19.16
N VAL A 38 -25.34 15.68 -18.09
CA VAL A 38 -26.25 15.89 -16.97
C VAL A 38 -26.45 17.39 -16.78
N THR A 39 -27.40 17.73 -15.91
CA THR A 39 -27.79 19.11 -15.70
C THR A 39 -26.88 19.88 -14.74
N ASN A 40 -26.05 19.20 -13.97
CA ASN A 40 -25.22 19.86 -12.97
C ASN A 40 -24.16 18.89 -12.47
N ALA A 41 -22.97 19.40 -12.18
CA ALA A 41 -21.86 18.56 -11.72
C ALA A 41 -20.90 19.42 -10.92
N THR A 42 -20.05 18.75 -10.14
CA THR A 42 -19.07 19.41 -9.29
C THR A 42 -17.68 18.80 -9.49
N GLU A 43 -16.66 19.62 -9.29
CA GLU A 43 -15.27 19.18 -9.42
C GLU A 43 -14.76 18.65 -8.08
N LEU A 44 -14.07 17.51 -8.12
CA LEU A 44 -13.62 16.84 -6.91
C LEU A 44 -12.12 16.98 -6.65
N VAL A 45 -11.33 17.45 -7.61
CA VAL A 45 -9.89 17.56 -7.48
C VAL A 45 -9.50 19.03 -7.39
N GLN A 46 -8.75 19.39 -6.36
CA GLN A 46 -8.19 20.73 -6.22
C GLN A 46 -6.84 20.77 -6.95
N ASN A 47 -6.69 21.72 -7.87
CA ASN A 47 -5.54 21.72 -8.76
C ASN A 47 -4.79 23.05 -8.78
N SER A 48 -4.98 23.90 -7.78
CA SER A 48 -4.30 25.19 -7.79
C SER A 48 -4.05 25.67 -6.37
N SER A 49 -3.09 26.60 -6.24
CA SER A 49 -2.75 27.22 -4.97
C SER A 49 -2.52 28.70 -5.18
N THR A 50 -2.73 29.49 -4.13
CA THR A 50 -2.45 30.92 -4.20
C THR A 50 -0.95 31.22 -4.20
N GLY A 51 -0.11 30.24 -3.87
CA GLY A 51 1.32 30.47 -3.82
C GLY A 51 1.84 31.04 -2.52
N LYS A 52 1.01 31.16 -1.49
CA LYS A 52 1.40 31.70 -0.21
C LYS A 52 1.14 30.69 0.89
N ILE A 53 1.92 30.77 1.96
CA ILE A 53 1.73 29.93 3.14
C ILE A 53 1.09 30.79 4.23
N CYS A 54 -0.04 30.33 4.75
CA CYS A 54 -0.76 31.07 5.77
C CYS A 54 -0.17 30.80 7.14
N ASN A 55 -0.12 31.85 7.98
CA ASN A 55 0.49 31.75 9.29
C ASN A 55 -0.46 31.30 10.39
N ASN A 56 -1.71 30.98 10.06
CA ASN A 56 -2.67 30.45 11.01
C ASN A 56 -3.39 29.27 10.42
N PRO A 57 -3.79 28.28 11.24
CA PRO A 57 -3.62 28.23 12.70
C PRO A 57 -2.31 27.59 13.17
N HIS A 58 -1.56 26.97 12.27
CA HIS A 58 -0.28 26.37 12.64
C HIS A 58 0.77 27.45 12.87
N LYS A 59 1.70 27.16 13.77
CA LYS A 59 2.83 28.06 14.03
C LYS A 59 3.94 27.75 13.02
N VAL A 60 4.12 28.64 12.06
CA VAL A 60 5.10 28.46 11.00
C VAL A 60 6.33 29.29 11.33
N LEU A 61 7.50 28.64 11.37
CA LEU A 61 8.76 29.31 11.63
C LEU A 61 9.62 29.26 10.38
N ASP A 62 10.03 30.43 9.90
CA ASP A 62 10.81 30.55 8.67
C ASP A 62 12.29 30.56 9.02
N GLY A 63 13.01 29.52 8.59
CA GLY A 63 14.46 29.55 8.68
C GLY A 63 15.03 30.17 7.43
N ARG A 64 15.30 31.47 7.48
CA ARG A 64 15.59 32.25 6.28
C ARG A 64 16.88 31.81 5.59
N ASP A 65 18.02 32.03 6.24
CA ASP A 65 19.32 31.64 5.70
C ASP A 65 19.95 30.50 6.49
N CYS A 66 19.19 29.85 7.36
CA CYS A 66 19.72 28.83 8.26
C CYS A 66 18.97 27.52 8.08
N THR A 67 19.72 26.42 8.09
CA THR A 67 19.12 25.10 8.20
C THR A 67 18.82 24.80 9.68
N LEU A 68 18.03 23.75 9.91
CA LEU A 68 17.70 23.39 11.28
C LEU A 68 18.93 22.96 12.06
N ILE A 69 19.83 22.20 11.43
CA ILE A 69 21.02 21.70 12.12
C ILE A 69 21.93 22.87 12.51
N ASP A 70 22.12 23.83 11.60
CA ASP A 70 22.97 24.98 11.90
C ASP A 70 22.39 25.81 13.05
N ALA A 71 21.08 25.99 13.07
CA ALA A 71 20.44 26.70 14.18
C ALA A 71 20.59 25.94 15.49
N MET A 72 20.51 24.61 15.44
CA MET A 72 20.68 23.80 16.65
C MET A 72 22.10 23.92 17.19
N LEU A 73 23.11 23.83 16.31
CA LEU A 73 24.49 23.84 16.77
C LEU A 73 24.92 25.20 17.30
N GLY A 74 24.41 26.28 16.71
CA GLY A 74 24.79 27.61 17.16
C GLY A 74 25.70 28.35 16.20
N ASP A 75 25.45 28.21 14.91
CA ASP A 75 26.12 29.03 13.90
C ASP A 75 25.86 30.50 14.20
N PRO A 76 26.89 31.35 14.22
CA PRO A 76 26.68 32.76 14.64
C PRO A 76 25.58 33.49 13.89
N HIS A 77 25.55 33.37 12.56
CA HIS A 77 24.50 34.04 11.79
C HIS A 77 23.12 33.40 11.99
N CYS A 78 23.03 32.34 12.79
CA CYS A 78 21.77 31.74 13.19
C CYS A 78 21.42 32.02 14.64
N ASP A 79 22.17 32.91 15.30
CA ASP A 79 21.99 33.14 16.73
C ASP A 79 20.59 33.58 17.11
N VAL A 80 19.83 34.17 16.18
CA VAL A 80 18.48 34.61 16.46
C VAL A 80 17.51 33.46 16.72
N PHE A 81 17.89 32.23 16.38
CA PHE A 81 16.98 31.10 16.50
C PHE A 81 17.10 30.35 17.81
N GLN A 82 17.75 30.93 18.82
CA GLN A 82 17.96 30.23 20.08
C GLN A 82 16.65 30.05 20.83
N ASP A 83 16.36 28.81 21.23
CA ASP A 83 15.20 28.48 22.08
C ASP A 83 13.87 28.73 21.36
N GLU A 84 13.81 28.44 20.07
CA GLU A 84 12.60 28.64 19.30
C GLU A 84 11.71 27.40 19.35
N LYS A 85 10.43 27.59 19.00
CA LYS A 85 9.45 26.52 18.89
C LYS A 85 8.69 26.68 17.58
N TRP A 86 8.11 25.57 17.11
CA TRP A 86 7.41 25.59 15.84
C TRP A 86 6.43 24.43 15.76
N ASP A 87 5.42 24.59 14.90
CA ASP A 87 4.65 23.46 14.39
C ASP A 87 5.19 22.98 13.06
N LEU A 88 5.64 23.90 12.20
CA LEU A 88 6.28 23.56 10.94
C LEU A 88 7.49 24.46 10.74
N PHE A 89 8.65 23.85 10.53
CA PHE A 89 9.87 24.58 10.19
C PHE A 89 10.03 24.59 8.68
N VAL A 90 10.22 25.77 8.10
CA VAL A 90 10.33 25.95 6.66
C VAL A 90 11.78 26.27 6.32
N GLU A 91 12.42 25.40 5.55
CA GLU A 91 13.80 25.57 5.13
C GLU A 91 13.86 26.14 3.72
N ARG A 92 14.60 27.23 3.56
CA ARG A 92 14.75 27.88 2.26
C ARG A 92 15.94 27.30 1.51
N SER A 93 15.90 27.42 0.19
CA SER A 93 16.97 26.90 -0.66
C SER A 93 18.18 27.82 -0.73
N SER A 94 18.09 29.03 -0.18
CA SER A 94 19.22 29.95 -0.14
C SER A 94 19.99 29.88 1.18
N ALA A 95 19.70 28.88 2.02
CA ALA A 95 20.42 28.71 3.28
C ALA A 95 21.87 28.30 3.02
N PHE A 96 22.76 28.78 3.88
CA PHE A 96 24.18 28.50 3.77
C PHE A 96 24.80 28.35 5.16
N SER A 97 26.01 27.80 5.19
CA SER A 97 26.76 27.59 6.42
C SER A 97 27.96 28.53 6.46
N ASN A 98 28.26 29.07 7.64
CA ASN A 98 29.31 30.07 7.78
C ASN A 98 30.14 29.84 9.04
N CYS A 99 30.50 28.59 9.31
CA CYS A 99 31.26 28.26 10.51
C CYS A 99 32.30 27.20 10.15
N TYR A 100 32.85 26.55 11.16
CA TYR A 100 33.86 25.51 10.94
C TYR A 100 33.25 24.35 10.16
N PRO A 101 33.94 23.84 9.13
CA PRO A 101 33.38 22.74 8.34
C PRO A 101 33.15 21.50 9.19
N TYR A 102 32.04 20.80 8.89
CA TYR A 102 31.62 19.66 9.70
C TYR A 102 30.81 18.71 8.84
N ASP A 103 30.56 17.52 9.37
CA ASP A 103 29.67 16.54 8.75
C ASP A 103 28.96 15.77 9.85
N VAL A 104 27.82 15.20 9.49
CA VAL A 104 27.01 14.42 10.43
C VAL A 104 26.80 13.02 9.87
N PRO A 105 27.36 11.98 10.47
CA PRO A 105 26.94 10.62 10.11
C PRO A 105 25.46 10.44 10.42
N ASP A 106 24.71 9.97 9.42
CA ASP A 106 23.24 9.90 9.49
C ASP A 106 22.65 11.28 9.77
N TYR A 107 22.92 12.21 8.85
CA TYR A 107 22.37 13.56 8.95
C TYR A 107 20.84 13.54 8.93
N ALA A 108 20.25 12.72 8.07
CA ALA A 108 18.80 12.71 7.90
C ALA A 108 18.08 12.32 9.18
N SER A 109 18.64 11.35 9.93
CA SER A 109 17.99 10.88 11.15
C SER A 109 17.97 11.97 12.23
N LEU A 110 19.11 12.62 12.44
CA LEU A 110 19.17 13.70 13.44
C LEU A 110 18.26 14.86 13.04
N ARG A 111 18.26 15.21 11.74
CA ARG A 111 17.37 16.26 11.26
C ARG A 111 15.91 15.89 11.54
N SER A 112 15.53 14.66 11.22
CA SER A 112 14.15 14.21 11.41
C SER A 112 13.75 14.25 12.88
N LEU A 113 14.63 13.78 13.77
CA LEU A 113 14.25 13.73 15.18
C LEU A 113 14.17 15.12 15.79
N ILE A 114 15.09 16.02 15.43
CA ILE A 114 15.00 17.40 15.92
C ILE A 114 13.74 18.06 15.41
N ALA A 115 13.43 17.87 14.12
CA ALA A 115 12.22 18.49 13.55
C ALA A 115 10.97 17.95 14.21
N SER A 116 10.93 16.65 14.51
CA SER A 116 9.75 16.07 15.14
C SER A 116 9.61 16.53 16.59
N SER A 117 10.72 16.80 17.27
CA SER A 117 10.63 17.29 18.65
C SER A 117 9.94 18.65 18.71
N GLY A 118 10.28 19.56 17.80
CA GLY A 118 9.58 20.82 17.68
C GLY A 118 10.07 21.96 18.55
N THR A 119 11.26 21.83 19.16
CA THR A 119 11.76 22.89 20.02
C THR A 119 13.29 22.86 20.03
N LEU A 120 13.88 23.99 20.41
CA LEU A 120 15.32 24.11 20.58
C LEU A 120 15.70 24.59 21.98
N ASP A 121 14.91 24.22 22.98
CA ASP A 121 15.16 24.65 24.36
C ASP A 121 16.43 23.98 24.89
N PHE A 122 17.37 24.80 25.35
CA PHE A 122 18.70 24.35 25.77
C PHE A 122 18.93 24.73 27.22
N ILE A 123 19.45 23.79 28.01
CA ILE A 123 19.77 24.01 29.41
C ILE A 123 21.27 23.85 29.58
N THR A 124 21.93 24.88 30.10
CA THR A 124 23.36 24.85 30.37
C THR A 124 23.66 24.04 31.62
N GLU A 125 24.74 23.27 31.57
CA GLU A 125 25.18 22.46 32.70
C GLU A 125 26.62 22.81 33.04
N SER A 126 27.00 22.54 34.30
CA SER A 126 28.32 22.93 34.81
C SER A 126 29.25 21.72 34.71
N PHE A 127 29.82 21.53 33.52
CA PHE A 127 30.87 20.55 33.32
C PHE A 127 32.20 21.11 33.80
N THR A 128 33.05 20.24 34.32
CA THR A 128 34.39 20.61 34.76
C THR A 128 35.41 19.86 33.91
N TRP A 129 36.29 20.62 33.26
CA TRP A 129 37.33 20.06 32.40
C TRP A 129 38.68 20.49 32.97
N ALA A 130 39.29 19.61 33.76
CA ALA A 130 40.48 19.96 34.54
C ALA A 130 41.74 19.68 33.75
N GLY A 131 42.62 20.67 33.69
CA GLY A 131 43.90 20.54 33.04
C GLY A 131 43.94 20.84 31.56
N VAL A 132 42.88 21.42 31.00
CA VAL A 132 42.82 21.78 29.60
C VAL A 132 42.33 23.21 29.47
N SER A 133 42.55 23.79 28.30
CA SER A 133 42.03 25.11 27.99
C SER A 133 40.74 24.97 27.19
N GLN A 134 39.82 25.91 27.41
CA GLN A 134 38.48 25.87 26.83
C GLN A 134 38.27 27.04 25.88
N ASN A 135 37.13 26.98 25.18
CA ASN A 135 36.68 28.05 24.27
C ASN A 135 37.66 28.27 23.12
N GLY A 136 38.01 27.18 22.43
CA GLY A 136 38.79 27.31 21.21
C GLY A 136 37.97 27.88 20.07
N GLY A 137 38.64 28.62 19.18
CA GLY A 137 37.98 29.32 18.10
C GLY A 137 38.70 29.16 16.78
N SER A 138 38.15 29.79 15.75
CA SER A 138 38.66 29.66 14.40
C SER A 138 38.31 30.90 13.59
N SER A 139 39.15 31.21 12.59
CA SER A 139 38.85 32.29 11.67
C SER A 139 37.76 31.90 10.67
N ALA A 140 37.45 30.61 10.53
CA ALA A 140 36.36 30.18 9.67
C ALA A 140 34.98 30.45 10.27
N CYS A 141 34.92 30.83 11.55
CA CYS A 141 33.65 31.07 12.25
C CYS A 141 33.83 32.34 13.07
N LYS A 142 33.55 33.49 12.47
CA LYS A 142 33.81 34.78 13.08
C LYS A 142 32.56 35.30 13.78
N ARG A 143 32.72 35.75 15.02
CA ARG A 143 31.68 36.44 15.77
C ARG A 143 32.13 37.90 15.89
N GLY A 144 31.79 38.69 14.89
CA GLY A 144 32.27 40.05 14.81
C GLY A 144 33.68 40.12 14.27
N PRO A 145 34.59 40.75 15.01
CA PRO A 145 35.99 40.80 14.58
C PRO A 145 36.82 39.61 15.07
N ALA A 146 36.38 38.97 16.14
CA ALA A 146 37.16 37.92 16.77
C ALA A 146 36.84 36.54 16.19
N ASN A 147 37.79 35.62 16.39
CA ASN A 147 37.55 34.22 16.04
C ASN A 147 36.54 33.61 17.01
N GLY A 148 35.67 32.76 16.49
CA GLY A 148 34.64 32.15 17.31
C GLY A 148 34.40 30.69 17.01
N PHE A 149 33.25 30.18 17.44
CA PHE A 149 32.92 28.77 17.32
C PHE A 149 31.41 28.63 17.49
N PHE A 150 30.92 27.40 17.32
CA PHE A 150 29.52 27.10 17.60
C PHE A 150 29.20 27.44 19.05
N SER A 151 28.02 28.02 19.26
CA SER A 151 27.68 28.53 20.59
C SER A 151 27.34 27.42 21.59
N ARG A 152 26.93 26.24 21.11
CA ARG A 152 26.54 25.16 22.00
C ARG A 152 27.63 24.12 22.20
N LEU A 153 28.83 24.36 21.68
CA LEU A 153 29.93 23.39 21.78
C LEU A 153 31.17 24.09 22.35
N ASN A 154 32.03 23.29 22.99
CA ASN A 154 33.21 23.80 23.68
C ASN A 154 34.43 23.05 23.14
N TRP A 155 35.34 23.78 22.48
CA TRP A 155 36.53 23.20 21.87
C TRP A 155 37.67 23.19 22.88
N LEU A 156 38.12 22.00 23.27
CA LEU A 156 39.15 21.84 24.28
C LEU A 156 40.49 21.52 23.63
N THR A 157 41.56 22.18 24.10
CA THR A 157 42.91 21.92 23.65
C THR A 157 43.83 21.83 24.87
N LYS A 158 45.11 21.58 24.61
CA LYS A 158 46.08 21.37 25.68
C LYS A 158 46.27 22.65 26.51
N SER A 159 46.63 22.46 27.77
CA SER A 159 46.96 23.54 28.67
C SER A 159 48.43 23.41 29.07
N GLY A 160 49.23 24.42 28.73
CA GLY A 160 50.65 24.34 28.96
C GLY A 160 51.31 23.37 28.00
N SER A 161 51.75 22.21 28.50
CA SER A 161 52.35 21.19 27.67
C SER A 161 51.74 19.82 27.89
N SER A 162 50.53 19.75 28.46
CA SER A 162 49.92 18.47 28.77
C SER A 162 48.44 18.49 28.42
N TYR A 163 47.90 17.31 28.12
CA TYR A 163 46.47 17.11 27.89
C TYR A 163 46.08 15.85 28.66
N PRO A 164 45.60 15.99 29.90
CA PRO A 164 45.35 14.82 30.73
C PRO A 164 44.13 14.04 30.26
N LEU A 165 43.96 12.85 30.84
CA LEU A 165 42.80 12.02 30.53
C LEU A 165 41.56 12.61 31.20
N LEU A 166 40.54 12.92 30.40
CA LEU A 166 39.31 13.51 30.90
C LEU A 166 38.31 12.41 31.24
N ASN A 167 37.69 12.52 32.42
CA ASN A 167 36.76 11.50 32.91
C ASN A 167 35.69 12.24 33.72
N VAL A 168 34.55 12.53 33.09
CA VAL A 168 33.49 13.31 33.74
C VAL A 168 32.17 12.57 33.65
N THR A 169 31.29 12.87 34.60
CA THR A 169 30.00 12.20 34.71
C THR A 169 28.92 13.23 35.01
N MET A 170 27.70 12.91 34.59
CA MET A 170 26.54 13.77 34.79
C MET A 170 25.28 12.92 34.88
N PRO A 171 24.60 12.93 36.03
CA PRO A 171 23.39 12.12 36.18
C PRO A 171 22.13 12.86 35.76
N ASN A 172 21.13 12.07 35.37
CA ASN A 172 19.82 12.61 34.99
C ASN A 172 18.88 12.40 36.16
N ASN A 173 18.66 13.45 36.94
CA ASN A 173 17.78 13.40 38.11
C ASN A 173 16.43 14.06 37.85
N TYR A 174 16.11 14.33 36.58
CA TYR A 174 14.80 14.85 36.20
C TYR A 174 13.88 13.71 35.83
N ASN A 175 12.70 14.03 35.31
CA ASN A 175 11.74 13.02 34.87
C ASN A 175 11.49 13.08 33.36
N PHE A 176 12.39 13.68 32.60
CA PHE A 176 12.29 13.73 31.15
C PHE A 176 13.64 13.37 30.54
N ASP A 177 13.62 13.04 29.25
CA ASP A 177 14.82 12.64 28.54
C ASP A 177 15.72 13.85 28.26
N LYS A 178 17.02 13.59 28.14
CA LYS A 178 18.00 14.61 27.77
C LYS A 178 18.66 14.23 26.47
N LEU A 179 18.90 15.21 25.61
CA LEU A 179 19.63 15.02 24.36
C LEU A 179 20.93 15.81 24.41
N TYR A 180 22.04 15.12 24.19
CA TYR A 180 23.37 15.72 24.19
C TYR A 180 23.95 15.67 22.78
N ILE A 181 24.51 16.79 22.33
CA ILE A 181 25.21 16.90 21.06
C ILE A 181 26.69 17.11 21.38
N TRP A 182 27.56 16.32 20.75
CA TRP A 182 29.00 16.43 20.95
C TRP A 182 29.70 16.14 19.63
N GLY A 183 31.03 16.29 19.63
CA GLY A 183 31.77 16.15 18.39
C GLY A 183 33.18 15.65 18.56
N VAL A 184 33.81 15.34 17.44
CA VAL A 184 35.19 14.89 17.35
C VAL A 184 35.89 15.66 16.25
N HIS A 185 37.12 16.11 16.53
CA HIS A 185 37.88 16.90 15.58
C HIS A 185 38.88 16.03 14.82
N HIS A 186 38.89 16.17 13.50
CA HIS A 186 39.83 15.48 12.62
C HIS A 186 40.87 16.47 12.08
N PRO A 187 42.12 16.38 12.53
CA PRO A 187 43.15 17.31 12.07
C PRO A 187 43.68 16.93 10.70
N SER A 188 44.48 17.84 10.13
CA SER A 188 45.00 17.65 8.78
C SER A 188 46.33 16.91 8.74
N THR A 189 47.18 17.07 9.76
CA THR A 189 48.49 16.42 9.78
C THR A 189 48.77 15.84 11.15
N ASN A 190 49.81 15.01 11.23
CA ASN A 190 50.25 14.46 12.51
C ASN A 190 50.85 15.54 13.40
N GLN A 191 51.57 16.49 12.79
CA GLN A 191 52.13 17.59 13.56
C GLN A 191 51.05 18.44 14.20
N GLU A 192 49.97 18.72 13.47
CA GLU A 192 48.85 19.44 14.05
C GLU A 192 48.21 18.65 15.19
N GLN A 193 48.08 17.34 15.00
CA GLN A 193 47.54 16.49 16.06
C GLN A 193 48.35 16.62 17.34
N THR A 194 49.68 16.52 17.23
CA THR A 194 50.50 16.64 18.44
C THR A 194 50.52 18.07 18.97
N ASN A 195 50.34 19.07 18.11
CA ASN A 195 50.38 20.45 18.57
C ASN A 195 49.14 20.82 19.37
N LEU A 196 47.96 20.34 18.95
CA LEU A 196 46.75 20.67 19.68
C LEU A 196 46.50 19.74 20.87
N TYR A 197 46.68 18.43 20.66
CA TYR A 197 46.51 17.43 21.70
C TYR A 197 47.81 16.65 21.83
N VAL A 198 48.33 16.55 23.04
CA VAL A 198 49.69 16.06 23.22
C VAL A 198 49.83 14.63 22.69
N GLN A 199 48.82 13.81 22.89
CA GLN A 199 48.89 12.41 22.47
C GLN A 199 48.86 12.31 20.95
N ALA A 200 49.57 11.30 20.43
CA ALA A 200 49.67 11.08 19.00
C ALA A 200 48.41 10.48 18.39
N SER A 201 47.50 9.95 19.20
CA SER A 201 46.25 9.40 18.70
C SER A 201 45.19 9.59 19.78
N GLY A 202 44.20 10.43 19.49
CA GLY A 202 43.13 10.70 20.42
C GLY A 202 42.05 9.64 20.41
N ARG A 203 41.08 9.82 21.29
CA ARG A 203 39.98 8.88 21.45
C ARG A 203 38.88 9.54 22.27
N VAL A 204 37.62 9.31 21.87
CA VAL A 204 36.47 9.85 22.59
C VAL A 204 35.50 8.71 22.88
N THR A 205 35.09 8.56 24.14
CA THR A 205 34.12 7.55 24.54
C THR A 205 33.00 8.21 25.33
N VAL A 206 31.76 7.99 24.88
CA VAL A 206 30.57 8.54 25.52
C VAL A 206 29.62 7.39 25.80
N SER A 207 29.19 7.25 27.06
CA SER A 207 28.43 6.05 27.42
C SER A 207 27.37 6.35 28.47
N THR A 208 26.33 5.52 28.46
CA THR A 208 25.33 5.43 29.52
C THR A 208 25.34 3.98 30.05
N ARG A 209 24.35 3.67 30.90
CA ARG A 209 24.23 2.31 31.40
C ARG A 209 23.75 1.34 30.32
N ARG A 210 23.14 1.83 29.25
CA ARG A 210 22.58 0.97 28.22
C ARG A 210 23.18 1.17 26.83
N SER A 211 24.18 2.04 26.67
CA SER A 211 24.73 2.27 25.34
C SER A 211 26.13 2.84 25.48
N GLN A 212 26.88 2.78 24.37
CA GLN A 212 28.24 3.26 24.34
C GLN A 212 28.61 3.63 22.90
N GLN A 213 29.47 4.64 22.76
CA GLN A 213 30.02 5.05 21.47
C GLN A 213 31.48 5.44 21.66
N THR A 214 32.35 4.95 20.79
CA THR A 214 33.76 5.32 20.81
C THR A 214 34.20 5.73 19.41
N ILE A 215 34.91 6.86 19.33
CA ILE A 215 35.35 7.43 18.06
C ILE A 215 36.86 7.64 18.12
N VAL A 216 37.55 7.17 17.10
CA VAL A 216 38.97 7.43 16.88
C VAL A 216 39.09 8.41 15.73
N PRO A 217 39.77 9.54 15.90
CA PRO A 217 39.81 10.55 14.85
C PRO A 217 40.64 10.12 13.64
N ASN A 218 40.34 10.74 12.51
CA ASN A 218 41.02 10.49 11.24
C ASN A 218 41.90 11.68 10.90
N ILE A 219 43.10 11.40 10.38
CA ILE A 219 44.08 12.43 10.04
C ILE A 219 44.30 12.40 8.53
N GLY A 220 44.36 13.59 7.93
CA GLY A 220 44.63 13.70 6.51
C GLY A 220 44.21 15.04 5.97
N SER A 221 44.84 15.43 4.86
CA SER A 221 44.53 16.69 4.21
C SER A 221 43.22 16.60 3.44
N ARG A 222 42.50 17.71 3.42
CA ARG A 222 41.19 17.82 2.77
C ARG A 222 41.13 19.17 2.06
N PRO A 223 40.20 19.32 1.11
CA PRO A 223 40.07 20.62 0.43
C PRO A 223 39.74 21.75 1.40
N TRP A 224 40.31 22.92 1.14
CA TRP A 224 40.07 24.08 1.99
C TRP A 224 38.61 24.50 1.96
N VAL A 225 38.02 24.69 3.13
CA VAL A 225 36.69 25.29 3.28
C VAL A 225 36.84 26.43 4.28
N ARG A 226 36.65 27.66 3.79
CA ARG A 226 36.85 28.87 4.60
C ARG A 226 38.23 28.87 5.26
N GLY A 227 39.23 28.43 4.50
CA GLY A 227 40.61 28.45 4.94
C GLY A 227 41.08 27.25 5.75
N GLN A 228 40.21 26.28 6.02
CA GLN A 228 40.54 25.18 6.92
C GLN A 228 40.48 23.85 6.19
N SER A 229 41.46 22.99 6.47
CA SER A 229 41.47 21.63 5.93
C SER A 229 41.10 20.57 6.95
N GLY A 230 40.96 20.92 8.23
CA GLY A 230 40.45 20.00 9.22
C GLY A 230 38.92 19.91 9.19
N ARG A 231 38.38 18.95 9.93
CA ARG A 231 36.94 18.74 9.95
C ARG A 231 36.46 18.41 11.36
N ILE A 232 35.15 18.41 11.53
CA ILE A 232 34.51 18.00 12.78
C ILE A 232 33.34 17.07 12.46
N SER A 233 33.20 16.00 13.24
CA SER A 233 32.09 15.07 13.12
C SER A 233 31.17 15.21 14.34
N ILE A 234 29.86 15.12 14.13
CA ILE A 234 28.86 15.40 15.15
C ILE A 234 28.12 14.11 15.51
N TYR A 235 27.90 13.92 16.82
CA TYR A 235 27.21 12.75 17.35
C TYR A 235 26.23 13.21 18.43
N TRP A 236 25.26 12.35 18.75
CA TRP A 236 24.24 12.66 19.74
C TRP A 236 23.98 11.46 20.63
N THR A 237 23.51 11.73 21.84
CA THR A 237 23.22 10.70 22.83
C THR A 237 22.00 11.10 23.65
N ILE A 238 21.12 10.14 23.92
CA ILE A 238 19.91 10.37 24.71
C ILE A 238 20.06 9.69 26.07
N VAL A 239 19.76 10.43 27.12
CA VAL A 239 19.87 9.95 28.50
C VAL A 239 18.48 9.94 29.12
N LYS A 240 18.00 8.76 29.51
CA LYS A 240 16.69 8.58 30.11
C LYS A 240 16.72 8.93 31.60
N PRO A 241 15.56 9.22 32.19
CA PRO A 241 15.52 9.53 33.62
C PRO A 241 16.06 8.37 34.45
N GLY A 242 16.90 8.71 35.44
CA GLY A 242 17.54 7.72 36.28
C GLY A 242 18.85 7.18 35.74
N ASP A 243 19.26 7.55 34.53
CA ASP A 243 20.51 7.11 33.96
C ASP A 243 21.59 8.17 34.17
N VAL A 244 22.78 7.91 33.64
CA VAL A 244 23.94 8.76 33.84
C VAL A 244 24.77 8.76 32.57
N LEU A 245 25.39 9.90 32.27
CA LEU A 245 26.28 10.06 31.13
C LEU A 245 27.72 10.14 31.60
N VAL A 246 28.60 9.37 30.95
CA VAL A 246 30.03 9.42 31.25
C VAL A 246 30.78 9.75 29.96
N ILE A 247 31.67 10.73 30.05
CA ILE A 247 32.52 11.14 28.93
C ILE A 247 33.97 10.89 29.34
N ASN A 248 34.68 10.11 28.52
CA ASN A 248 36.06 9.73 28.78
C ASN A 248 36.85 10.00 27.51
N SER A 249 37.84 10.89 27.59
CA SER A 249 38.52 11.33 26.39
C SER A 249 40.02 11.48 26.60
N ASN A 250 40.77 11.06 25.58
CA ASN A 250 42.22 11.25 25.56
C ASN A 250 42.65 12.41 24.67
N GLY A 251 41.76 12.93 23.83
CA GLY A 251 42.07 14.05 22.96
C GLY A 251 41.02 14.17 21.87
N ASN A 252 41.01 15.32 21.18
CA ASN A 252 40.14 15.59 20.03
C ASN A 252 38.67 15.69 20.40
N LEU A 253 38.34 16.04 21.63
CA LEU A 253 36.94 16.10 22.07
C LEU A 253 36.36 17.50 21.87
N ILE A 254 35.18 17.56 21.25
CA ILE A 254 34.38 18.77 21.19
C ILE A 254 33.24 18.57 22.19
N ALA A 255 33.36 19.19 23.35
CA ALA A 255 32.50 18.90 24.48
C ALA A 255 31.14 19.60 24.36
N PRO A 256 30.09 19.02 24.93
CA PRO A 256 28.82 19.73 25.04
C PRO A 256 28.86 20.74 26.18
N ARG A 257 27.96 21.72 26.07
CA ARG A 257 27.80 22.73 27.11
C ARG A 257 26.53 22.53 27.93
N GLY A 258 25.70 21.56 27.57
CA GLY A 258 24.42 21.36 28.21
C GLY A 258 23.61 20.34 27.44
N PHE A 259 22.30 20.38 27.65
CA PHE A 259 21.42 19.42 26.97
C PHE A 259 20.23 20.11 26.35
N PHE A 260 19.64 19.43 25.35
CA PHE A 260 18.41 19.85 24.71
C PHE A 260 17.24 19.04 25.27
N LYS A 261 16.13 19.72 25.53
CA LYS A 261 14.90 19.01 25.84
C LYS A 261 14.33 18.38 24.57
N ILE A 262 13.85 17.14 24.69
CA ILE A 262 13.26 16.42 23.57
C ILE A 262 11.82 16.06 23.94
N ARG A 263 10.89 16.34 23.04
CA ARG A 263 9.47 16.19 23.29
C ARG A 263 8.84 15.33 22.22
N THR A 264 7.61 14.91 22.48
CA THR A 264 6.80 14.17 21.53
C THR A 264 5.65 15.06 21.09
N GLY A 265 5.44 15.16 19.79
CA GLY A 265 4.39 16.01 19.28
C GLY A 265 4.17 15.82 17.80
N ARG A 266 3.53 16.82 17.19
CA ARG A 266 3.13 16.77 15.79
C ARG A 266 3.87 17.77 14.92
N SER A 267 5.11 18.11 15.30
CA SER A 267 5.92 19.07 14.55
C SER A 267 6.64 18.38 13.40
N SER A 268 7.02 19.17 12.39
CA SER A 268 7.66 18.63 11.20
C SER A 268 8.44 19.75 10.51
N ILE A 269 9.07 19.40 9.39
CA ILE A 269 9.91 20.32 8.62
C ILE A 269 9.56 20.19 7.14
N MET A 270 9.73 21.29 6.40
CA MET A 270 9.38 21.34 4.99
C MET A 270 10.37 22.21 4.22
N ARG A 271 10.67 21.81 2.99
CA ARG A 271 11.47 22.61 2.07
C ARG A 271 10.54 23.36 1.14
N SER A 272 10.65 24.69 1.12
CA SER A 272 9.77 25.50 0.29
C SER A 272 10.36 26.90 0.14
N ASP A 273 10.04 27.54 -0.98
CA ASP A 273 10.42 28.93 -1.24
C ASP A 273 9.23 29.87 -1.28
N ALA A 274 8.02 29.39 -0.99
CA ALA A 274 6.84 30.25 -1.04
C ALA A 274 6.85 31.24 0.12
N PRO A 275 6.41 32.47 -0.10
CA PRO A 275 6.38 33.45 0.99
C PRO A 275 5.26 33.16 1.98
N ILE A 276 5.40 33.72 3.18
CA ILE A 276 4.48 33.52 4.28
C ILE A 276 3.66 34.79 4.46
N GLU A 277 2.34 34.65 4.54
CA GLU A 277 1.41 35.77 4.62
C GLU A 277 0.39 35.52 5.74
N THR A 278 -0.29 36.59 6.12
CA THR A 278 -1.28 36.54 7.20
C THR A 278 -2.63 36.09 6.62
N CYS A 279 -3.00 34.86 6.90
CA CYS A 279 -4.27 34.28 6.47
C CYS A 279 -4.50 33.00 7.26
N ILE A 280 -5.59 32.30 6.95
CA ILE A 280 -5.98 31.09 7.65
C ILE A 280 -6.13 29.96 6.64
N SER A 281 -5.51 28.83 6.93
CA SER A 281 -5.59 27.64 6.09
C SER A 281 -5.09 26.44 6.88
N GLU A 282 -5.76 25.31 6.73
CA GLU A 282 -5.41 24.10 7.47
C GLU A 282 -4.45 23.19 6.72
N CYS A 283 -4.23 23.39 5.42
CA CYS A 283 -3.41 22.50 4.62
C CYS A 283 -2.29 23.29 3.93
N ILE A 284 -1.06 22.88 4.17
CA ILE A 284 0.15 23.52 3.65
C ILE A 284 0.88 22.52 2.77
N THR A 285 1.31 22.96 1.59
CA THR A 285 2.16 22.20 0.68
C THR A 285 3.34 23.09 0.32
N PRO A 286 4.39 22.52 -0.27
CA PRO A 286 5.51 23.36 -0.73
C PRO A 286 5.11 24.42 -1.74
N ASN A 287 4.01 24.22 -2.47
CA ASN A 287 3.50 25.24 -3.38
C ASN A 287 2.73 26.35 -2.68
N GLY A 288 2.38 26.18 -1.41
CA GLY A 288 1.56 27.12 -0.68
C GLY A 288 0.41 26.43 0.02
N SER A 289 -0.46 27.24 0.60
CA SER A 289 -1.63 26.71 1.27
C SER A 289 -2.72 26.39 0.26
N ILE A 290 -3.51 25.35 0.56
CA ILE A 290 -4.63 25.00 -0.32
C ILE A 290 -5.89 24.77 0.50
N PRO A 291 -7.07 25.10 -0.03
CA PRO A 291 -8.31 24.76 0.66
C PRO A 291 -8.56 23.26 0.67
N ASN A 292 -9.29 22.81 1.68
CA ASN A 292 -9.50 21.38 1.88
C ASN A 292 -10.98 20.99 1.81
N ASP A 293 -11.80 21.75 1.08
CA ASP A 293 -13.20 21.38 0.94
C ASP A 293 -13.41 20.25 -0.05
N LYS A 294 -12.44 19.95 -0.89
CA LYS A 294 -12.54 18.85 -1.84
C LYS A 294 -11.82 17.63 -1.30
N PRO A 295 -12.24 16.42 -1.69
CA PRO A 295 -11.61 15.21 -1.15
C PRO A 295 -10.27 14.85 -1.78
N PHE A 296 -9.93 15.40 -2.95
CA PHE A 296 -8.70 15.05 -3.65
C PHE A 296 -7.97 16.30 -4.10
N GLN A 297 -6.65 16.18 -4.26
CA GLN A 297 -5.82 17.27 -4.73
C GLN A 297 -4.73 16.73 -5.64
N ASN A 298 -4.24 17.61 -6.52
CA ASN A 298 -3.22 17.28 -7.50
C ASN A 298 -2.01 18.21 -7.42
N VAL A 299 -1.89 18.97 -6.33
CA VAL A 299 -0.88 20.02 -6.27
C VAL A 299 0.49 19.45 -5.92
N ASN A 300 0.58 18.65 -4.87
CA ASN A 300 1.85 18.14 -4.37
C ASN A 300 1.61 17.00 -3.41
N LYS A 301 2.42 15.95 -3.52
CA LYS A 301 2.32 14.82 -2.61
C LYS A 301 2.94 15.10 -1.24
N ILE A 302 3.65 16.22 -1.08
CA ILE A 302 4.15 16.65 0.22
C ILE A 302 3.12 17.58 0.85
N THR A 303 2.61 17.21 2.02
CA THR A 303 1.56 17.98 2.68
C THR A 303 1.77 17.98 4.19
N TYR A 304 1.18 18.97 4.84
CA TYR A 304 1.15 19.05 6.30
C TYR A 304 -0.22 19.57 6.73
N GLY A 305 -0.84 18.88 7.68
CA GLY A 305 -2.12 19.31 8.22
C GLY A 305 -3.31 18.48 7.77
N ALA A 306 -4.47 19.12 7.68
CA ALA A 306 -5.70 18.45 7.24
C ALA A 306 -5.85 18.67 5.74
N CYS A 307 -5.52 17.65 4.95
CA CYS A 307 -5.35 17.83 3.53
C CYS A 307 -6.15 16.80 2.74
N PRO A 308 -6.54 17.14 1.51
CA PRO A 308 -7.11 16.12 0.62
C PRO A 308 -6.05 15.12 0.18
N LYS A 309 -6.52 13.95 -0.21
CA LYS A 309 -5.62 12.90 -0.67
C LYS A 309 -5.05 13.24 -2.05
N TYR A 310 -3.77 12.93 -2.25
CA TYR A 310 -3.12 13.21 -3.51
C TYR A 310 -3.49 12.15 -4.54
N VAL A 311 -3.83 12.58 -5.75
CA VAL A 311 -4.12 11.70 -6.87
C VAL A 311 -3.40 12.23 -8.10
N LYS A 312 -3.35 11.38 -9.13
CA LYS A 312 -2.69 11.74 -10.39
C LYS A 312 -3.58 12.48 -11.36
N GLN A 313 -4.90 12.43 -11.18
CA GLN A 313 -5.82 13.06 -12.12
C GLN A 313 -5.94 14.55 -11.86
N ASN A 314 -6.04 15.34 -12.93
CA ASN A 314 -6.24 16.77 -12.78
C ASN A 314 -7.71 17.19 -12.74
N THR A 315 -8.63 16.28 -13.03
CA THR A 315 -10.05 16.62 -12.97
C THR A 315 -10.89 15.36 -12.79
N LEU A 316 -11.93 15.46 -11.96
CA LEU A 316 -12.91 14.40 -11.78
C LEU A 316 -14.25 15.06 -11.49
N LYS A 317 -15.26 14.77 -12.30
CA LYS A 317 -16.56 15.43 -12.20
C LYS A 317 -17.60 14.47 -11.62
N LEU A 318 -18.27 14.92 -10.56
CA LEU A 318 -19.33 14.16 -9.92
C LEU A 318 -20.68 14.77 -10.27
N ALA A 319 -21.58 13.95 -10.80
CA ALA A 319 -22.90 14.43 -11.21
C ALA A 319 -23.76 14.76 -10.00
N THR A 320 -24.48 15.89 -10.08
CA THR A 320 -25.43 16.28 -9.05
C THR A 320 -26.82 16.56 -9.65
N GLY A 321 -27.12 15.99 -10.81
CA GLY A 321 -28.41 16.18 -11.44
C GLY A 321 -28.69 15.04 -12.40
N MET A 322 -29.90 15.06 -12.96
CA MET A 322 -30.33 14.01 -13.87
C MET A 322 -29.73 14.22 -15.26
N ARG A 323 -29.95 13.26 -16.14
CA ARG A 323 -29.49 13.38 -17.52
C ARG A 323 -30.22 14.52 -18.22
N ASN A 324 -29.51 15.19 -19.11
CA ASN A 324 -30.01 16.38 -19.79
C ASN A 324 -30.47 15.98 -21.19
N VAL A 325 -31.77 16.07 -21.44
CA VAL A 325 -32.38 15.68 -22.71
C VAL A 325 -32.96 16.91 -23.36
N PRO A 326 -32.64 17.20 -24.62
CA PRO A 326 -33.20 18.38 -25.29
C PRO A 326 -34.70 18.25 -25.50
N GLU A 327 -35.37 19.40 -25.50
CA GLU A 327 -36.80 19.46 -25.75
C GLU A 327 -37.11 19.20 -27.22
N ILE A 337 -48.83 18.72 -26.36
CA ILE A 337 -47.84 18.57 -25.29
C ILE A 337 -47.36 17.11 -25.23
N ALA A 338 -46.14 16.91 -24.74
CA ALA A 338 -45.52 15.60 -24.71
C ALA A 338 -45.06 15.28 -23.28
N GLY A 339 -44.60 14.04 -23.10
CA GLY A 339 -44.16 13.56 -21.81
C GLY A 339 -42.65 13.52 -21.69
N PHE A 340 -42.18 12.65 -20.79
CA PHE A 340 -40.76 12.54 -20.49
C PHE A 340 -40.00 11.62 -21.44
N ILE A 341 -40.69 10.94 -22.35
CA ILE A 341 -40.04 9.95 -23.21
C ILE A 341 -39.19 10.68 -24.25
N GLU A 342 -37.87 10.69 -24.03
CA GLU A 342 -36.91 11.31 -24.94
C GLU A 342 -37.23 12.79 -25.18
N ASN A 343 -37.68 13.47 -24.12
CA ASN A 343 -38.04 14.88 -24.24
C ASN A 343 -37.97 15.53 -22.87
N GLY A 344 -37.23 16.64 -22.78
CA GLY A 344 -37.14 17.41 -21.56
C GLY A 344 -37.92 18.70 -21.64
N TRP A 345 -38.20 19.32 -20.50
CA TRP A 345 -39.00 20.54 -20.43
C TRP A 345 -38.09 21.70 -20.07
N GLU A 346 -37.68 22.47 -21.08
CA GLU A 346 -36.86 23.66 -20.82
C GLU A 346 -37.65 24.77 -20.16
N GLY A 347 -38.98 24.74 -20.23
CA GLY A 347 -39.79 25.79 -19.67
C GLY A 347 -40.21 25.56 -18.23
N MET A 348 -39.53 24.64 -17.55
CA MET A 348 -39.85 24.30 -16.16
C MET A 348 -38.70 24.76 -15.27
N ILE A 349 -38.97 25.75 -14.43
CA ILE A 349 -37.98 26.28 -13.50
C ILE A 349 -38.45 26.22 -12.05
N ASP A 350 -39.53 25.48 -11.76
CA ASP A 350 -40.09 25.41 -10.42
C ASP A 350 -39.79 24.11 -9.71
N GLY A 351 -39.15 23.16 -10.38
CA GLY A 351 -38.87 21.88 -9.76
C GLY A 351 -38.14 20.98 -10.72
N TRP A 352 -37.99 19.71 -10.33
CA TRP A 352 -37.32 18.72 -11.15
C TRP A 352 -38.29 17.84 -11.92
N TYR A 353 -39.37 17.39 -11.29
CA TYR A 353 -40.41 16.60 -11.93
C TYR A 353 -41.72 17.38 -11.85
N GLY A 354 -42.60 17.16 -12.84
CA GLY A 354 -43.82 17.93 -12.84
C GLY A 354 -44.87 17.40 -13.79
N PHE A 355 -46.04 18.01 -13.72
CA PHE A 355 -47.21 17.69 -14.53
C PHE A 355 -47.51 18.83 -15.49
N ARG A 356 -48.07 18.47 -16.63
CA ARG A 356 -48.67 19.42 -17.56
C ARG A 356 -50.05 18.89 -17.95
N HIS A 357 -50.99 19.79 -18.18
CA HIS A 357 -52.33 19.36 -18.57
C HIS A 357 -52.86 20.23 -19.69
N GLN A 358 -53.54 19.57 -20.63
CA GLN A 358 -54.20 20.23 -21.76
C GLN A 358 -55.69 19.99 -21.64
N ASN A 359 -56.46 21.07 -21.72
CA ASN A 359 -57.85 21.05 -21.27
C ASN A 359 -58.64 22.08 -22.09
N SER A 360 -59.94 22.16 -21.80
CA SER A 360 -60.78 23.15 -22.45
C SER A 360 -60.40 24.57 -22.04
N GLU A 361 -60.12 24.77 -20.75
CA GLU A 361 -59.68 26.09 -20.28
C GLU A 361 -58.36 26.48 -20.92
N GLY A 362 -57.45 25.54 -21.06
CA GLY A 362 -56.16 25.81 -21.67
C GLY A 362 -55.08 24.99 -21.02
N THR A 363 -53.86 25.16 -21.54
CA THR A 363 -52.71 24.44 -21.00
C THR A 363 -52.35 24.97 -19.63
N GLY A 364 -51.86 24.08 -18.77
CA GLY A 364 -51.39 24.45 -17.46
C GLY A 364 -50.23 23.56 -17.05
N GLN A 365 -49.45 24.04 -16.09
CA GLN A 365 -48.24 23.36 -15.66
C GLN A 365 -48.09 23.45 -14.15
N ALA A 366 -47.47 22.43 -13.57
CA ALA A 366 -47.21 22.41 -12.13
C ALA A 366 -46.05 21.46 -11.87
N ALA A 367 -45.52 21.52 -10.66
CA ALA A 367 -44.38 20.72 -10.26
C ALA A 367 -44.75 19.78 -9.13
N ASP A 368 -43.99 18.70 -9.00
CA ASP A 368 -44.20 17.69 -7.96
C ASP A 368 -43.11 17.87 -6.90
N LEU A 369 -43.54 18.11 -5.66
CA LEU A 369 -42.58 18.40 -4.60
C LEU A 369 -42.01 17.15 -3.96
N LYS A 370 -42.79 16.08 -3.83
CA LYS A 370 -42.35 14.91 -3.10
C LYS A 370 -41.21 14.19 -3.84
N SER A 371 -41.38 13.94 -5.14
CA SER A 371 -40.34 13.24 -5.89
C SER A 371 -39.08 14.09 -6.00
N THR A 372 -39.24 15.40 -6.21
CA THR A 372 -38.10 16.31 -6.25
C THR A 372 -37.34 16.28 -4.92
N GLN A 373 -38.07 16.31 -3.81
CA GLN A 373 -37.44 16.28 -2.49
C GLN A 373 -36.71 14.96 -2.27
N ALA A 374 -37.32 13.85 -2.66
CA ALA A 374 -36.67 12.55 -2.50
C ALA A 374 -35.37 12.49 -3.31
N ALA A 375 -35.41 12.96 -4.56
CA ALA A 375 -34.21 12.95 -5.39
C ALA A 375 -33.12 13.84 -4.79
N ILE A 376 -33.49 15.04 -4.32
CA ILE A 376 -32.50 15.95 -3.77
C ILE A 376 -31.87 15.39 -2.51
N ASP A 377 -32.69 14.84 -1.61
CA ASP A 377 -32.15 14.28 -0.37
C ASP A 377 -31.32 13.03 -0.63
N GLN A 378 -31.61 12.28 -1.70
CA GLN A 378 -30.73 11.19 -2.06
C GLN A 378 -29.39 11.71 -2.58
N ILE A 379 -29.44 12.74 -3.42
CA ILE A 379 -28.22 13.24 -4.07
C ILE A 379 -27.31 13.95 -3.06
N ASN A 380 -27.90 14.71 -2.14
CA ASN A 380 -27.12 15.51 -1.21
C ASN A 380 -26.39 14.62 -0.22
N GLY A 381 -25.10 14.88 -0.02
CA GLY A 381 -24.31 14.15 0.95
C GLY A 381 -23.92 12.75 0.55
N LYS A 382 -23.84 12.46 -0.74
CA LYS A 382 -23.53 11.11 -1.19
C LYS A 382 -22.10 10.71 -0.85
N LEU A 383 -21.14 11.59 -1.14
CA LEU A 383 -19.73 11.23 -0.99
C LEU A 383 -19.31 11.09 0.47
N ASN A 384 -20.01 11.74 1.41
CA ASN A 384 -19.67 11.61 2.81
C ASN A 384 -19.98 10.22 3.36
N ARG A 385 -20.81 9.44 2.68
CA ARG A 385 -21.17 8.12 3.19
C ARG A 385 -20.01 7.14 3.07
N VAL A 386 -19.13 7.31 2.09
CA VAL A 386 -18.06 6.38 1.82
C VAL A 386 -16.71 6.91 2.28
N ILE A 387 -16.39 8.16 1.95
CA ILE A 387 -15.07 8.72 2.20
C ILE A 387 -15.12 9.62 3.43
N GLU A 388 -14.03 9.64 4.17
CA GLU A 388 -13.92 10.40 5.41
C GLU A 388 -13.69 11.88 5.12
N LYS A 389 -13.98 12.72 6.12
CA LYS A 389 -13.94 14.16 5.92
C LYS A 389 -12.52 14.65 5.64
N THR A 390 -11.63 14.50 6.63
CA THR A 390 -10.25 14.94 6.50
C THR A 390 -9.35 14.02 7.32
N ASN A 391 -8.26 13.58 6.71
CA ASN A 391 -7.22 12.83 7.41
C ASN A 391 -6.08 13.77 7.72
N GLU A 392 -5.76 13.90 9.01
CA GLU A 392 -4.68 14.77 9.46
C GLU A 392 -3.40 13.96 9.61
N LYS A 393 -2.36 14.33 8.86
CA LYS A 393 -1.04 13.73 8.97
C LYS A 393 -0.03 14.84 9.20
N PHE A 394 0.94 14.60 10.08
CA PHE A 394 1.86 15.67 10.47
C PHE A 394 3.30 15.39 10.05
N HIS A 395 3.91 14.31 10.53
CA HIS A 395 5.31 14.02 10.22
C HIS A 395 5.36 12.71 9.43
N GLN A 396 6.03 12.76 8.28
CA GLN A 396 6.04 11.64 7.35
C GLN A 396 7.47 11.45 6.85
N ILE A 397 7.62 10.64 5.80
CA ILE A 397 8.93 10.37 5.22
C ILE A 397 9.26 11.47 4.21
N GLU A 398 10.53 11.54 3.85
CA GLU A 398 10.96 12.43 2.78
C GLU A 398 10.54 11.85 1.42
N LYS A 399 10.17 12.73 0.50
CA LYS A 399 9.67 12.32 -0.80
C LYS A 399 10.43 12.91 -1.97
N GLU A 400 11.40 13.80 -1.71
CA GLU A 400 12.28 14.33 -2.75
C GLU A 400 13.71 14.29 -2.24
N PHE A 401 14.65 13.98 -3.13
CA PHE A 401 16.04 13.77 -2.76
C PHE A 401 16.96 14.53 -3.70
N SER A 402 18.08 15.00 -3.16
CA SER A 402 19.05 15.76 -3.93
C SER A 402 20.30 14.97 -4.30
N GLU A 403 20.56 13.85 -3.61
CA GLU A 403 21.72 13.01 -3.90
C GLU A 403 21.25 11.57 -4.10
N VAL A 404 22.08 10.79 -4.78
CA VAL A 404 21.82 9.37 -5.00
C VAL A 404 22.40 8.58 -3.84
N GLU A 405 21.61 7.68 -3.29
CA GLU A 405 22.03 6.92 -2.11
C GLU A 405 21.96 5.41 -2.29
N GLY A 406 20.91 4.91 -2.96
CA GLY A 406 20.79 3.49 -3.17
C GLY A 406 19.58 2.82 -2.56
N ARG A 407 19.81 1.87 -1.66
CA ARG A 407 18.78 0.93 -1.25
C ARG A 407 17.61 1.63 -0.55
N ILE A 408 17.91 2.42 0.48
CA ILE A 408 16.86 3.03 1.29
C ILE A 408 16.05 4.03 0.47
N GLN A 409 16.72 4.83 -0.36
CA GLN A 409 16.02 5.78 -1.20
C GLN A 409 15.12 5.08 -2.20
N ASP A 410 15.60 3.97 -2.78
CA ASP A 410 14.77 3.17 -3.67
C ASP A 410 13.52 2.68 -2.96
N LEU A 411 13.67 2.20 -1.72
CA LEU A 411 12.51 1.72 -0.97
C LEU A 411 11.51 2.84 -0.69
N GLU A 412 12.00 4.02 -0.28
CA GLU A 412 11.09 5.13 0.00
C GLU A 412 10.32 5.55 -1.25
N LYS A 413 11.01 5.66 -2.40
CA LYS A 413 10.35 6.02 -3.64
C LYS A 413 9.30 4.97 -4.02
N TYR A 414 9.64 3.69 -3.87
CA TYR A 414 8.70 2.63 -4.21
C TYR A 414 7.44 2.68 -3.35
N VAL A 415 7.61 2.94 -2.05
CA VAL A 415 6.45 3.01 -1.16
C VAL A 415 5.53 4.16 -1.57
N GLU A 416 6.11 5.33 -1.83
CA GLU A 416 5.27 6.47 -2.22
C GLU A 416 4.55 6.21 -3.54
N ASP A 417 5.25 5.62 -4.51
CA ASP A 417 4.63 5.34 -5.80
C ASP A 417 3.46 4.35 -5.67
N THR A 418 3.65 3.31 -4.87
CA THR A 418 2.57 2.34 -4.66
C THR A 418 1.34 3.01 -4.04
N LYS A 419 1.56 3.84 -3.02
CA LYS A 419 0.44 4.53 -2.38
C LYS A 419 -0.33 5.40 -3.37
N VAL A 420 0.42 6.16 -4.19
CA VAL A 420 -0.23 7.08 -5.13
C VAL A 420 -1.06 6.30 -6.15
N ASP A 421 -0.51 5.22 -6.70
CA ASP A 421 -1.24 4.45 -7.70
C ASP A 421 -2.54 3.88 -7.13
N LEU A 422 -2.47 3.31 -5.92
CA LEU A 422 -3.66 2.71 -5.33
C LEU A 422 -4.74 3.77 -5.07
N TRP A 423 -4.36 4.93 -4.54
CA TRP A 423 -5.38 5.94 -4.25
C TRP A 423 -5.98 6.53 -5.53
N SER A 424 -5.18 6.68 -6.59
CA SER A 424 -5.75 7.15 -7.86
C SER A 424 -6.78 6.17 -8.41
N TYR A 425 -6.48 4.87 -8.36
CA TYR A 425 -7.46 3.88 -8.79
C TYR A 425 -8.74 3.97 -7.97
N ASN A 426 -8.60 4.11 -6.65
CA ASN A 426 -9.77 4.22 -5.78
C ASN A 426 -10.64 5.40 -6.19
N ALA A 427 -10.04 6.56 -6.42
CA ALA A 427 -10.82 7.75 -6.77
C ALA A 427 -11.57 7.56 -8.08
N GLU A 428 -10.88 7.02 -9.10
CA GLU A 428 -11.54 6.82 -10.40
C GLU A 428 -12.76 5.90 -10.26
N LEU A 429 -12.57 4.75 -9.60
CA LEU A 429 -13.67 3.81 -9.46
C LEU A 429 -14.83 4.41 -8.67
N LEU A 430 -14.53 5.14 -7.59
CA LEU A 430 -15.59 5.71 -6.77
C LEU A 430 -16.44 6.69 -7.57
N VAL A 431 -15.79 7.56 -8.36
CA VAL A 431 -16.55 8.54 -9.14
C VAL A 431 -17.44 7.83 -10.15
N ALA A 432 -16.91 6.82 -10.85
CA ALA A 432 -17.73 6.12 -11.84
C ALA A 432 -18.95 5.48 -11.20
N LEU A 433 -18.75 4.79 -10.07
CA LEU A 433 -19.86 4.11 -9.40
C LEU A 433 -20.92 5.10 -8.94
N GLU A 434 -20.50 6.21 -8.33
CA GLU A 434 -21.46 7.17 -7.80
C GLU A 434 -22.28 7.79 -8.93
N ASN A 435 -21.64 8.11 -10.06
CA ASN A 435 -22.37 8.68 -11.18
C ASN A 435 -23.41 7.69 -11.72
N GLN A 436 -23.01 6.43 -11.86
CA GLN A 436 -23.95 5.40 -12.31
C GLN A 436 -25.19 5.36 -11.42
N HIS A 437 -24.97 5.33 -10.10
CA HIS A 437 -26.12 5.21 -9.19
C HIS A 437 -26.98 6.46 -9.19
N THR A 438 -26.38 7.65 -9.35
CA THR A 438 -27.18 8.87 -9.42
C THR A 438 -28.12 8.86 -10.63
N ILE A 439 -27.58 8.49 -11.80
CA ILE A 439 -28.41 8.43 -12.99
C ILE A 439 -29.55 7.43 -12.81
N ASP A 440 -29.21 6.25 -12.26
CA ASP A 440 -30.23 5.23 -12.06
C ASP A 440 -31.34 5.72 -11.14
N LEU A 441 -30.98 6.39 -10.04
CA LEU A 441 -32.00 6.82 -9.09
C LEU A 441 -32.91 7.89 -9.69
N THR A 442 -32.36 8.83 -10.46
CA THR A 442 -33.23 9.84 -11.08
C THR A 442 -34.21 9.20 -12.06
N ASP A 443 -33.72 8.26 -12.90
CA ASP A 443 -34.61 7.59 -13.83
C ASP A 443 -35.70 6.82 -13.10
N SER A 444 -35.33 6.13 -12.02
CA SER A 444 -36.31 5.35 -11.27
C SER A 444 -37.36 6.26 -10.64
N GLU A 445 -36.96 7.43 -10.14
CA GLU A 445 -37.92 8.37 -9.59
C GLU A 445 -38.95 8.79 -10.64
N MET A 446 -38.49 9.15 -11.83
CA MET A 446 -39.42 9.54 -12.88
C MET A 446 -40.39 8.42 -13.21
N ASN A 447 -39.87 7.19 -13.35
CA ASN A 447 -40.73 6.06 -13.68
C ASN A 447 -41.75 5.79 -12.58
N LYS A 448 -41.33 5.92 -11.32
CA LYS A 448 -42.25 5.70 -10.21
C LYS A 448 -43.38 6.71 -10.23
N LEU A 449 -43.07 7.97 -10.50
CA LEU A 449 -44.14 8.98 -10.58
C LEU A 449 -45.12 8.63 -11.69
N PHE A 450 -44.61 8.25 -12.86
CA PHE A 450 -45.52 7.88 -13.95
C PHE A 450 -46.40 6.70 -13.58
N GLU A 451 -45.82 5.68 -12.94
CA GLU A 451 -46.58 4.49 -12.59
C GLU A 451 -47.65 4.81 -11.54
N LYS A 452 -47.32 5.68 -10.58
CA LYS A 452 -48.31 6.09 -9.60
C LYS A 452 -49.48 6.80 -10.27
N THR A 453 -49.18 7.72 -11.20
CA THR A 453 -50.25 8.40 -11.92
C THR A 453 -51.10 7.40 -12.70
N ARG A 454 -50.46 6.39 -13.31
CA ARG A 454 -51.22 5.35 -14.00
C ARG A 454 -52.12 4.58 -13.03
N ARG A 455 -51.61 4.31 -11.83
CA ARG A 455 -52.42 3.60 -10.84
C ARG A 455 -53.67 4.40 -10.46
N GLN A 456 -53.52 5.72 -10.31
CA GLN A 456 -54.67 6.53 -9.89
C GLN A 456 -55.80 6.47 -10.92
N LEU A 457 -55.47 6.56 -12.20
CA LEU A 457 -56.46 6.47 -13.27
C LEU A 457 -56.71 5.00 -13.55
N ARG A 458 -57.83 4.48 -13.03
CA ARG A 458 -58.04 3.03 -13.01
C ARG A 458 -58.47 2.50 -14.38
N GLU A 459 -59.61 2.98 -14.89
CA GLU A 459 -60.05 2.61 -16.23
C GLU A 459 -60.44 3.79 -17.11
N ASN A 460 -60.36 5.02 -16.60
CA ASN A 460 -60.84 6.18 -17.34
C ASN A 460 -59.77 6.83 -18.21
N ALA A 461 -58.57 6.27 -18.28
CA ALA A 461 -57.48 6.90 -19.00
C ALA A 461 -56.75 5.86 -19.85
N GLU A 462 -56.08 6.35 -20.89
CA GLU A 462 -55.31 5.52 -21.80
C GLU A 462 -53.89 6.07 -21.94
N ASP A 463 -52.92 5.16 -22.00
CA ASP A 463 -51.52 5.53 -22.15
C ASP A 463 -51.22 5.78 -23.63
N MET A 464 -50.86 7.03 -23.94
CA MET A 464 -50.57 7.39 -25.32
C MET A 464 -49.22 6.89 -25.80
N GLY A 465 -48.37 6.38 -24.91
CA GLY A 465 -47.07 5.86 -25.28
C GLY A 465 -45.98 6.89 -25.39
N ASN A 466 -46.26 8.16 -25.11
CA ASN A 466 -45.27 9.22 -25.12
C ASN A 466 -45.07 9.83 -23.73
N GLY A 467 -45.38 9.08 -22.68
CA GLY A 467 -45.38 9.63 -21.34
C GLY A 467 -46.60 10.44 -21.00
N CYS A 468 -47.68 10.31 -21.77
CA CYS A 468 -48.88 11.13 -21.60
C CYS A 468 -50.10 10.23 -21.46
N PHE A 469 -51.09 10.71 -20.72
CA PHE A 469 -52.35 10.02 -20.51
C PHE A 469 -53.48 10.80 -21.16
N LYS A 470 -54.36 10.08 -21.85
CA LYS A 470 -55.58 10.65 -22.42
C LYS A 470 -56.74 10.26 -21.52
N ILE A 471 -57.43 11.26 -20.98
CA ILE A 471 -58.57 11.05 -20.08
C ILE A 471 -59.84 11.24 -20.90
N TYR A 472 -60.70 10.22 -20.91
CA TYR A 472 -61.85 10.18 -21.80
C TYR A 472 -63.11 10.75 -21.18
N HIS A 473 -63.03 11.38 -20.03
CA HIS A 473 -64.14 12.12 -19.45
C HIS A 473 -63.74 13.58 -19.31
N LYS A 474 -64.69 14.40 -18.86
CA LYS A 474 -64.46 15.83 -18.70
C LYS A 474 -63.71 16.07 -17.39
N CYS A 475 -62.41 16.34 -17.51
CA CYS A 475 -61.53 16.56 -16.36
C CYS A 475 -61.06 18.00 -16.41
N ASP A 476 -61.68 18.85 -15.59
CA ASP A 476 -61.39 20.28 -15.57
C ASP A 476 -60.20 20.54 -14.65
N ASN A 477 -59.95 21.83 -14.35
CA ASN A 477 -58.80 22.20 -13.53
C ASN A 477 -58.89 21.60 -12.14
N ALA A 478 -60.08 21.62 -11.53
CA ALA A 478 -60.24 20.99 -10.22
C ALA A 478 -60.00 19.48 -10.30
N CYS A 479 -60.43 18.87 -11.40
CA CYS A 479 -60.16 17.45 -11.62
C CYS A 479 -58.66 17.18 -11.75
N ILE A 480 -57.94 18.06 -12.48
CA ILE A 480 -56.49 17.95 -12.57
C ILE A 480 -55.85 18.05 -11.21
N GLU A 481 -56.29 19.02 -10.39
CA GLU A 481 -55.71 19.20 -9.07
C GLU A 481 -56.00 18.00 -8.17
N SER A 482 -57.20 17.42 -8.30
CA SER A 482 -57.52 16.20 -7.55
C SER A 482 -56.59 15.07 -7.95
N ILE A 483 -56.31 14.93 -9.25
CA ILE A 483 -55.36 13.91 -9.70
C ILE A 483 -53.98 14.16 -9.12
N ARG A 484 -53.53 15.42 -9.15
CA ARG A 484 -52.18 15.74 -8.70
C ARG A 484 -52.03 15.52 -7.19
N ASN A 485 -53.05 15.87 -6.41
CA ASN A 485 -52.97 15.74 -4.97
C ASN A 485 -52.95 14.27 -4.54
N GLY A 486 -53.66 13.42 -5.26
CA GLY A 486 -53.84 12.04 -4.88
C GLY A 486 -55.21 11.70 -4.34
N THR A 487 -56.21 12.57 -4.53
CA THR A 487 -57.56 12.35 -4.03
C THR A 487 -58.55 12.07 -5.16
N TYR A 488 -58.05 11.67 -6.33
CA TYR A 488 -58.92 11.42 -7.47
C TYR A 488 -59.77 10.19 -7.24
N ASP A 489 -61.07 10.30 -7.51
CA ASP A 489 -62.02 9.22 -7.34
C ASP A 489 -62.53 8.83 -8.73
N HIS A 490 -62.21 7.61 -9.16
CA HIS A 490 -62.52 7.20 -10.52
C HIS A 490 -64.00 6.87 -10.70
N ASP A 491 -64.63 6.27 -9.67
CA ASP A 491 -66.02 5.87 -9.77
C ASP A 491 -66.91 7.01 -10.25
N ILE A 492 -66.65 8.22 -9.73
CA ILE A 492 -67.48 9.38 -10.08
C ILE A 492 -67.52 9.56 -11.59
N TYR A 493 -66.38 9.41 -12.26
CA TYR A 493 -66.30 9.57 -13.69
C TYR A 493 -66.24 8.23 -14.42
N ARG A 494 -66.58 7.13 -13.75
CA ARG A 494 -66.36 5.81 -14.33
C ARG A 494 -67.27 5.58 -15.54
N ASP A 495 -68.58 5.57 -15.33
CA ASP A 495 -69.52 5.15 -16.38
C ASP A 495 -69.33 5.97 -17.64
N GLU A 496 -69.27 7.30 -17.51
CA GLU A 496 -69.10 8.16 -18.66
C GLU A 496 -67.87 7.77 -19.47
N ALA A 497 -66.75 7.52 -18.78
CA ALA A 497 -65.53 7.14 -19.49
C ALA A 497 -65.75 5.85 -20.27
N LEU A 498 -66.44 4.88 -19.66
CA LEU A 498 -66.69 3.62 -20.35
C LEU A 498 -67.52 3.82 -21.61
N ASN A 499 -68.33 4.89 -21.66
CA ASN A 499 -69.05 5.19 -22.88
C ASN A 499 -68.15 5.84 -23.92
N ASN A 500 -67.21 6.70 -23.47
CA ASN A 500 -66.39 7.43 -24.42
C ASN A 500 -65.33 6.53 -25.04
N ARG A 501 -64.74 5.64 -24.26
CA ARG A 501 -63.64 4.81 -24.75
C ARG A 501 -64.13 3.69 -25.66
N PHE A 502 -65.28 3.09 -25.36
CA PHE A 502 -65.77 1.97 -26.14
C PHE A 502 -67.00 2.38 -26.96
N THR B 12 -56.92 -13.40 -35.84
CA THR B 12 -55.91 -13.11 -34.83
C THR B 12 -54.52 -13.44 -35.34
N ALA B 13 -53.51 -12.90 -34.68
CA ALA B 13 -52.11 -13.14 -35.00
C ALA B 13 -51.31 -13.19 -33.71
N THR B 14 -50.09 -13.70 -33.79
CA THR B 14 -49.22 -13.79 -32.61
C THR B 14 -47.92 -13.06 -32.89
N LEU B 15 -47.46 -12.29 -31.90
CA LEU B 15 -46.19 -11.57 -31.99
C LEU B 15 -45.41 -11.80 -30.71
N CYS B 16 -44.24 -12.44 -30.81
CA CYS B 16 -43.42 -12.76 -29.67
C CYS B 16 -42.08 -12.05 -29.76
N LEU B 17 -41.50 -11.76 -28.60
CA LEU B 17 -40.20 -11.11 -28.50
C LEU B 17 -39.22 -12.06 -27.81
N GLY B 18 -37.98 -12.09 -28.30
CA GLY B 18 -37.03 -13.04 -27.75
C GLY B 18 -35.60 -12.59 -27.93
N HIS B 19 -34.70 -13.37 -27.34
CA HIS B 19 -33.27 -13.09 -27.38
C HIS B 19 -32.50 -14.36 -27.72
N HIS B 20 -31.32 -14.17 -28.28
CA HIS B 20 -30.52 -15.28 -28.80
C HIS B 20 -29.89 -16.09 -27.66
N SER B 21 -29.44 -17.30 -28.01
CA SER B 21 -28.75 -18.18 -27.08
C SER B 21 -27.76 -19.03 -27.86
N VAL B 22 -26.83 -19.64 -27.12
CA VAL B 22 -25.75 -20.42 -27.75
C VAL B 22 -25.73 -21.83 -27.15
N PRO B 23 -25.27 -22.84 -27.89
CA PRO B 23 -25.29 -24.20 -27.34
C PRO B 23 -24.30 -24.43 -26.21
N ASN B 24 -23.19 -23.70 -26.18
CA ASN B 24 -22.16 -23.86 -25.15
C ASN B 24 -21.83 -22.51 -24.55
N GLY B 25 -22.28 -22.27 -23.31
CA GLY B 25 -22.01 -21.04 -22.60
C GLY B 25 -20.85 -21.19 -21.62
N THR B 26 -20.56 -20.08 -20.93
CA THR B 26 -19.45 -20.00 -20.00
C THR B 26 -19.90 -19.45 -18.67
N ILE B 27 -19.30 -19.95 -17.59
CA ILE B 27 -19.71 -19.62 -16.23
C ILE B 27 -18.89 -18.44 -15.73
N VAL B 28 -19.57 -17.47 -15.12
CA VAL B 28 -18.93 -16.32 -14.48
C VAL B 28 -19.57 -16.11 -13.11
N LYS B 29 -18.96 -15.20 -12.33
CA LYS B 29 -19.41 -14.88 -10.99
C LYS B 29 -19.75 -13.40 -10.89
N THR B 30 -20.86 -13.09 -10.22
CA THR B 30 -21.30 -11.72 -10.00
C THR B 30 -21.35 -11.43 -8.51
N ILE B 31 -21.79 -10.21 -8.17
CA ILE B 31 -21.94 -9.82 -6.77
C ILE B 31 -23.01 -10.65 -6.10
N THR B 32 -24.07 -10.98 -6.84
CA THR B 32 -25.25 -11.61 -6.27
C THR B 32 -25.29 -13.13 -6.46
N ASP B 33 -24.72 -13.66 -7.54
CA ASP B 33 -24.76 -15.08 -7.83
C ASP B 33 -23.36 -15.67 -7.84
N ASP B 34 -23.23 -16.88 -7.28
CA ASP B 34 -21.95 -17.58 -7.31
C ASP B 34 -21.59 -18.03 -8.71
N GLN B 35 -22.56 -18.53 -9.47
CA GLN B 35 -22.33 -19.02 -10.82
C GLN B 35 -23.50 -18.64 -11.71
N ILE B 36 -23.21 -17.98 -12.84
CA ILE B 36 -24.21 -17.67 -13.84
C ILE B 36 -23.60 -17.92 -15.21
N GLU B 37 -24.37 -18.54 -16.09
CA GLU B 37 -23.91 -18.91 -17.42
C GLU B 37 -24.30 -17.84 -18.43
N VAL B 38 -23.31 -17.37 -19.20
CA VAL B 38 -23.51 -16.35 -20.20
C VAL B 38 -23.05 -16.88 -21.56
N THR B 39 -23.36 -16.12 -22.60
CA THR B 39 -23.09 -16.56 -23.96
C THR B 39 -21.65 -16.32 -24.41
N ASN B 40 -20.89 -15.48 -23.71
CA ASN B 40 -19.54 -15.15 -24.14
C ASN B 40 -18.81 -14.48 -22.98
N ALA B 41 -17.51 -14.76 -22.86
CA ALA B 41 -16.68 -14.21 -21.80
C ALA B 41 -15.23 -14.14 -22.26
N THR B 42 -14.44 -13.32 -21.57
CA THR B 42 -13.03 -13.14 -21.87
C THR B 42 -12.18 -13.33 -20.62
N GLU B 43 -10.96 -13.82 -20.82
CA GLU B 43 -10.02 -14.05 -19.73
C GLU B 43 -9.19 -12.79 -19.50
N LEU B 44 -9.04 -12.40 -18.23
CA LEU B 44 -8.38 -11.15 -17.88
C LEU B 44 -6.98 -11.33 -17.31
N VAL B 45 -6.53 -12.55 -17.03
CA VAL B 45 -5.24 -12.80 -16.42
C VAL B 45 -4.35 -13.54 -17.40
N GLN B 46 -3.15 -13.02 -17.64
CA GLN B 46 -2.14 -13.68 -18.46
C GLN B 46 -1.33 -14.61 -17.57
N ASN B 47 -1.29 -15.90 -17.93
CA ASN B 47 -0.72 -16.91 -17.04
C ASN B 47 0.38 -17.74 -17.69
N SER B 48 0.95 -17.29 -18.81
CA SER B 48 1.96 -18.08 -19.49
C SER B 48 2.94 -17.18 -20.22
N SER B 49 4.10 -17.75 -20.53
CA SER B 49 5.16 -17.07 -21.26
C SER B 49 5.79 -18.04 -22.25
N THR B 50 6.33 -17.50 -23.34
CA THR B 50 7.05 -18.33 -24.31
C THR B 50 8.41 -18.78 -23.81
N GLY B 51 8.92 -18.19 -22.73
CA GLY B 51 10.21 -18.57 -22.18
C GLY B 51 11.41 -17.90 -22.81
N LYS B 52 11.21 -16.90 -23.66
CA LYS B 52 12.30 -16.18 -24.30
C LYS B 52 12.16 -14.69 -24.02
N ILE B 53 13.30 -14.00 -24.03
CA ILE B 53 13.35 -12.54 -23.87
C ILE B 53 13.57 -11.92 -25.24
N CYS B 54 12.65 -11.06 -25.64
CA CYS B 54 12.75 -10.38 -26.93
C CYS B 54 13.73 -9.23 -26.86
N ASN B 55 14.50 -9.04 -27.93
CA ASN B 55 15.54 -8.02 -27.98
C ASN B 55 15.05 -6.67 -28.49
N ASN B 56 13.75 -6.52 -28.75
CA ASN B 56 13.19 -5.25 -29.17
C ASN B 56 11.90 -5.00 -28.39
N PRO B 57 11.58 -3.73 -28.09
CA PRO B 57 12.32 -2.53 -28.46
C PRO B 57 13.40 -2.11 -27.46
N HIS B 58 13.44 -2.73 -26.29
CA HIS B 58 14.45 -2.40 -25.29
C HIS B 58 15.81 -2.97 -25.68
N LYS B 59 16.87 -2.31 -25.22
CA LYS B 59 18.23 -2.79 -25.44
C LYS B 59 18.60 -3.72 -24.30
N VAL B 60 18.70 -5.02 -24.59
CA VAL B 60 19.00 -6.04 -23.61
C VAL B 60 20.46 -6.45 -23.77
N LEU B 61 21.21 -6.45 -22.67
CA LEU B 61 22.62 -6.82 -22.67
C LEU B 61 22.80 -8.06 -21.82
N ASP B 62 23.30 -9.14 -22.44
CA ASP B 62 23.52 -10.40 -21.76
C ASP B 62 24.85 -10.37 -21.02
N GLY B 63 24.80 -10.52 -19.69
CA GLY B 63 26.02 -10.53 -18.91
C GLY B 63 26.83 -11.81 -19.02
N ARG B 64 26.21 -12.89 -19.48
CA ARG B 64 26.85 -14.19 -19.66
C ARG B 64 27.49 -14.68 -18.36
N ASP B 65 28.82 -14.75 -18.32
CA ASP B 65 29.51 -15.26 -17.14
C ASP B 65 30.07 -14.15 -16.26
N CYS B 66 29.58 -12.92 -16.40
CA CYS B 66 30.06 -11.78 -15.64
C CYS B 66 28.93 -11.09 -14.90
N THR B 67 29.19 -10.69 -13.66
CA THR B 67 28.28 -9.80 -12.95
C THR B 67 28.55 -8.35 -13.35
N LEU B 68 27.63 -7.47 -12.96
CA LEU B 68 27.80 -6.05 -13.29
C LEU B 68 28.99 -5.43 -12.57
N ILE B 69 29.19 -5.77 -11.29
CA ILE B 69 30.31 -5.22 -10.54
C ILE B 69 31.64 -5.68 -11.12
N ASP B 70 31.74 -6.96 -11.49
CA ASP B 70 32.99 -7.47 -12.06
C ASP B 70 33.30 -6.82 -13.40
N ALA B 71 32.27 -6.57 -14.21
CA ALA B 71 32.49 -5.86 -15.47
C ALA B 71 32.87 -4.41 -15.24
N MET B 72 32.32 -3.78 -14.19
CA MET B 72 32.70 -2.41 -13.86
C MET B 72 34.16 -2.34 -13.42
N LEU B 73 34.60 -3.26 -12.55
CA LEU B 73 35.95 -3.18 -12.00
C LEU B 73 37.02 -3.49 -13.05
N GLY B 74 36.72 -4.39 -13.99
CA GLY B 74 37.71 -4.75 -14.99
C GLY B 74 38.31 -6.13 -14.79
N ASP B 75 37.49 -7.08 -14.37
CA ASP B 75 37.91 -8.48 -14.32
C ASP B 75 38.33 -8.91 -15.73
N PRO B 76 39.50 -9.55 -15.88
CA PRO B 76 40.00 -9.82 -17.25
C PRO B 76 39.04 -10.57 -18.15
N HIS B 77 38.40 -11.63 -17.65
CA HIS B 77 37.46 -12.36 -18.48
C HIS B 77 36.18 -11.58 -18.76
N CYS B 78 36.03 -10.39 -18.18
CA CYS B 78 34.92 -9.48 -18.48
C CYS B 78 35.36 -8.30 -19.34
N ASP B 79 36.59 -8.34 -19.88
CA ASP B 79 37.12 -7.18 -20.60
C ASP B 79 36.27 -6.79 -21.81
N VAL B 80 35.45 -7.71 -22.33
CA VAL B 80 34.60 -7.40 -23.48
C VAL B 80 33.49 -6.41 -23.15
N PHE B 81 33.25 -6.11 -21.87
CA PHE B 81 32.14 -5.25 -21.48
C PHE B 81 32.54 -3.80 -21.30
N GLN B 82 33.72 -3.40 -21.75
CA GLN B 82 34.17 -2.03 -21.55
C GLN B 82 33.33 -1.04 -22.34
N ASP B 83 32.86 0.01 -21.66
CA ASP B 83 32.13 1.12 -22.27
C ASP B 83 30.79 0.68 -22.87
N GLU B 84 30.14 -0.31 -22.26
CA GLU B 84 28.86 -0.80 -22.77
C GLU B 84 27.70 0.07 -22.27
N LYS B 85 26.55 -0.09 -22.93
CA LYS B 85 25.32 0.60 -22.56
C LYS B 85 24.17 -0.39 -22.62
N TRP B 86 23.09 -0.10 -21.87
CA TRP B 86 21.96 -1.01 -21.82
C TRP B 86 20.72 -0.28 -21.37
N ASP B 87 19.57 -0.86 -21.70
CA ASP B 87 18.31 -0.56 -21.03
C ASP B 87 18.00 -1.55 -19.92
N LEU B 88 18.30 -2.83 -20.14
CA LEU B 88 18.18 -3.86 -19.12
C LEU B 88 19.41 -4.75 -19.16
N PHE B 89 20.06 -4.92 -18.00
CA PHE B 89 21.19 -5.81 -17.84
C PHE B 89 20.70 -7.12 -17.25
N VAL B 90 21.05 -8.24 -17.88
CA VAL B 90 20.58 -9.56 -17.48
C VAL B 90 21.76 -10.33 -16.89
N GLU B 91 21.65 -10.67 -15.60
CA GLU B 91 22.68 -11.42 -14.89
C GLU B 91 22.31 -12.89 -14.85
N ARG B 92 23.25 -13.75 -15.23
CA ARG B 92 23.04 -15.19 -15.24
C ARG B 92 23.52 -15.81 -13.94
N SER B 93 22.98 -17.00 -13.64
CA SER B 93 23.32 -17.71 -12.42
C SER B 93 24.65 -18.45 -12.51
N SER B 94 25.23 -18.57 -13.70
CA SER B 94 26.54 -19.21 -13.87
C SER B 94 27.69 -18.22 -13.86
N ALA B 95 27.44 -16.96 -13.50
CA ALA B 95 28.50 -15.96 -13.42
C ALA B 95 29.46 -16.29 -12.28
N PHE B 96 30.73 -15.94 -12.48
CA PHE B 96 31.78 -16.21 -11.51
C PHE B 96 32.83 -15.13 -11.57
N SER B 97 33.65 -15.05 -10.51
CA SER B 97 34.72 -14.08 -10.39
C SER B 97 36.07 -14.79 -10.51
N ASN B 98 37.01 -14.16 -11.19
CA ASN B 98 38.30 -14.77 -11.50
C ASN B 98 39.45 -13.79 -11.33
N CYS B 99 39.45 -13.01 -10.24
CA CYS B 99 40.48 -12.02 -10.00
C CYS B 99 40.83 -12.05 -8.51
N TYR B 100 41.49 -11.00 -8.05
CA TYR B 100 41.85 -10.91 -6.64
C TYR B 100 40.60 -10.88 -5.78
N PRO B 101 40.56 -11.64 -4.68
CA PRO B 101 39.36 -11.64 -3.83
C PRO B 101 39.08 -10.27 -3.22
N TYR B 102 37.80 -9.90 -3.19
CA TYR B 102 37.40 -8.57 -2.75
C TYR B 102 36.03 -8.64 -2.12
N ASP B 103 35.64 -7.54 -1.47
CA ASP B 103 34.29 -7.38 -0.95
C ASP B 103 33.90 -5.91 -1.06
N VAL B 104 32.59 -5.66 -1.11
CA VAL B 104 32.05 -4.32 -1.22
C VAL B 104 31.12 -4.05 -0.05
N PRO B 105 31.48 -3.16 0.88
CA PRO B 105 30.50 -2.73 1.89
C PRO B 105 29.33 -2.04 1.20
N ASP B 106 28.12 -2.45 1.56
CA ASP B 106 26.89 -2.04 0.87
C ASP B 106 26.98 -2.33 -0.63
N TYR B 107 27.12 -3.63 -0.92
CA TYR B 107 27.20 -4.10 -2.30
C TYR B 107 25.92 -3.77 -3.07
N ALA B 108 24.76 -3.94 -2.43
CA ALA B 108 23.49 -3.76 -3.12
C ALA B 108 23.31 -2.31 -3.61
N SER B 109 23.72 -1.34 -2.79
CA SER B 109 23.55 0.06 -3.17
C SER B 109 24.41 0.42 -4.39
N LEU B 110 25.66 -0.02 -4.41
CA LEU B 110 26.51 0.26 -5.57
C LEU B 110 26.00 -0.45 -6.81
N ARG B 111 25.55 -1.70 -6.67
CA ARG B 111 24.99 -2.43 -7.80
C ARG B 111 23.77 -1.70 -8.36
N SER B 112 22.87 -1.25 -7.48
CA SER B 112 21.66 -0.56 -7.92
C SER B 112 22.00 0.77 -8.59
N LEU B 113 22.96 1.51 -8.03
CA LEU B 113 23.36 2.79 -8.61
C LEU B 113 23.92 2.60 -10.01
N ILE B 114 24.85 1.65 -10.18
CA ILE B 114 25.43 1.40 -11.50
C ILE B 114 24.35 0.95 -12.48
N ALA B 115 23.47 0.04 -12.05
CA ALA B 115 22.43 -0.46 -12.94
C ALA B 115 21.48 0.66 -13.36
N SER B 116 21.15 1.56 -12.45
CA SER B 116 20.26 2.67 -12.78
C SER B 116 20.92 3.66 -13.74
N SER B 117 22.24 3.86 -13.60
CA SER B 117 22.93 4.79 -14.50
C SER B 117 22.84 4.33 -15.95
N GLY B 118 23.06 3.05 -16.21
CA GLY B 118 22.85 2.50 -17.53
C GLY B 118 24.04 2.51 -18.47
N THR B 119 25.25 2.83 -17.99
CA THR B 119 26.41 2.90 -18.86
C THR B 119 27.66 2.57 -18.07
N LEU B 120 28.72 2.19 -18.78
CA LEU B 120 30.03 1.93 -18.21
C LEU B 120 31.11 2.78 -18.87
N ASP B 121 30.75 3.98 -19.35
CA ASP B 121 31.70 4.85 -20.02
C ASP B 121 32.74 5.37 -19.03
N PHE B 122 34.01 5.14 -19.33
CA PHE B 122 35.12 5.44 -18.43
C PHE B 122 36.08 6.42 -19.10
N ILE B 123 36.52 7.42 -18.34
CA ILE B 123 37.47 8.41 -18.82
C ILE B 123 38.74 8.31 -17.98
N THR B 124 39.88 8.12 -18.66
CA THR B 124 41.16 8.02 -17.98
C THR B 124 41.70 9.40 -17.64
N GLU B 125 42.23 9.54 -16.43
CA GLU B 125 42.82 10.79 -15.97
C GLU B 125 44.28 10.56 -15.63
N SER B 126 45.07 11.63 -15.65
CA SER B 126 46.51 11.56 -15.46
C SER B 126 46.83 11.91 -14.00
N PHE B 127 46.72 10.91 -13.13
CA PHE B 127 47.18 11.04 -11.76
C PHE B 127 48.70 10.90 -11.69
N THR B 128 49.29 11.55 -10.69
CA THR B 128 50.74 11.48 -10.47
C THR B 128 50.99 10.92 -9.08
N TRP B 129 51.64 9.76 -9.02
CA TRP B 129 51.97 9.10 -7.77
C TRP B 129 53.49 9.09 -7.63
N ALA B 130 54.02 10.04 -6.88
CA ALA B 130 55.46 10.27 -6.80
C ALA B 130 56.09 9.45 -5.69
N GLY B 131 57.13 8.70 -6.02
CA GLY B 131 57.88 7.93 -5.05
C GLY B 131 57.39 6.53 -4.79
N VAL B 132 56.48 6.01 -5.61
CA VAL B 132 55.97 4.66 -5.45
C VAL B 132 56.00 3.96 -6.81
N SER B 133 55.92 2.63 -6.77
CA SER B 133 55.79 1.83 -7.98
C SER B 133 54.31 1.53 -8.25
N GLN B 134 53.97 1.44 -9.52
CA GLN B 134 52.59 1.26 -9.95
C GLN B 134 52.40 -0.08 -10.64
N ASN B 135 51.14 -0.40 -10.93
CA ASN B 135 50.75 -1.58 -11.70
C ASN B 135 51.16 -2.87 -11.00
N GLY B 136 50.79 -3.00 -9.73
CA GLY B 136 50.98 -4.25 -9.03
C GLY B 136 50.01 -5.32 -9.50
N GLY B 137 50.43 -6.57 -9.43
CA GLY B 137 49.66 -7.69 -9.95
C GLY B 137 49.65 -8.87 -9.00
N SER B 138 48.96 -9.92 -9.42
CA SER B 138 48.78 -11.11 -8.61
C SER B 138 48.59 -12.32 -9.52
N SER B 139 48.92 -13.50 -9.00
CA SER B 139 48.65 -14.73 -9.72
C SER B 139 47.20 -15.16 -9.63
N ALA B 140 46.42 -14.55 -8.74
CA ALA B 140 44.99 -14.81 -8.67
C ALA B 140 44.20 -14.11 -9.76
N CYS B 141 44.84 -13.23 -10.53
CA CYS B 141 44.18 -12.47 -11.59
C CYS B 141 45.13 -12.46 -12.79
N LYS B 142 45.01 -13.45 -13.65
CA LYS B 142 45.93 -13.63 -14.76
C LYS B 142 45.39 -12.99 -16.04
N ARG B 143 46.25 -12.27 -16.74
CA ARG B 143 45.96 -11.76 -18.09
C ARG B 143 46.92 -12.50 -19.03
N GLY B 144 46.47 -13.65 -19.51
CA GLY B 144 47.32 -14.51 -20.31
C GLY B 144 48.28 -15.31 -19.46
N PRO B 145 49.57 -15.21 -19.75
CA PRO B 145 50.56 -15.91 -18.93
C PRO B 145 51.05 -15.09 -17.74
N ALA B 146 50.91 -13.78 -17.81
CA ALA B 146 51.47 -12.89 -16.80
C ALA B 146 50.47 -12.63 -15.67
N ASN B 147 51.00 -12.19 -14.54
CA ASN B 147 50.17 -11.74 -13.43
C ASN B 147 49.53 -10.40 -13.76
N GLY B 148 48.28 -10.22 -13.37
CA GLY B 148 47.57 -9.00 -13.67
C GLY B 148 46.71 -8.48 -12.53
N PHE B 149 45.77 -7.60 -12.85
CA PHE B 149 44.93 -6.94 -11.86
C PHE B 149 43.71 -6.38 -12.58
N PHE B 150 42.79 -5.80 -11.79
CA PHE B 150 41.64 -5.11 -12.36
C PHE B 150 42.10 -3.98 -13.27
N SER B 151 41.45 -3.85 -14.42
CA SER B 151 41.91 -2.90 -15.42
C SER B 151 41.65 -1.44 -15.05
N ARG B 152 40.69 -1.18 -14.15
CA ARG B 152 40.35 0.19 -13.77
C ARG B 152 40.98 0.62 -12.45
N LEU B 153 41.83 -0.20 -11.85
CA LEU B 153 42.46 0.13 -10.58
C LEU B 153 43.96 -0.02 -10.69
N ASN B 154 44.69 0.76 -9.88
CA ASN B 154 46.15 0.80 -9.91
C ASN B 154 46.66 0.47 -8.51
N TRP B 155 47.35 -0.67 -8.39
CA TRP B 155 47.85 -1.15 -7.11
C TRP B 155 49.21 -0.51 -6.84
N LEU B 156 49.28 0.37 -5.85
CA LEU B 156 50.51 1.07 -5.52
C LEU B 156 51.30 0.31 -4.46
N THR B 157 52.62 0.41 -4.55
CA THR B 157 53.52 -0.34 -3.69
C THR B 157 54.82 0.45 -3.55
N LYS B 158 55.56 0.15 -2.47
CA LYS B 158 56.77 0.91 -2.16
C LYS B 158 57.76 0.89 -3.32
N SER B 159 58.57 1.95 -3.39
CA SER B 159 59.63 2.08 -4.39
C SER B 159 60.97 2.15 -3.68
N GLY B 160 61.85 1.20 -3.97
CA GLY B 160 63.10 1.12 -3.25
C GLY B 160 62.90 0.65 -1.83
N SER B 161 63.07 1.55 -0.87
CA SER B 161 62.85 1.23 0.54
C SER B 161 61.94 2.25 1.23
N SER B 162 61.17 3.02 0.49
CA SER B 162 60.34 4.07 1.08
C SER B 162 58.96 4.08 0.44
N TYR B 163 57.98 4.52 1.21
CA TYR B 163 56.62 4.74 0.74
C TYR B 163 56.17 6.09 1.29
N PRO B 164 56.34 7.16 0.52
CA PRO B 164 56.08 8.50 1.04
C PRO B 164 54.58 8.78 1.16
N LEU B 165 54.28 9.89 1.82
CA LEU B 165 52.90 10.34 1.95
C LEU B 165 52.42 10.93 0.64
N LEU B 166 51.25 10.49 0.18
CA LEU B 166 50.69 10.94 -1.10
C LEU B 166 49.56 11.92 -0.85
N ASN B 167 49.65 13.10 -1.46
CA ASN B 167 48.56 14.09 -1.50
C ASN B 167 48.31 14.44 -2.96
N VAL B 168 47.21 13.95 -3.53
CA VAL B 168 46.88 14.29 -4.91
C VAL B 168 45.51 14.93 -4.95
N THR B 169 45.30 15.78 -5.95
CA THR B 169 44.05 16.52 -6.11
C THR B 169 43.62 16.51 -7.57
N MET B 170 42.31 16.48 -7.77
CA MET B 170 41.71 16.49 -9.10
C MET B 170 40.42 17.31 -9.08
N PRO B 171 40.38 18.42 -9.81
CA PRO B 171 39.16 19.24 -9.85
C PRO B 171 38.18 18.80 -10.92
N ASN B 172 36.91 19.03 -10.65
CA ASN B 172 35.83 18.75 -11.60
C ASN B 172 35.49 20.06 -12.31
N ASN B 173 36.00 20.23 -13.52
CA ASN B 173 35.76 21.43 -14.31
C ASN B 173 34.75 21.21 -15.44
N TYR B 174 34.05 20.08 -15.43
CA TYR B 174 32.99 19.81 -16.39
C TYR B 174 31.66 20.28 -15.80
N ASN B 175 30.56 19.94 -16.48
CA ASN B 175 29.22 20.28 -15.99
C ASN B 175 28.39 19.04 -15.69
N PHE B 176 29.04 17.89 -15.46
CA PHE B 176 28.35 16.67 -15.07
C PHE B 176 29.08 16.05 -13.88
N ASP B 177 28.41 15.09 -13.24
CA ASP B 177 28.96 14.42 -12.07
C ASP B 177 30.01 13.39 -12.47
N LYS B 178 30.95 13.15 -11.56
CA LYS B 178 31.98 12.14 -11.73
C LYS B 178 31.84 11.07 -10.65
N LEU B 179 32.04 9.81 -11.04
CA LEU B 179 32.02 8.69 -10.10
C LEU B 179 33.41 8.06 -10.07
N TYR B 180 34.00 8.01 -8.88
CA TYR B 180 35.32 7.42 -8.67
C TYR B 180 35.17 6.14 -7.86
N ILE B 181 35.83 5.08 -8.30
CA ILE B 181 35.91 3.80 -7.60
C ILE B 181 37.33 3.60 -7.13
N TRP B 182 37.52 3.30 -5.85
CA TRP B 182 38.84 3.08 -5.28
C TRP B 182 38.77 1.96 -4.25
N GLY B 183 39.90 1.63 -3.64
CA GLY B 183 39.92 0.50 -2.72
C GLY B 183 41.05 0.56 -1.71
N VAL B 184 40.98 -0.38 -0.77
CA VAL B 184 41.95 -0.52 0.31
C VAL B 184 42.35 -1.99 0.41
N HIS B 185 43.64 -2.26 0.58
CA HIS B 185 44.15 -3.62 0.68
C HIS B 185 44.34 -4.04 2.14
N HIS B 186 43.84 -5.24 2.47
CA HIS B 186 43.99 -5.84 3.79
C HIS B 186 44.98 -6.99 3.71
N PRO B 187 46.17 -6.85 4.27
CA PRO B 187 47.17 -7.93 4.22
C PRO B 187 46.88 -9.01 5.25
N SER B 188 47.62 -10.12 5.11
CA SER B 188 47.42 -11.27 5.98
C SER B 188 48.25 -11.23 7.26
N THR B 189 49.45 -10.64 7.23
CA THR B 189 50.32 -10.59 8.40
C THR B 189 50.94 -9.21 8.53
N ASN B 190 51.52 -8.94 9.70
CA ASN B 190 52.24 -7.70 9.93
C ASN B 190 53.50 -7.62 9.07
N GLN B 191 54.17 -8.76 8.88
CA GLN B 191 55.37 -8.78 8.05
C GLN B 191 55.05 -8.43 6.61
N GLU B 192 53.95 -8.96 6.08
CA GLU B 192 53.53 -8.59 4.73
C GLU B 192 53.19 -7.11 4.65
N GLN B 193 52.54 -6.58 5.69
CA GLN B 193 52.24 -5.16 5.73
C GLN B 193 53.50 -4.33 5.62
N THR B 194 54.53 -4.63 6.42
CA THR B 194 55.76 -3.86 6.34
C THR B 194 56.51 -4.10 5.04
N ASN B 195 56.39 -5.29 4.47
CA ASN B 195 57.10 -5.59 3.22
C ASN B 195 56.53 -4.81 2.05
N LEU B 196 55.20 -4.71 1.95
CA LEU B 196 54.59 -4.00 0.83
C LEU B 196 54.56 -2.50 1.07
N TYR B 197 54.18 -2.08 2.27
CA TYR B 197 54.08 -0.67 2.63
C TYR B 197 54.92 -0.45 3.88
N VAL B 198 55.87 0.48 3.80
CA VAL B 198 56.90 0.57 4.83
C VAL B 198 56.28 0.83 6.20
N GLN B 199 55.26 1.67 6.26
CA GLN B 199 54.62 2.00 7.53
C GLN B 199 53.92 0.79 8.13
N ALA B 200 53.96 0.67 9.46
CA ALA B 200 53.37 -0.47 10.13
C ALA B 200 51.85 -0.41 10.18
N SER B 201 51.27 0.76 9.90
CA SER B 201 49.82 0.91 9.86
C SER B 201 49.48 1.94 8.79
N GLY B 202 48.82 1.49 7.72
CA GLY B 202 48.45 2.35 6.63
C GLY B 202 47.18 3.13 6.89
N ARG B 203 46.85 4.01 5.95
CA ARG B 203 45.68 4.87 6.07
C ARG B 203 45.36 5.48 4.72
N VAL B 204 44.06 5.52 4.40
CA VAL B 204 43.56 6.10 3.15
C VAL B 204 42.45 7.09 3.48
N THR B 205 42.57 8.33 2.98
CA THR B 205 41.55 9.36 3.17
C THR B 205 41.17 9.92 1.80
N VAL B 206 39.88 9.93 1.50
CA VAL B 206 39.35 10.46 0.24
C VAL B 206 38.27 11.47 0.57
N SER B 207 38.40 12.69 0.04
CA SER B 207 37.48 13.73 0.48
C SER B 207 37.17 14.72 -0.64
N THR B 208 36.00 15.35 -0.52
CA THR B 208 35.60 16.51 -1.30
C THR B 208 35.32 17.67 -0.34
N ARG B 209 34.78 18.77 -0.87
CA ARG B 209 34.43 19.90 -0.02
C ARG B 209 33.23 19.59 0.88
N ARG B 210 32.41 18.60 0.53
CA ARG B 210 31.20 18.31 1.28
C ARG B 210 31.17 16.92 1.90
N SER B 211 32.23 16.13 1.77
CA SER B 211 32.21 14.77 2.30
C SER B 211 33.64 14.29 2.51
N GLN B 212 33.77 13.23 3.31
CA GLN B 212 35.08 12.65 3.59
C GLN B 212 34.90 11.20 4.03
N GLN B 213 35.89 10.36 3.70
CA GLN B 213 35.93 8.96 4.10
C GLN B 213 37.37 8.60 4.46
N THR B 214 37.55 7.91 5.58
CA THR B 214 38.87 7.46 5.99
C THR B 214 38.81 5.97 6.36
N ILE B 215 39.77 5.20 5.86
CA ILE B 215 39.81 3.76 6.05
C ILE B 215 41.17 3.37 6.61
N VAL B 216 41.16 2.58 7.67
CA VAL B 216 42.35 1.94 8.24
C VAL B 216 42.27 0.45 7.92
N PRO B 217 43.29 -0.12 7.29
CA PRO B 217 43.22 -1.53 6.87
C PRO B 217 43.24 -2.49 8.06
N ASN B 218 42.67 -3.67 7.82
CA ASN B 218 42.64 -4.75 8.79
C ASN B 218 43.67 -5.82 8.43
N ILE B 219 44.25 -6.44 9.44
CA ILE B 219 45.30 -7.44 9.25
C ILE B 219 44.84 -8.75 9.89
N GLY B 220 45.08 -9.85 9.20
CA GLY B 220 44.74 -11.16 9.72
C GLY B 220 44.65 -12.19 8.61
N SER B 221 44.83 -13.45 9.00
CA SER B 221 44.74 -14.56 8.06
C SER B 221 43.29 -14.86 7.70
N ARG B 222 43.08 -15.21 6.44
CA ARG B 222 41.76 -15.54 5.89
C ARG B 222 41.89 -16.79 5.04
N PRO B 223 40.77 -17.47 4.77
CA PRO B 223 40.84 -18.66 3.92
C PRO B 223 41.36 -18.33 2.53
N TRP B 224 42.14 -19.25 1.98
CA TRP B 224 42.71 -19.07 0.65
C TRP B 224 41.62 -18.98 -0.41
N VAL B 225 41.70 -17.96 -1.26
CA VAL B 225 40.85 -17.84 -2.44
C VAL B 225 41.79 -17.61 -3.62
N ARG B 226 41.88 -18.60 -4.50
CA ARG B 226 42.81 -18.57 -5.63
C ARG B 226 44.24 -18.29 -5.18
N GLY B 227 44.62 -18.89 -4.05
CA GLY B 227 45.97 -18.81 -3.55
C GLY B 227 46.28 -17.67 -2.60
N GLN B 228 45.33 -16.78 -2.34
CA GLN B 228 45.59 -15.56 -1.59
C GLN B 228 44.75 -15.50 -0.32
N SER B 229 45.37 -15.05 0.78
CA SER B 229 44.66 -14.83 2.03
C SER B 229 44.39 -13.36 2.32
N GLY B 230 44.96 -12.44 1.53
CA GLY B 230 44.63 -11.04 1.68
C GLY B 230 43.34 -10.68 0.94
N ARG B 231 42.85 -9.47 1.21
CA ARG B 231 41.58 -9.04 0.61
C ARG B 231 41.69 -7.59 0.17
N ILE B 232 40.68 -7.15 -0.58
CA ILE B 232 40.54 -5.75 -0.98
C ILE B 232 39.10 -5.30 -0.74
N SER B 233 38.94 -4.09 -0.21
CA SER B 233 37.63 -3.49 0.02
C SER B 233 37.43 -2.33 -0.97
N ILE B 234 36.21 -2.22 -1.50
CA ILE B 234 35.90 -1.29 -2.58
C ILE B 234 35.00 -0.18 -2.05
N TYR B 235 35.30 1.05 -2.46
CA TYR B 235 34.55 2.25 -2.06
C TYR B 235 34.37 3.15 -3.27
N TRP B 236 33.42 4.08 -3.17
CA TRP B 236 33.10 4.99 -4.26
C TRP B 236 32.82 6.39 -3.73
N THR B 237 33.03 7.38 -4.62
CA THR B 237 32.83 8.79 -4.30
C THR B 237 32.30 9.52 -5.52
N ILE B 238 31.35 10.43 -5.30
CA ILE B 238 30.75 11.23 -6.37
C ILE B 238 31.21 12.68 -6.21
N VAL B 239 31.70 13.27 -7.31
CA VAL B 239 32.21 14.63 -7.33
C VAL B 239 31.31 15.46 -8.24
N LYS B 240 30.68 16.50 -7.68
CA LYS B 240 29.78 17.37 -8.39
C LYS B 240 30.55 18.45 -9.16
N PRO B 241 29.92 19.04 -10.18
CA PRO B 241 30.60 20.11 -10.94
C PRO B 241 31.00 21.26 -10.03
N GLY B 242 32.23 21.73 -10.22
CA GLY B 242 32.77 22.79 -9.40
C GLY B 242 33.43 22.34 -8.12
N ASP B 243 33.41 21.04 -7.81
CA ASP B 243 34.04 20.50 -6.61
C ASP B 243 35.42 19.95 -6.96
N VAL B 244 36.08 19.37 -5.95
CA VAL B 244 37.43 18.86 -6.10
C VAL B 244 37.58 17.62 -5.23
N LEU B 245 38.37 16.66 -5.71
CA LEU B 245 38.68 15.44 -4.99
C LEU B 245 40.11 15.48 -4.50
N VAL B 246 40.32 15.09 -3.25
CA VAL B 246 41.64 15.00 -2.65
C VAL B 246 41.83 13.59 -2.11
N ILE B 247 42.96 12.97 -2.45
CA ILE B 247 43.33 11.63 -1.98
C ILE B 247 44.63 11.77 -1.19
N ASN B 248 44.58 11.35 0.07
CA ASN B 248 45.71 11.46 0.99
C ASN B 248 45.95 10.10 1.62
N SER B 249 47.13 9.53 1.40
CA SER B 249 47.33 8.16 1.86
C SER B 249 48.78 7.93 2.24
N ASN B 250 48.98 7.04 3.22
CA ASN B 250 50.33 6.65 3.58
C ASN B 250 50.51 5.14 3.60
N GLY B 251 49.70 4.43 2.83
CA GLY B 251 49.83 2.99 2.67
C GLY B 251 48.49 2.34 2.34
N ASN B 252 48.57 1.22 1.62
CA ASN B 252 47.45 0.31 1.36
C ASN B 252 46.41 0.87 0.41
N LEU B 253 46.76 1.84 -0.43
CA LEU B 253 45.80 2.46 -1.35
C LEU B 253 45.74 1.72 -2.67
N ILE B 254 44.53 1.44 -3.13
CA ILE B 254 44.27 0.95 -4.49
C ILE B 254 43.69 2.13 -5.26
N ALA B 255 44.52 2.79 -6.06
CA ALA B 255 44.17 4.07 -6.64
C ALA B 255 43.23 3.92 -7.84
N PRO B 256 42.37 4.91 -8.08
CA PRO B 256 41.61 4.93 -9.32
C PRO B 256 42.49 5.38 -10.49
N ARG B 257 42.05 5.00 -11.70
CA ARG B 257 42.71 5.41 -12.93
C ARG B 257 41.95 6.48 -13.68
N GLY B 258 40.75 6.83 -13.22
CA GLY B 258 39.90 7.76 -13.93
C GLY B 258 38.54 7.81 -13.29
N PHE B 259 37.54 8.22 -14.06
CA PHE B 259 36.19 8.34 -13.52
C PHE B 259 35.16 7.75 -14.48
N PHE B 260 34.02 7.37 -13.91
CA PHE B 260 32.87 6.89 -14.66
C PHE B 260 31.85 8.02 -14.81
N LYS B 261 31.25 8.12 -16.00
CA LYS B 261 30.10 8.99 -16.17
C LYS B 261 28.88 8.37 -15.51
N ILE B 262 28.09 9.19 -14.84
CA ILE B 262 26.88 8.74 -14.16
C ILE B 262 25.70 9.54 -14.71
N ARG B 263 24.65 8.83 -15.12
CA ARG B 263 23.53 9.44 -15.81
C ARG B 263 22.24 9.12 -15.09
N THR B 264 21.20 9.89 -15.41
CA THR B 264 19.85 9.63 -14.94
C THR B 264 19.04 9.05 -16.10
N GLY B 265 18.33 7.97 -15.84
CA GLY B 265 17.56 7.35 -16.88
C GLY B 265 16.65 6.27 -16.35
N ARG B 266 16.23 5.37 -17.25
CA ARG B 266 15.27 4.33 -16.93
C ARG B 266 15.88 2.93 -17.09
N SER B 267 17.18 2.80 -16.87
CA SER B 267 17.84 1.50 -16.97
C SER B 267 17.70 0.71 -15.67
N SER B 268 17.87 -0.60 -15.77
CA SER B 268 17.72 -1.48 -14.61
C SER B 268 18.48 -2.78 -14.88
N ILE B 269 18.40 -3.70 -13.92
CA ILE B 269 19.08 -4.98 -13.97
C ILE B 269 18.11 -6.08 -13.53
N MET B 270 18.31 -7.29 -14.05
CA MET B 270 17.42 -8.41 -13.76
C MET B 270 18.21 -9.71 -13.75
N ARG B 271 17.81 -10.64 -12.87
CA ARG B 271 18.39 -11.97 -12.80
C ARG B 271 17.49 -12.95 -13.54
N SER B 272 18.04 -13.63 -14.54
CA SER B 272 17.24 -14.57 -15.32
C SER B 272 18.17 -15.52 -16.06
N ASP B 273 17.64 -16.71 -16.38
CA ASP B 273 18.32 -17.69 -17.20
C ASP B 273 17.64 -17.92 -18.53
N ALA B 274 16.61 -17.14 -18.86
CA ALA B 274 15.89 -17.33 -20.11
C ALA B 274 16.75 -16.88 -21.29
N PRO B 275 16.72 -17.60 -22.41
CA PRO B 275 17.49 -17.19 -23.58
C PRO B 275 16.89 -15.97 -24.26
N ILE B 276 17.73 -15.28 -25.03
CA ILE B 276 17.36 -14.05 -25.72
C ILE B 276 17.19 -14.36 -27.20
N GLU B 277 16.06 -13.92 -27.78
CA GLU B 277 15.71 -14.19 -29.16
C GLU B 277 15.32 -12.90 -29.86
N THR B 278 15.24 -12.97 -31.19
CA THR B 278 14.88 -11.83 -32.02
C THR B 278 13.36 -11.78 -32.16
N CYS B 279 12.73 -10.85 -31.45
CA CYS B 279 11.28 -10.65 -31.50
C CYS B 279 10.99 -9.29 -30.85
N ILE B 280 9.71 -8.93 -30.82
CA ILE B 280 9.27 -7.66 -30.28
C ILE B 280 8.31 -7.91 -29.13
N SER B 281 8.58 -7.27 -27.99
CA SER B 281 7.74 -7.39 -26.81
C SER B 281 8.06 -6.24 -25.86
N GLU B 282 7.02 -5.67 -25.26
CA GLU B 282 7.19 -4.52 -24.38
C GLU B 282 7.35 -4.90 -22.90
N CYS B 283 7.03 -6.13 -22.51
CA CYS B 283 7.06 -6.53 -21.11
C CYS B 283 7.97 -7.74 -20.94
N ILE B 284 8.97 -7.60 -20.07
CA ILE B 284 9.96 -8.63 -19.78
C ILE B 284 9.83 -9.05 -18.31
N THR B 285 9.87 -10.35 -18.06
CA THR B 285 9.91 -10.94 -16.73
C THR B 285 11.06 -11.93 -16.70
N PRO B 286 11.47 -12.36 -15.50
CA PRO B 286 12.50 -13.42 -15.43
C PRO B 286 12.10 -14.72 -16.12
N ASN B 287 10.81 -14.95 -16.33
CA ASN B 287 10.36 -16.12 -17.07
C ASN B 287 10.42 -15.94 -18.58
N GLY B 288 10.61 -14.71 -19.06
CA GLY B 288 10.58 -14.39 -20.48
C GLY B 288 9.68 -13.20 -20.74
N SER B 289 9.46 -12.92 -22.02
CA SER B 289 8.57 -11.82 -22.39
C SER B 289 7.12 -12.27 -22.33
N ILE B 290 6.24 -11.33 -22.02
CA ILE B 290 4.80 -11.63 -22.01
C ILE B 290 4.02 -10.56 -22.76
N PRO B 291 2.94 -10.93 -23.45
CA PRO B 291 2.07 -9.92 -24.06
C PRO B 291 1.34 -9.11 -23.00
N ASN B 292 1.03 -7.85 -23.34
CA ASN B 292 0.43 -6.94 -22.39
C ASN B 292 -0.97 -6.49 -22.79
N ASP B 293 -1.71 -7.31 -23.55
CA ASP B 293 -3.07 -6.95 -23.91
C ASP B 293 -4.07 -7.18 -22.77
N LYS B 294 -3.71 -8.00 -21.78
CA LYS B 294 -4.58 -8.19 -20.63
C LYS B 294 -4.19 -7.26 -19.48
N PRO B 295 -5.15 -6.87 -18.64
CA PRO B 295 -4.80 -5.93 -17.54
C PRO B 295 -4.08 -6.57 -16.37
N PHE B 296 -4.11 -7.89 -16.23
CA PHE B 296 -3.50 -8.57 -15.09
C PHE B 296 -2.64 -9.73 -15.57
N GLN B 297 -1.68 -10.11 -14.73
CA GLN B 297 -0.79 -11.22 -15.02
C GLN B 297 -0.48 -11.98 -13.73
N ASN B 298 -0.09 -13.24 -13.90
CA ASN B 298 0.19 -14.15 -12.80
C ASN B 298 1.57 -14.79 -12.92
N VAL B 299 2.40 -14.32 -13.85
CA VAL B 299 3.65 -15.01 -14.15
C VAL B 299 4.72 -14.70 -13.10
N ASN B 300 4.98 -13.42 -12.87
CA ASN B 300 6.06 -13.03 -11.96
C ASN B 300 5.83 -11.60 -11.49
N LYS B 301 6.14 -11.35 -10.22
CA LYS B 301 6.03 -10.00 -9.68
C LYS B 301 7.23 -9.12 -10.02
N ILE B 302 8.26 -9.68 -10.65
CA ILE B 302 9.40 -8.91 -11.14
C ILE B 302 9.17 -8.62 -12.62
N THR B 303 9.11 -7.35 -12.97
CA THR B 303 8.79 -6.94 -14.34
C THR B 303 9.61 -5.73 -14.75
N TYR B 304 9.74 -5.55 -16.05
CA TYR B 304 10.36 -4.36 -16.63
C TYR B 304 9.59 -3.97 -17.88
N GLY B 305 9.25 -2.69 -17.99
CA GLY B 305 8.56 -2.19 -19.18
C GLY B 305 7.08 -1.89 -18.95
N ALA B 306 6.28 -1.98 -20.01
CA ALA B 306 4.83 -1.76 -19.93
C ALA B 306 4.16 -3.10 -19.68
N CYS B 307 3.73 -3.32 -18.45
CA CYS B 307 3.34 -4.65 -18.02
C CYS B 307 1.99 -4.63 -17.33
N PRO B 308 1.25 -5.74 -17.39
CA PRO B 308 0.04 -5.87 -16.57
C PRO B 308 0.36 -5.97 -15.09
N LYS B 309 -0.61 -5.62 -14.27
CA LYS B 309 -0.44 -5.67 -12.82
C LYS B 309 -0.45 -7.12 -12.33
N TYR B 310 0.44 -7.41 -11.39
CA TYR B 310 0.54 -8.76 -10.84
C TYR B 310 -0.58 -9.01 -9.84
N VAL B 311 -1.22 -10.17 -9.95
CA VAL B 311 -2.25 -10.61 -9.01
C VAL B 311 -1.99 -12.07 -8.65
N LYS B 312 -2.68 -12.53 -7.60
CA LYS B 312 -2.53 -13.89 -7.13
C LYS B 312 -3.42 -14.89 -7.87
N GLN B 313 -4.56 -14.44 -8.41
CA GLN B 313 -5.48 -15.35 -9.07
C GLN B 313 -4.93 -15.82 -10.40
N ASN B 314 -5.22 -17.09 -10.75
CA ASN B 314 -4.77 -17.62 -12.03
C ASN B 314 -5.83 -17.50 -13.13
N THR B 315 -7.05 -17.07 -12.82
CA THR B 315 -8.06 -16.87 -13.85
C THR B 315 -9.12 -15.90 -13.34
N LEU B 316 -9.62 -15.06 -14.25
CA LEU B 316 -10.72 -14.14 -13.96
C LEU B 316 -11.49 -13.93 -15.25
N LYS B 317 -12.76 -14.31 -15.26
CA LYS B 317 -13.58 -14.26 -16.47
C LYS B 317 -14.54 -13.08 -16.42
N LEU B 318 -14.50 -12.25 -17.46
CA LEU B 318 -15.38 -11.09 -17.59
C LEU B 318 -16.44 -11.39 -18.64
N ALA B 319 -17.71 -11.19 -18.27
CA ALA B 319 -18.82 -11.50 -19.17
C ALA B 319 -18.86 -10.53 -20.33
N THR B 320 -19.15 -11.08 -21.52
CA THR B 320 -19.26 -10.30 -22.74
C THR B 320 -20.65 -10.36 -23.36
N GLY B 321 -21.45 -11.38 -23.05
CA GLY B 321 -22.80 -11.45 -23.54
C GLY B 321 -23.85 -11.56 -22.45
N MET B 322 -25.09 -11.84 -22.83
CA MET B 322 -26.19 -11.93 -21.89
C MET B 322 -26.23 -13.33 -21.26
N ARG B 323 -27.15 -13.52 -20.31
CA ARG B 323 -27.32 -14.82 -19.69
C ARG B 323 -27.82 -15.82 -20.72
N ASN B 324 -27.37 -17.08 -20.59
CA ASN B 324 -27.66 -18.13 -21.54
C ASN B 324 -28.79 -18.99 -21.00
N VAL B 325 -29.92 -18.99 -21.69
CA VAL B 325 -31.12 -19.72 -21.28
C VAL B 325 -31.43 -20.76 -22.34
N PRO B 326 -31.59 -22.03 -21.98
CA PRO B 326 -31.87 -23.06 -22.99
C PRO B 326 -33.28 -22.93 -23.56
N GLU B 327 -33.43 -23.41 -24.79
CA GLU B 327 -34.74 -23.44 -25.44
C GLU B 327 -35.48 -24.72 -25.09
N LYS B 328 -36.65 -24.58 -24.48
CA LYS B 328 -37.46 -25.73 -24.11
C LYS B 328 -38.12 -26.35 -25.34
N ALA B 336 -46.75 -23.52 -31.51
CA ALA B 336 -46.88 -22.63 -30.36
C ALA B 336 -45.55 -21.94 -30.03
N ILE B 337 -45.33 -20.77 -30.62
CA ILE B 337 -44.11 -20.02 -30.37
C ILE B 337 -44.18 -19.36 -28.99
N ALA B 338 -43.01 -19.07 -28.43
CA ALA B 338 -42.89 -18.54 -27.09
C ALA B 338 -42.05 -17.27 -27.10
N GLY B 339 -42.05 -16.57 -25.98
CA GLY B 339 -41.33 -15.33 -25.79
C GLY B 339 -40.01 -15.53 -25.07
N PHE B 340 -39.56 -14.47 -24.39
CA PHE B 340 -38.28 -14.47 -23.71
C PHE B 340 -38.37 -14.96 -22.26
N ILE B 341 -39.56 -15.26 -21.77
CA ILE B 341 -39.71 -15.63 -20.36
C ILE B 341 -39.19 -17.04 -20.15
N GLU B 342 -38.00 -17.15 -19.56
CA GLU B 342 -37.35 -18.43 -19.25
C GLU B 342 -37.21 -19.30 -20.50
N ASN B 343 -36.90 -18.66 -21.63
CA ASN B 343 -36.77 -19.39 -22.89
C ASN B 343 -35.90 -18.57 -23.84
N GLY B 344 -34.87 -19.20 -24.39
CA GLY B 344 -34.02 -18.56 -25.37
C GLY B 344 -34.24 -19.10 -26.76
N TRP B 345 -33.77 -18.39 -27.77
CA TRP B 345 -33.98 -18.78 -29.17
C TRP B 345 -32.65 -19.26 -29.74
N GLU B 346 -32.45 -20.57 -29.75
CA GLU B 346 -31.26 -21.14 -30.37
C GLU B 346 -31.24 -20.97 -31.88
N GLY B 347 -32.40 -20.71 -32.50
CA GLY B 347 -32.47 -20.61 -33.93
C GLY B 347 -32.28 -19.20 -34.46
N MET B 348 -31.74 -18.31 -33.64
CA MET B 348 -31.50 -16.92 -34.02
C MET B 348 -30.00 -16.68 -34.12
N ILE B 349 -29.55 -16.31 -35.32
CA ILE B 349 -28.14 -16.00 -35.57
C ILE B 349 -27.94 -14.64 -36.23
N ASP B 350 -28.98 -13.81 -36.29
CA ASP B 350 -28.91 -12.53 -36.98
C ASP B 350 -28.80 -11.34 -36.03
N GLY B 351 -28.87 -11.57 -34.73
CA GLY B 351 -28.81 -10.47 -33.78
C GLY B 351 -28.94 -10.99 -32.37
N TRP B 352 -29.09 -10.05 -31.43
CA TRP B 352 -29.23 -10.40 -30.02
C TRP B 352 -30.69 -10.39 -29.56
N TYR B 353 -31.48 -9.42 -30.01
CA TYR B 353 -32.90 -9.34 -29.69
C TYR B 353 -33.69 -9.38 -30.99
N GLY B 354 -34.89 -9.94 -30.94
CA GLY B 354 -35.66 -10.06 -32.16
C GLY B 354 -37.12 -10.35 -31.93
N PHE B 355 -37.86 -10.31 -33.04
CA PHE B 355 -39.29 -10.56 -33.11
C PHE B 355 -39.56 -11.86 -33.85
N ARG B 356 -40.65 -12.51 -33.49
CA ARG B 356 -41.21 -13.62 -34.24
C ARG B 356 -42.71 -13.38 -34.39
N HIS B 357 -43.27 -13.80 -35.51
CA HIS B 357 -44.70 -13.63 -35.74
C HIS B 357 -45.30 -14.90 -36.30
N GLN B 358 -46.51 -15.21 -35.83
CA GLN B 358 -47.29 -16.36 -36.28
C GLN B 358 -48.57 -15.84 -36.90
N ASN B 359 -48.86 -16.29 -38.12
CA ASN B 359 -49.86 -15.63 -38.95
C ASN B 359 -50.47 -16.66 -39.89
N SER B 360 -51.45 -16.21 -40.69
CA SER B 360 -52.06 -17.08 -41.69
C SER B 360 -51.05 -17.48 -42.76
N GLU B 361 -50.20 -16.55 -43.18
CA GLU B 361 -49.17 -16.88 -44.16
C GLU B 361 -48.18 -17.89 -43.59
N GLY B 362 -47.83 -17.74 -42.34
CA GLY B 362 -46.92 -18.67 -41.69
C GLY B 362 -46.05 -17.93 -40.68
N THR B 363 -45.18 -18.71 -40.05
CA THR B 363 -44.24 -18.15 -39.08
C THR B 363 -43.16 -17.34 -39.79
N GLY B 364 -42.69 -16.30 -39.10
CA GLY B 364 -41.62 -15.47 -39.60
C GLY B 364 -40.80 -14.94 -38.45
N GLN B 365 -39.56 -14.55 -38.76
CA GLN B 365 -38.62 -14.13 -37.73
C GLN B 365 -37.81 -12.94 -38.23
N ALA B 366 -37.41 -12.07 -37.31
CA ALA B 366 -36.58 -10.93 -37.65
C ALA B 366 -35.84 -10.48 -36.39
N ALA B 367 -34.87 -9.60 -36.57
CA ALA B 367 -34.03 -9.13 -35.49
C ALA B 367 -34.18 -7.63 -35.32
N ASP B 368 -33.87 -7.16 -34.11
CA ASP B 368 -33.93 -5.75 -33.77
C ASP B 368 -32.51 -5.19 -33.73
N LEU B 369 -32.25 -4.17 -34.54
CA LEU B 369 -30.90 -3.65 -34.67
C LEU B 369 -30.58 -2.60 -33.61
N LYS B 370 -31.56 -1.78 -33.22
CA LYS B 370 -31.30 -0.69 -32.31
C LYS B 370 -30.93 -1.18 -30.91
N SER B 371 -31.72 -2.11 -30.37
CA SER B 371 -31.43 -2.61 -29.02
C SER B 371 -30.14 -3.42 -29.00
N THR B 372 -29.90 -4.22 -30.04
CA THR B 372 -28.64 -4.96 -30.15
C THR B 372 -27.46 -4.00 -30.18
N GLN B 373 -27.56 -2.93 -30.97
CA GLN B 373 -26.48 -1.96 -31.05
C GLN B 373 -26.25 -1.28 -29.72
N ALA B 374 -27.33 -0.91 -29.02
CA ALA B 374 -27.19 -0.27 -27.72
C ALA B 374 -26.47 -1.20 -26.73
N ALA B 375 -26.89 -2.47 -26.69
CA ALA B 375 -26.27 -3.41 -25.77
C ALA B 375 -24.79 -3.61 -26.10
N ILE B 376 -24.46 -3.77 -27.38
CA ILE B 376 -23.07 -4.01 -27.75
C ILE B 376 -22.22 -2.78 -27.45
N ASP B 377 -22.72 -1.58 -27.77
CA ASP B 377 -21.96 -0.37 -27.49
C ASP B 377 -21.79 -0.13 -25.99
N GLN B 378 -22.73 -0.59 -25.17
CA GLN B 378 -22.52 -0.50 -23.73
C GLN B 378 -21.48 -1.52 -23.27
N ILE B 379 -21.50 -2.72 -23.83
CA ILE B 379 -20.59 -3.77 -23.39
C ILE B 379 -19.15 -3.47 -23.84
N ASN B 380 -18.99 -2.93 -25.05
CA ASN B 380 -17.65 -2.71 -25.59
C ASN B 380 -16.93 -1.60 -24.84
N GLY B 381 -15.67 -1.84 -24.51
CA GLY B 381 -14.84 -0.83 -23.87
C GLY B 381 -15.18 -0.53 -22.43
N LYS B 382 -15.83 -1.45 -21.73
CA LYS B 382 -16.26 -1.17 -20.37
C LYS B 382 -15.09 -1.08 -19.40
N LEU B 383 -14.12 -1.99 -19.52
CA LEU B 383 -13.02 -2.04 -18.56
C LEU B 383 -12.06 -0.86 -18.71
N ASN B 384 -11.98 -0.26 -19.90
CA ASN B 384 -11.12 0.89 -20.09
C ASN B 384 -11.61 2.13 -19.36
N ARG B 385 -12.87 2.13 -18.91
CA ARG B 385 -13.40 3.31 -18.23
C ARG B 385 -12.84 3.46 -16.83
N VAL B 386 -12.43 2.36 -16.20
CA VAL B 386 -12.01 2.36 -14.81
C VAL B 386 -10.50 2.18 -14.68
N ILE B 387 -9.94 1.20 -15.38
CA ILE B 387 -8.54 0.84 -15.23
C ILE B 387 -7.72 1.43 -16.37
N GLU B 388 -6.51 1.84 -16.07
CA GLU B 388 -5.61 2.46 -17.03
C GLU B 388 -5.03 1.41 -17.97
N LYS B 389 -4.60 1.88 -19.15
CA LYS B 389 -4.17 0.95 -20.20
C LYS B 389 -2.90 0.21 -19.80
N THR B 390 -1.79 0.94 -19.63
CA THR B 390 -0.51 0.35 -19.29
C THR B 390 0.27 1.29 -18.39
N ASN B 391 0.76 0.77 -17.27
CA ASN B 391 1.64 1.51 -16.37
C ASN B 391 3.06 1.04 -16.62
N GLU B 392 3.94 1.97 -16.96
CA GLU B 392 5.34 1.65 -17.25
C GLU B 392 6.19 1.90 -16.00
N LYS B 393 6.86 0.86 -15.54
CA LYS B 393 7.80 0.94 -14.42
C LYS B 393 9.15 0.38 -14.87
N PHE B 394 10.23 1.03 -14.46
CA PHE B 394 11.55 0.66 -14.95
C PHE B 394 12.47 0.12 -13.87
N HIS B 395 12.78 0.90 -12.83
CA HIS B 395 13.68 0.46 -11.78
C HIS B 395 12.93 0.45 -10.47
N GLN B 396 13.02 -0.68 -9.77
CA GLN B 396 12.24 -0.91 -8.56
C GLN B 396 13.16 -1.52 -7.49
N ILE B 397 12.55 -2.02 -6.42
CA ILE B 397 13.29 -2.67 -5.35
C ILE B 397 13.56 -4.12 -5.72
N GLU B 398 14.47 -4.76 -4.99
CA GLU B 398 14.68 -6.19 -5.13
C GLU B 398 13.55 -6.95 -4.45
N LYS B 399 13.20 -8.10 -5.03
CA LYS B 399 12.08 -8.89 -4.53
C LYS B 399 12.42 -10.35 -4.24
N GLU B 400 13.64 -10.80 -4.54
CA GLU B 400 14.10 -12.13 -4.18
C GLU B 400 15.50 -12.00 -3.59
N PHE B 401 15.78 -12.78 -2.55
CA PHE B 401 17.02 -12.65 -1.80
C PHE B 401 17.67 -14.02 -1.62
N SER B 402 19.01 -14.02 -1.62
CA SER B 402 19.77 -15.26 -1.46
C SER B 402 20.35 -15.44 -0.07
N GLU B 403 20.50 -14.36 0.70
CA GLU B 403 21.03 -14.44 2.05
C GLU B 403 20.05 -13.79 3.03
N VAL B 404 20.15 -14.19 4.29
CA VAL B 404 19.33 -13.62 5.35
C VAL B 404 20.04 -12.40 5.90
N GLU B 405 19.31 -11.29 6.02
CA GLU B 405 19.89 -10.03 6.47
C GLU B 405 19.19 -9.43 7.67
N GLY B 406 17.86 -9.46 7.72
CA GLY B 406 17.15 -8.93 8.85
C GLY B 406 16.17 -7.80 8.55
N ARG B 407 16.43 -6.63 9.13
CA ARG B 407 15.42 -5.58 9.22
C ARG B 407 15.00 -5.06 7.85
N ILE B 408 15.97 -4.68 7.02
CA ILE B 408 15.65 -4.08 5.72
C ILE B 408 14.98 -5.09 4.80
N GLN B 409 15.47 -6.33 4.79
CA GLN B 409 14.84 -7.39 3.99
C GLN B 409 13.41 -7.65 4.44
N ASP B 410 13.19 -7.68 5.77
CA ASP B 410 11.85 -7.85 6.28
C ASP B 410 10.92 -6.74 5.78
N LEU B 411 11.39 -5.49 5.82
CA LEU B 411 10.57 -4.39 5.36
C LEU B 411 10.25 -4.49 3.87
N GLU B 412 11.25 -4.86 3.05
CA GLU B 412 11.02 -4.98 1.61
C GLU B 412 9.99 -6.07 1.31
N LYS B 413 10.13 -7.22 1.95
CA LYS B 413 9.16 -8.30 1.75
C LYS B 413 7.77 -7.88 2.18
N TYR B 414 7.66 -7.19 3.32
CA TYR B 414 6.35 -6.75 3.81
C TYR B 414 5.69 -5.78 2.85
N VAL B 415 6.46 -4.83 2.30
CA VAL B 415 5.91 -3.87 1.35
C VAL B 415 5.37 -4.57 0.11
N GLU B 416 6.16 -5.50 -0.44
CA GLU B 416 5.70 -6.21 -1.64
C GLU B 416 4.45 -7.04 -1.36
N ASP B 417 4.40 -7.71 -0.21
CA ASP B 417 3.22 -8.51 0.13
C ASP B 417 1.97 -7.65 0.26
N THR B 418 2.10 -6.49 0.91
CA THR B 418 0.96 -5.58 1.06
C THR B 418 0.43 -5.15 -0.30
N LYS B 419 1.34 -4.76 -1.20
CA LYS B 419 0.91 -4.30 -2.52
C LYS B 419 0.18 -5.41 -3.29
N VAL B 420 0.73 -6.63 -3.26
CA VAL B 420 0.12 -7.73 -4.00
C VAL B 420 -1.29 -8.01 -3.47
N ASP B 421 -1.44 -8.06 -2.15
CA ASP B 421 -2.76 -8.35 -1.58
C ASP B 421 -3.79 -7.30 -1.98
N LEU B 422 -3.42 -6.01 -1.89
CA LEU B 422 -4.38 -4.97 -2.22
C LEU B 422 -4.79 -5.03 -3.70
N TRP B 423 -3.84 -5.27 -4.61
CA TRP B 423 -4.22 -5.32 -6.02
C TRP B 423 -5.05 -6.56 -6.35
N SER B 424 -4.80 -7.69 -5.70
CA SER B 424 -5.64 -8.87 -5.92
C SER B 424 -7.07 -8.61 -5.49
N TYR B 425 -7.26 -7.96 -4.33
CA TYR B 425 -8.61 -7.62 -3.90
C TYR B 425 -9.30 -6.68 -4.90
N ASN B 426 -8.55 -5.70 -5.40
CA ASN B 426 -9.12 -4.77 -6.38
C ASN B 426 -9.61 -5.51 -7.62
N ALA B 427 -8.80 -6.42 -8.15
CA ALA B 427 -9.17 -7.15 -9.36
C ALA B 427 -10.43 -7.99 -9.15
N GLU B 428 -10.49 -8.72 -8.02
CA GLU B 428 -11.66 -9.54 -7.73
C GLU B 428 -12.93 -8.70 -7.67
N LEU B 429 -12.90 -7.61 -6.90
CA LEU B 429 -14.10 -6.79 -6.74
C LEU B 429 -14.52 -6.18 -8.07
N LEU B 430 -13.56 -5.70 -8.86
CA LEU B 430 -13.90 -5.08 -10.14
C LEU B 430 -14.59 -6.06 -11.08
N VAL B 431 -14.06 -7.29 -11.16
CA VAL B 431 -14.69 -8.27 -12.05
C VAL B 431 -16.12 -8.55 -11.62
N ALA B 432 -16.34 -8.74 -10.30
CA ALA B 432 -17.68 -9.05 -9.84
C ALA B 432 -18.66 -7.92 -10.16
N LEU B 433 -18.25 -6.68 -9.89
CA LEU B 433 -19.12 -5.53 -10.16
C LEU B 433 -19.46 -5.41 -11.63
N GLU B 434 -18.45 -5.56 -12.50
CA GLU B 434 -18.69 -5.41 -13.93
C GLU B 434 -19.63 -6.48 -14.45
N ASN B 435 -19.46 -7.73 -14.00
CA ASN B 435 -20.37 -8.78 -14.43
C ASN B 435 -21.81 -8.51 -14.00
N GLN B 436 -21.98 -8.05 -12.75
CA GLN B 436 -23.33 -7.72 -12.27
C GLN B 436 -23.98 -6.67 -13.16
N HIS B 437 -23.25 -5.61 -13.48
CA HIS B 437 -23.85 -4.54 -14.28
C HIS B 437 -24.12 -4.99 -15.72
N THR B 438 -23.28 -5.86 -16.28
CA THR B 438 -23.54 -6.37 -17.63
C THR B 438 -24.85 -7.16 -17.67
N ILE B 439 -25.04 -8.07 -16.71
CA ILE B 439 -26.28 -8.85 -16.68
C ILE B 439 -27.49 -7.93 -16.53
N ASP B 440 -27.38 -6.94 -15.63
CA ASP B 440 -28.49 -6.02 -15.42
C ASP B 440 -28.84 -5.25 -16.69
N LEU B 441 -27.82 -4.77 -17.42
CA LEU B 441 -28.10 -3.98 -18.61
C LEU B 441 -28.76 -4.81 -19.70
N THR B 442 -28.30 -6.06 -19.89
CA THR B 442 -28.94 -6.88 -20.92
C THR B 442 -30.40 -7.17 -20.58
N ASP B 443 -30.68 -7.50 -19.31
CA ASP B 443 -32.06 -7.75 -18.91
C ASP B 443 -32.93 -6.51 -19.10
N SER B 444 -32.41 -5.33 -18.72
CA SER B 444 -33.17 -4.10 -18.86
C SER B 444 -33.46 -3.80 -20.32
N GLU B 445 -32.49 -4.06 -21.22
CA GLU B 445 -32.72 -3.84 -22.64
C GLU B 445 -33.88 -4.70 -23.15
N MET B 446 -33.87 -5.98 -22.80
CA MET B 446 -34.96 -6.86 -23.25
C MET B 446 -36.31 -6.37 -22.74
N ASN B 447 -36.37 -6.00 -21.46
CA ASN B 447 -37.63 -5.54 -20.87
C ASN B 447 -38.10 -4.25 -21.53
N LYS B 448 -37.17 -3.34 -21.83
CA LYS B 448 -37.54 -2.08 -22.47
C LYS B 448 -38.13 -2.33 -23.87
N LEU B 449 -37.53 -3.24 -24.63
CA LEU B 449 -38.08 -3.54 -25.94
C LEU B 449 -39.50 -4.11 -25.81
N PHE B 450 -39.72 -5.02 -24.85
CA PHE B 450 -41.06 -5.56 -24.67
C PHE B 450 -42.05 -4.47 -24.29
N GLU B 451 -41.66 -3.56 -23.41
CA GLU B 451 -42.57 -2.49 -22.99
C GLU B 451 -42.89 -1.54 -24.14
N LYS B 452 -41.90 -1.23 -24.97
CA LYS B 452 -42.16 -0.39 -26.14
C LYS B 452 -43.16 -1.05 -27.07
N THR B 453 -42.98 -2.36 -27.32
CA THR B 453 -43.94 -3.07 -28.16
C THR B 453 -45.33 -3.05 -27.56
N ARG B 454 -45.42 -3.21 -26.23
CA ARG B 454 -46.72 -3.12 -25.57
C ARG B 454 -47.33 -1.74 -25.74
N ARG B 455 -46.52 -0.69 -25.65
CA ARG B 455 -47.04 0.66 -25.84
C ARG B 455 -47.61 0.85 -27.23
N GLN B 456 -46.95 0.29 -28.25
CA GLN B 456 -47.45 0.46 -29.62
C GLN B 456 -48.84 -0.16 -29.78
N LEU B 457 -49.04 -1.36 -29.23
CA LEU B 457 -50.36 -2.01 -29.27
C LEU B 457 -51.15 -1.54 -28.06
N ARG B 458 -51.92 -0.47 -28.23
CA ARG B 458 -52.54 0.20 -27.09
C ARG B 458 -53.68 -0.63 -26.51
N GLU B 459 -54.72 -0.87 -27.30
CA GLU B 459 -55.84 -1.70 -26.87
C GLU B 459 -56.18 -2.80 -27.86
N ASN B 460 -55.33 -3.04 -28.84
CA ASN B 460 -55.64 -3.98 -29.92
C ASN B 460 -55.12 -5.39 -29.66
N ALA B 461 -54.42 -5.62 -28.55
CA ALA B 461 -53.75 -6.89 -28.32
C ALA B 461 -53.77 -7.24 -26.85
N GLU B 462 -53.53 -8.51 -26.55
CA GLU B 462 -53.51 -9.02 -25.19
C GLU B 462 -52.21 -9.79 -24.92
N ASP B 463 -51.64 -9.58 -23.75
CA ASP B 463 -50.39 -10.23 -23.37
C ASP B 463 -50.70 -11.61 -22.80
N MET B 464 -50.11 -12.65 -23.39
CA MET B 464 -50.30 -14.01 -22.89
C MET B 464 -49.54 -14.29 -21.60
N GLY B 465 -48.63 -13.39 -21.20
CA GLY B 465 -47.87 -13.59 -19.98
C GLY B 465 -46.62 -14.42 -20.12
N ASN B 466 -46.30 -14.89 -21.33
CA ASN B 466 -45.06 -15.61 -21.59
C ASN B 466 -44.14 -14.82 -22.53
N GLY B 467 -44.27 -13.50 -22.52
CA GLY B 467 -43.52 -12.66 -23.43
C GLY B 467 -44.11 -12.53 -24.81
N CYS B 468 -45.36 -12.94 -25.01
CA CYS B 468 -45.99 -12.97 -26.32
C CYS B 468 -47.30 -12.20 -26.29
N PHE B 469 -47.54 -11.40 -27.32
CA PHE B 469 -48.79 -10.70 -27.53
C PHE B 469 -49.62 -11.47 -28.57
N LYS B 470 -50.94 -11.44 -28.41
CA LYS B 470 -51.84 -11.91 -29.43
C LYS B 470 -52.74 -10.76 -29.87
N ILE B 471 -52.82 -10.54 -31.18
CA ILE B 471 -53.51 -9.42 -31.77
C ILE B 471 -54.85 -9.93 -32.30
N TYR B 472 -55.94 -9.31 -31.83
CA TYR B 472 -57.28 -9.77 -32.11
C TYR B 472 -57.70 -9.56 -33.55
N HIS B 473 -57.10 -8.60 -34.25
CA HIS B 473 -57.45 -8.26 -35.62
C HIS B 473 -56.57 -9.03 -36.60
N LYS B 474 -56.83 -8.82 -37.89
CA LYS B 474 -56.05 -9.47 -38.95
C LYS B 474 -54.81 -8.62 -39.21
N CYS B 475 -53.67 -9.10 -38.72
CA CYS B 475 -52.39 -8.41 -38.84
C CYS B 475 -51.50 -9.27 -39.74
N ASP B 476 -51.36 -8.85 -40.99
CA ASP B 476 -50.61 -9.62 -41.98
C ASP B 476 -49.14 -9.24 -41.91
N ASN B 477 -48.36 -9.68 -42.92
CA ASN B 477 -46.92 -9.45 -42.89
C ASN B 477 -46.59 -7.96 -42.92
N ALA B 478 -47.29 -7.19 -43.75
CA ALA B 478 -47.08 -5.75 -43.77
C ALA B 478 -47.46 -5.12 -42.44
N CYS B 479 -48.51 -5.64 -41.80
CA CYS B 479 -48.89 -5.18 -40.47
C CYS B 479 -47.79 -5.48 -39.45
N ILE B 480 -47.21 -6.68 -39.52
CA ILE B 480 -46.08 -7.03 -38.66
C ILE B 480 -44.92 -6.06 -38.86
N GLU B 481 -44.60 -5.78 -40.12
CA GLU B 481 -43.49 -4.88 -40.42
C GLU B 481 -43.77 -3.47 -39.92
N SER B 482 -45.02 -3.02 -40.03
CA SER B 482 -45.39 -1.72 -39.50
C SER B 482 -45.22 -1.69 -37.98
N ILE B 483 -45.59 -2.76 -37.29
CA ILE B 483 -45.38 -2.84 -35.85
C ILE B 483 -43.88 -2.77 -35.53
N ARG B 484 -43.07 -3.53 -36.27
CA ARG B 484 -41.64 -3.62 -35.99
C ARG B 484 -40.95 -2.28 -36.23
N ASN B 485 -41.32 -1.58 -37.30
CA ASN B 485 -40.69 -0.30 -37.62
C ASN B 485 -41.02 0.75 -36.58
N GLY B 486 -42.25 0.76 -36.08
CA GLY B 486 -42.74 1.80 -35.20
C GLY B 486 -43.77 2.71 -35.83
N THR B 487 -44.38 2.33 -36.94
CA THR B 487 -45.38 3.14 -37.64
C THR B 487 -46.77 2.52 -37.55
N TYR B 488 -46.99 1.63 -36.59
CA TYR B 488 -48.28 0.97 -36.45
C TYR B 488 -49.34 1.96 -35.95
N ASP B 489 -50.46 2.02 -36.65
CA ASP B 489 -51.56 2.91 -36.30
C ASP B 489 -52.72 2.06 -35.78
N HIS B 490 -53.06 2.22 -34.50
CA HIS B 490 -54.05 1.36 -33.88
C HIS B 490 -55.48 1.73 -34.30
N ASP B 491 -55.76 3.02 -34.49
CA ASP B 491 -57.11 3.46 -34.85
C ASP B 491 -57.64 2.70 -36.06
N ILE B 492 -56.79 2.47 -37.06
CA ILE B 492 -57.21 1.80 -38.29
C ILE B 492 -57.82 0.44 -37.97
N TYR B 493 -57.24 -0.28 -37.02
CA TYR B 493 -57.74 -1.59 -36.64
C TYR B 493 -58.46 -1.58 -35.30
N ARG B 494 -58.83 -0.39 -34.81
CA ARG B 494 -59.36 -0.30 -33.45
C ARG B 494 -60.71 -1.03 -33.33
N ASP B 495 -61.72 -0.53 -34.04
CA ASP B 495 -63.09 -1.00 -33.82
C ASP B 495 -63.20 -2.51 -33.99
N GLU B 496 -62.60 -3.04 -35.06
CA GLU B 496 -62.64 -4.48 -35.30
C GLU B 496 -62.14 -5.26 -34.09
N ALA B 497 -60.98 -4.86 -33.55
CA ALA B 497 -60.45 -5.57 -32.39
C ALA B 497 -61.38 -5.42 -31.19
N LEU B 498 -62.01 -4.25 -31.06
CA LEU B 498 -62.94 -4.04 -29.96
C LEU B 498 -64.17 -4.94 -30.07
N ASN B 499 -64.40 -5.56 -31.23
CA ASN B 499 -65.44 -6.58 -31.33
C ASN B 499 -64.90 -7.98 -31.06
N ASN B 500 -63.62 -8.23 -31.37
CA ASN B 500 -63.05 -9.55 -31.15
C ASN B 500 -62.75 -9.77 -29.68
N ARG B 501 -62.32 -8.74 -28.97
CA ARG B 501 -61.93 -8.89 -27.57
C ARG B 501 -63.15 -9.06 -26.67
N PHE B 502 -64.20 -8.28 -26.90
CA PHE B 502 -65.37 -8.32 -26.03
C PHE B 502 -66.56 -8.93 -26.75
N THR C 12 -67.44 -10.94 -6.34
CA THR C 12 -66.07 -10.42 -6.37
C THR C 12 -65.21 -11.08 -5.30
N ALA C 13 -63.91 -10.77 -5.33
CA ALA C 13 -62.96 -11.29 -4.35
C ALA C 13 -61.76 -10.36 -4.31
N THR C 14 -60.97 -10.47 -3.24
CA THR C 14 -59.77 -9.66 -3.09
C THR C 14 -58.55 -10.55 -2.94
N LEU C 15 -57.49 -10.22 -3.66
CA LEU C 15 -56.22 -10.96 -3.59
C LEU C 15 -55.08 -9.96 -3.44
N CYS C 16 -54.46 -9.95 -2.28
CA CYS C 16 -53.41 -8.99 -1.97
C CYS C 16 -52.07 -9.71 -1.81
N LEU C 17 -51.00 -8.99 -2.13
CA LEU C 17 -49.64 -9.52 -2.02
C LEU C 17 -48.86 -8.71 -1.00
N GLY C 18 -48.01 -9.37 -0.22
CA GLY C 18 -47.32 -8.65 0.83
C GLY C 18 -46.04 -9.34 1.27
N HIS C 19 -45.32 -8.64 2.15
CA HIS C 19 -44.04 -9.11 2.68
C HIS C 19 -44.01 -8.91 4.19
N HIS C 20 -43.18 -9.71 4.85
CA HIS C 20 -43.15 -9.77 6.30
C HIS C 20 -42.40 -8.58 6.89
N SER C 21 -42.59 -8.37 8.19
CA SER C 21 -41.91 -7.31 8.93
C SER C 21 -41.71 -7.77 10.37
N VAL C 22 -40.84 -7.08 11.09
CA VAL C 22 -40.50 -7.45 12.46
C VAL C 22 -40.69 -6.24 13.37
N PRO C 23 -40.99 -6.44 14.67
CA PRO C 23 -41.23 -5.29 15.55
C PRO C 23 -39.97 -4.48 15.85
N ASN C 24 -38.79 -5.10 15.84
CA ASN C 24 -37.54 -4.41 16.14
C ASN C 24 -36.54 -4.65 15.02
N GLY C 25 -36.28 -3.61 14.23
CA GLY C 25 -35.34 -3.66 13.14
C GLY C 25 -34.01 -3.01 13.47
N THR C 26 -33.09 -3.12 12.52
CA THR C 26 -31.73 -2.61 12.67
C THR C 26 -31.41 -1.62 11.56
N ILE C 27 -30.69 -0.55 11.91
CA ILE C 27 -30.37 0.53 10.97
C ILE C 27 -29.02 0.27 10.34
N VAL C 28 -28.94 0.36 9.03
CA VAL C 28 -27.70 0.21 8.27
C VAL C 28 -27.57 1.37 7.29
N LYS C 29 -26.43 1.42 6.61
CA LYS C 29 -26.10 2.49 5.67
C LYS C 29 -25.85 1.90 4.28
N THR C 30 -26.34 2.57 3.26
CA THR C 30 -26.15 2.18 1.86
C THR C 30 -25.46 3.30 1.10
N ILE C 31 -25.25 3.06 -0.20
CA ILE C 31 -24.66 4.07 -1.07
C ILE C 31 -25.59 5.27 -1.21
N THR C 32 -26.90 5.02 -1.23
CA THR C 32 -27.90 6.03 -1.51
C THR C 32 -28.49 6.66 -0.24
N ASP C 33 -28.66 5.89 0.83
CA ASP C 33 -29.26 6.38 2.06
C ASP C 33 -28.30 6.20 3.22
N ASP C 34 -28.23 7.21 4.09
CA ASP C 34 -27.36 7.12 5.26
C ASP C 34 -27.95 6.24 6.35
N GLN C 35 -29.27 6.11 6.43
CA GLN C 35 -29.93 5.29 7.43
C GLN C 35 -31.15 4.63 6.82
N ILE C 36 -31.16 3.29 6.81
CA ILE C 36 -32.32 2.52 6.39
C ILE C 36 -32.49 1.36 7.36
N GLU C 37 -33.74 1.08 7.72
CA GLU C 37 -34.05 0.06 8.71
C GLU C 37 -34.42 -1.24 8.01
N VAL C 38 -33.79 -2.33 8.42
CA VAL C 38 -34.01 -3.65 7.84
C VAL C 38 -34.39 -4.62 8.95
N THR C 39 -34.83 -5.81 8.53
CA THR C 39 -35.35 -6.80 9.48
C THR C 39 -34.26 -7.59 10.19
N ASN C 40 -33.03 -7.58 9.68
CA ASN C 40 -31.96 -8.40 10.25
C ASN C 40 -30.62 -7.93 9.70
N ALA C 41 -29.59 -8.03 10.54
CA ALA C 41 -28.26 -7.57 10.18
C ALA C 41 -27.22 -8.30 11.02
N THR C 42 -25.97 -8.29 10.54
CA THR C 42 -24.86 -8.94 11.22
C THR C 42 -23.69 -7.99 11.37
N GLU C 43 -22.92 -8.18 12.44
CA GLU C 43 -21.75 -7.37 12.72
C GLU C 43 -20.52 -7.97 12.06
N LEU C 44 -19.72 -7.13 11.41
CA LEU C 44 -18.57 -7.60 10.64
C LEU C 44 -17.23 -7.34 11.30
N VAL C 45 -17.16 -6.59 12.41
CA VAL C 45 -15.91 -6.23 13.04
C VAL C 45 -15.84 -6.89 14.42
N GLN C 46 -14.77 -7.63 14.66
CA GLN C 46 -14.50 -8.19 15.99
C GLN C 46 -13.79 -7.13 16.84
N ASN C 47 -14.33 -6.85 18.02
CA ASN C 47 -13.85 -5.73 18.81
C ASN C 47 -13.50 -6.09 20.25
N SER C 48 -13.36 -7.37 20.58
CA SER C 48 -13.06 -7.76 21.94
C SER C 48 -12.25 -9.05 21.96
N SER C 49 -11.58 -9.27 23.09
CA SER C 49 -10.81 -10.48 23.33
C SER C 49 -11.05 -10.95 24.75
N THR C 50 -10.87 -12.25 24.98
CA THR C 50 -10.99 -12.79 26.33
C THR C 50 -9.80 -12.43 27.21
N GLY C 51 -8.73 -11.91 26.64
CA GLY C 51 -7.53 -11.58 27.40
C GLY C 51 -6.60 -12.74 27.65
N LYS C 52 -6.82 -13.89 27.03
CA LYS C 52 -6.02 -15.08 27.24
C LYS C 52 -5.42 -15.53 25.92
N ILE C 53 -4.23 -16.11 25.99
CA ILE C 53 -3.57 -16.70 24.83
C ILE C 53 -3.71 -18.21 24.91
N CYS C 54 -4.27 -18.81 23.85
CA CYS C 54 -4.51 -20.24 23.82
C CYS C 54 -3.27 -20.99 23.38
N ASN C 55 -3.01 -22.14 24.00
CA ASN C 55 -1.82 -22.92 23.73
C ASN C 55 -1.96 -23.88 22.56
N ASN C 56 -3.11 -23.91 21.90
CA ASN C 56 -3.30 -24.74 20.72
C ASN C 56 -3.96 -23.93 19.61
N PRO C 57 -3.66 -24.22 18.34
CA PRO C 57 -2.76 -25.29 17.87
C PRO C 57 -1.30 -24.90 17.75
N HIS C 58 -0.97 -23.62 17.88
CA HIS C 58 0.42 -23.18 17.79
C HIS C 58 1.17 -23.51 19.07
N LYS C 59 2.47 -23.79 18.93
CA LYS C 59 3.32 -24.03 20.08
C LYS C 59 3.79 -22.68 20.62
N VAL C 60 3.31 -22.32 21.80
CA VAL C 60 3.60 -21.04 22.42
C VAL C 60 4.58 -21.26 23.56
N LEU C 61 5.69 -20.51 23.55
CA LEU C 61 6.72 -20.61 24.58
C LEU C 61 6.79 -19.31 25.36
N ASP C 62 6.59 -19.40 26.67
CA ASP C 62 6.61 -18.24 27.55
C ASP C 62 8.05 -17.96 27.98
N GLY C 63 8.53 -16.76 27.68
CA GLY C 63 9.88 -16.38 28.06
C GLY C 63 10.06 -15.97 29.51
N ARG C 64 8.95 -15.67 30.20
CA ARG C 64 8.97 -15.28 31.60
C ARG C 64 9.86 -14.07 31.85
N ASP C 65 10.99 -14.27 32.54
CA ASP C 65 11.89 -13.17 32.87
C ASP C 65 13.12 -13.13 31.96
N CYS C 66 13.08 -13.83 30.83
CA CYS C 66 14.20 -13.89 29.90
C CYS C 66 13.81 -13.35 28.53
N THR C 67 14.69 -12.54 27.95
CA THR C 67 14.55 -12.18 26.54
C THR C 67 15.12 -13.29 25.66
N LEU C 68 14.82 -13.22 24.36
CA LEU C 68 15.31 -14.25 23.44
C LEU C 68 16.84 -14.22 23.32
N ILE C 69 17.42 -13.02 23.27
CA ILE C 69 18.87 -12.91 23.14
C ILE C 69 19.58 -13.46 24.37
N ASP C 70 19.05 -13.16 25.57
CA ASP C 70 19.67 -13.65 26.79
C ASP C 70 19.57 -15.17 26.89
N ALA C 71 18.46 -15.75 26.42
CA ALA C 71 18.35 -17.20 26.39
C ALA C 71 19.31 -17.81 25.37
N MET C 72 19.52 -17.13 24.23
CA MET C 72 20.46 -17.62 23.24
C MET C 72 21.90 -17.59 23.77
N LEU C 73 22.29 -16.50 24.43
CA LEU C 73 23.68 -16.35 24.88
C LEU C 73 24.00 -17.30 26.03
N GLY C 74 23.05 -17.57 26.91
CA GLY C 74 23.29 -18.46 28.03
C GLY C 74 23.40 -17.76 29.37
N ASP C 75 22.58 -16.74 29.59
CA ASP C 75 22.46 -16.12 30.90
C ASP C 75 22.04 -17.19 31.91
N PRO C 76 22.71 -17.31 33.06
CA PRO C 76 22.44 -18.44 33.96
C PRO C 76 20.99 -18.59 34.38
N HIS C 77 20.31 -17.50 34.71
CA HIS C 77 18.90 -17.61 35.08
C HIS C 77 17.99 -17.93 33.90
N CYS C 78 18.55 -18.04 32.70
CA CYS C 78 17.83 -18.50 31.51
C CYS C 78 18.26 -19.90 31.09
N ASP C 79 19.01 -20.61 31.93
CA ASP C 79 19.56 -21.92 31.55
C ASP C 79 18.47 -22.93 31.22
N VAL C 80 17.23 -22.71 31.67
CA VAL C 80 16.14 -23.62 31.37
C VAL C 80 15.70 -23.57 29.92
N PHE C 81 16.17 -22.59 29.14
CA PHE C 81 15.72 -22.42 27.77
C PHE C 81 16.64 -23.07 26.75
N GLN C 82 17.56 -23.93 27.18
CA GLN C 82 18.52 -24.52 26.26
C GLN C 82 17.83 -25.51 25.32
N ASP C 83 18.10 -25.35 24.01
CA ASP C 83 17.63 -26.26 22.97
C ASP C 83 16.10 -26.30 22.88
N GLU C 84 15.47 -25.15 23.04
CA GLU C 84 14.01 -25.05 22.93
C GLU C 84 13.58 -24.77 21.50
N LYS C 85 12.30 -25.02 21.23
CA LYS C 85 11.70 -24.73 19.94
C LYS C 85 10.33 -24.09 20.17
N TRP C 86 9.85 -23.36 19.16
CA TRP C 86 8.61 -22.62 19.30
C TRP C 86 8.02 -22.33 17.93
N ASP C 87 6.71 -22.05 17.94
CA ASP C 87 6.04 -21.35 16.85
C ASP C 87 5.90 -19.86 17.13
N LEU C 88 5.63 -19.49 18.38
CA LEU C 88 5.58 -18.10 18.80
C LEU C 88 6.28 -17.96 20.14
N PHE C 89 7.28 -17.09 20.20
CA PHE C 89 7.98 -16.76 21.43
C PHE C 89 7.37 -15.49 22.01
N VAL C 90 6.97 -15.54 23.28
CA VAL C 90 6.30 -14.43 23.94
C VAL C 90 7.27 -13.81 24.95
N GLU C 91 7.62 -12.55 24.73
CA GLU C 91 8.52 -11.80 25.61
C GLU C 91 7.70 -10.96 26.58
N ARG C 92 8.01 -11.08 27.87
CA ARG C 92 7.31 -10.33 28.90
C ARG C 92 8.04 -9.02 29.20
N SER C 93 7.31 -8.08 29.80
CA SER C 93 7.86 -6.78 30.13
C SER C 93 8.64 -6.77 31.43
N SER C 94 8.59 -7.84 32.22
CA SER C 94 9.35 -7.96 33.45
C SER C 94 10.69 -8.65 33.25
N ALA C 95 11.08 -8.92 32.01
CA ALA C 95 12.36 -9.57 31.72
C ALA C 95 13.53 -8.67 32.11
N PHE C 96 14.62 -9.29 32.55
CA PHE C 96 15.81 -8.55 32.97
C PHE C 96 17.06 -9.38 32.66
N SER C 97 18.20 -8.71 32.65
CA SER C 97 19.49 -9.33 32.39
C SER C 97 20.31 -9.37 33.68
N ASN C 98 21.04 -10.46 33.89
CA ASN C 98 21.77 -10.68 35.13
C ASN C 98 23.15 -11.29 34.86
N CYS C 99 23.87 -10.77 33.87
CA CYS C 99 25.18 -11.30 33.51
C CYS C 99 26.09 -10.12 33.19
N TYR C 100 27.21 -10.38 32.53
CA TYR C 100 28.15 -9.33 32.16
C TYR C 100 27.49 -8.32 31.22
N PRO C 101 27.65 -7.03 31.45
CA PRO C 101 27.02 -6.05 30.55
C PRO C 101 27.54 -6.16 29.12
N TYR C 102 26.62 -6.03 28.17
CA TYR C 102 26.94 -6.24 26.76
C TYR C 102 26.04 -5.36 25.90
N ASP C 103 26.40 -5.27 24.62
CA ASP C 103 25.56 -4.62 23.62
C ASP C 103 25.68 -5.39 22.30
N VAL C 104 24.68 -5.20 21.45
CA VAL C 104 24.64 -5.86 20.15
C VAL C 104 24.46 -4.81 19.05
N PRO C 105 25.47 -4.56 18.22
CA PRO C 105 25.24 -3.73 17.02
C PRO C 105 24.20 -4.38 16.13
N ASP C 106 23.19 -3.60 15.74
CA ASP C 106 22.00 -4.11 15.06
C ASP C 106 21.35 -5.25 15.85
N TYR C 107 20.90 -4.90 17.06
CA TYR C 107 20.20 -5.85 17.92
C TYR C 107 18.94 -6.38 17.27
N ALA C 108 18.18 -5.50 16.61
CA ALA C 108 16.89 -5.88 16.04
C ALA C 108 17.04 -6.95 14.97
N SER C 109 18.07 -6.85 14.13
CA SER C 109 18.26 -7.83 13.06
C SER C 109 18.57 -9.21 13.61
N LEU C 110 19.45 -9.30 14.61
CA LEU C 110 19.76 -10.60 15.21
C LEU C 110 18.54 -11.18 15.93
N ARG C 111 17.78 -10.32 16.62
CA ARG C 111 16.56 -10.79 17.27
C ARG C 111 15.57 -11.34 16.27
N SER C 112 15.36 -10.63 15.15
CA SER C 112 14.44 -11.09 14.13
C SER C 112 14.92 -12.39 13.49
N LEU C 113 16.23 -12.51 13.24
CA LEU C 113 16.79 -13.72 12.66
C LEU C 113 16.55 -14.93 13.56
N ILE C 114 16.89 -14.80 14.85
CA ILE C 114 16.72 -15.92 15.77
C ILE C 114 15.24 -16.27 15.92
N ALA C 115 14.37 -15.25 16.03
CA ALA C 115 12.95 -15.51 16.18
C ALA C 115 12.39 -16.23 14.97
N SER C 116 12.81 -15.82 13.77
CA SER C 116 12.33 -16.46 12.55
C SER C 116 12.81 -17.90 12.44
N SER C 117 14.04 -18.17 12.87
CA SER C 117 14.56 -19.53 12.78
C SER C 117 13.71 -20.52 13.59
N GLY C 118 13.33 -20.13 14.81
CA GLY C 118 12.40 -20.92 15.59
C GLY C 118 13.00 -21.99 16.48
N THR C 119 14.32 -22.02 16.66
CA THR C 119 14.95 -23.04 17.48
C THR C 119 16.23 -22.49 18.10
N LEU C 120 16.65 -23.13 19.18
CA LEU C 120 17.90 -22.80 19.87
C LEU C 120 18.83 -24.01 19.96
N ASP C 121 18.76 -24.92 19.01
CA ASP C 121 19.58 -26.13 19.06
C ASP C 121 21.04 -25.80 18.82
N PHE C 122 21.90 -26.23 19.75
CA PHE C 122 23.31 -25.88 19.77
C PHE C 122 24.16 -27.14 19.70
N ILE C 123 25.20 -27.10 18.88
CA ILE C 123 26.15 -28.20 18.73
C ILE C 123 27.52 -27.72 19.17
N THR C 124 28.12 -28.43 20.12
CA THR C 124 29.45 -28.10 20.61
C THR C 124 30.52 -28.61 19.64
N GLU C 125 31.57 -27.82 19.44
CA GLU C 125 32.67 -28.18 18.57
C GLU C 125 33.98 -28.13 19.36
N SER C 126 35.00 -28.79 18.81
CA SER C 126 36.28 -28.95 19.48
C SER C 126 37.27 -27.91 18.96
N PHE C 127 37.18 -26.70 19.51
CA PHE C 127 38.15 -25.67 19.23
C PHE C 127 39.39 -25.85 20.10
N THR C 128 40.55 -25.54 19.55
CA THR C 128 41.81 -25.60 20.29
C THR C 128 42.38 -24.20 20.39
N TRP C 129 42.58 -23.72 21.61
CA TRP C 129 43.14 -22.41 21.89
C TRP C 129 44.46 -22.60 22.61
N ALA C 130 45.56 -22.60 21.85
CA ALA C 130 46.86 -22.99 22.36
C ALA C 130 47.56 -21.79 23.00
N GLY C 131 47.96 -21.94 24.26
CA GLY C 131 48.75 -20.93 24.93
C GLY C 131 47.99 -19.85 25.66
N VAL C 132 46.70 -20.05 25.91
CA VAL C 132 45.89 -19.07 26.64
C VAL C 132 45.07 -19.78 27.70
N SER C 133 44.58 -19.01 28.66
CA SER C 133 43.64 -19.50 29.65
C SER C 133 42.22 -19.47 29.10
N GLN C 134 41.40 -20.42 29.52
CA GLN C 134 40.02 -20.53 29.09
C GLN C 134 39.08 -20.40 30.28
N ASN C 135 37.79 -20.18 29.97
CA ASN C 135 36.71 -20.15 30.96
C ASN C 135 36.90 -19.01 31.96
N GLY C 136 37.10 -17.79 31.45
CA GLY C 136 37.09 -16.62 32.31
C GLY C 136 35.70 -16.33 32.84
N GLY C 137 35.66 -15.70 34.02
CA GLY C 137 34.40 -15.44 34.69
C GLY C 137 34.37 -14.06 35.31
N SER C 138 33.24 -13.75 35.95
CA SER C 138 33.02 -12.44 36.54
C SER C 138 32.06 -12.56 37.71
N SER C 139 32.14 -11.60 38.63
CA SER C 139 31.19 -11.53 39.73
C SER C 139 29.86 -10.91 39.32
N ALA C 140 29.79 -10.32 38.11
CA ALA C 140 28.53 -9.80 37.60
C ALA C 140 27.64 -10.89 37.02
N CYS C 141 28.16 -12.11 36.86
CA CYS C 141 27.41 -13.23 36.31
C CYS C 141 27.69 -14.45 37.19
N LYS C 142 26.91 -14.61 38.25
CA LYS C 142 27.17 -15.64 39.24
C LYS C 142 26.41 -16.92 38.91
N ARG C 143 27.11 -18.04 38.96
CA ARG C 143 26.52 -19.37 38.82
C ARG C 143 26.60 -20.03 40.19
N GLY C 144 25.59 -19.79 41.01
CA GLY C 144 25.60 -20.22 42.38
C GLY C 144 26.48 -19.32 43.24
N PRO C 145 27.47 -19.90 43.92
CA PRO C 145 28.39 -19.09 44.70
C PRO C 145 29.60 -18.60 43.91
N ALA C 146 29.92 -19.29 42.81
CA ALA C 146 31.13 -19.01 42.05
C ALA C 146 30.88 -17.98 40.96
N ASN C 147 31.96 -17.34 40.54
CA ASN C 147 31.91 -16.44 39.38
C ASN C 147 31.68 -17.24 38.11
N GLY C 148 30.90 -16.67 37.18
CA GLY C 148 30.59 -17.37 35.96
C GLY C 148 30.55 -16.48 34.73
N PHE C 149 29.90 -16.97 33.68
CA PHE C 149 29.87 -16.29 32.39
C PHE C 149 28.76 -16.92 31.56
N PHE C 150 28.51 -16.35 30.38
CA PHE C 150 27.57 -16.93 29.44
C PHE C 150 27.98 -18.35 29.09
N SER C 151 26.99 -19.25 29.04
CA SER C 151 27.27 -20.67 28.86
C SER C 151 27.73 -21.01 27.45
N ARG C 152 27.40 -20.20 26.46
CA ARG C 152 27.75 -20.50 25.07
C ARG C 152 29.00 -19.76 24.59
N LEU C 153 29.68 -19.03 25.46
CA LEU C 153 30.86 -18.27 25.08
C LEU C 153 32.03 -18.64 25.98
N ASN C 154 33.24 -18.41 25.48
CA ASN C 154 34.48 -18.80 26.15
C ASN C 154 35.40 -17.59 26.23
N TRP C 155 35.64 -17.10 27.44
CA TRP C 155 36.43 -15.89 27.68
C TRP C 155 37.89 -16.28 27.83
N LEU C 156 38.73 -15.86 26.89
CA LEU C 156 40.14 -16.23 26.85
C LEU C 156 40.99 -15.08 27.39
N THR C 157 41.96 -15.40 28.25
CA THR C 157 42.93 -14.43 28.76
C THR C 157 44.33 -15.02 28.66
N LYS C 158 45.32 -14.24 29.09
CA LYS C 158 46.71 -14.65 28.96
C LYS C 158 47.01 -15.86 29.83
N SER C 159 48.02 -16.63 29.41
CA SER C 159 48.52 -17.77 30.16
C SER C 159 49.97 -17.49 30.54
N GLY C 160 50.24 -17.45 31.84
CA GLY C 160 51.57 -17.08 32.30
C GLY C 160 51.85 -15.62 32.09
N SER C 161 52.73 -15.30 31.14
CA SER C 161 53.04 -13.92 30.80
C SER C 161 52.92 -13.63 29.31
N SER C 162 52.21 -14.48 28.56
CA SER C 162 52.12 -14.32 27.12
C SER C 162 50.70 -14.58 26.64
N TYR C 163 50.34 -13.90 25.55
CA TYR C 163 49.08 -14.12 24.84
C TYR C 163 49.44 -14.24 23.37
N PRO C 164 49.64 -15.45 22.87
CA PRO C 164 50.13 -15.63 21.50
C PRO C 164 49.05 -15.33 20.48
N LEU C 165 49.48 -15.27 19.22
CA LEU C 165 48.55 -15.04 18.11
C LEU C 165 47.73 -16.30 17.86
N LEU C 166 46.40 -16.16 17.95
CA LEU C 166 45.49 -17.28 17.75
C LEU C 166 45.06 -17.33 16.29
N ASN C 167 45.09 -18.53 15.71
CA ASN C 167 44.77 -18.75 14.30
C ASN C 167 44.14 -20.14 14.19
N VAL C 168 42.81 -20.20 14.15
CA VAL C 168 42.11 -21.48 14.13
C VAL C 168 41.12 -21.51 12.97
N THR C 169 40.79 -22.73 12.54
CA THR C 169 39.92 -22.94 11.40
C THR C 169 38.95 -24.08 11.69
N MET C 170 37.76 -23.99 11.09
CA MET C 170 36.71 -24.99 11.22
C MET C 170 35.90 -25.07 9.93
N PRO C 171 35.93 -26.20 9.23
CA PRO C 171 35.17 -26.34 7.99
C PRO C 171 33.74 -26.80 8.23
N ASN C 172 32.88 -26.45 7.28
CA ASN C 172 31.49 -26.90 7.28
C ASN C 172 31.37 -28.06 6.30
N ASN C 173 31.36 -29.28 6.85
CA ASN C 173 31.24 -30.49 6.04
C ASN C 173 29.84 -31.09 6.07
N TYR C 174 28.86 -30.32 6.56
CA TYR C 174 27.47 -30.76 6.59
C TYR C 174 26.76 -30.22 5.35
N ASN C 175 25.44 -30.40 5.29
CA ASN C 175 24.64 -29.89 4.19
C ASN C 175 23.63 -28.83 4.64
N PHE C 176 23.84 -28.23 5.81
CA PHE C 176 23.02 -27.13 6.29
C PHE C 176 23.91 -25.99 6.73
N ASP C 177 23.30 -24.84 6.99
CA ASP C 177 24.01 -23.64 7.38
C ASP C 177 24.36 -23.66 8.87
N LYS C 178 25.47 -23.01 9.21
CA LYS C 178 25.91 -22.87 10.59
C LYS C 178 25.87 -21.41 11.01
N LEU C 179 25.42 -21.16 12.24
CA LEU C 179 25.41 -19.83 12.83
C LEU C 179 26.36 -19.79 14.01
N TYR C 180 27.30 -18.85 13.98
CA TYR C 180 28.29 -18.66 15.05
C TYR C 180 28.06 -17.32 15.72
N ILE C 181 28.06 -17.32 17.05
CA ILE C 181 27.98 -16.10 17.86
C ILE C 181 29.31 -15.93 18.58
N TRP C 182 29.88 -14.72 18.49
CA TRP C 182 31.16 -14.44 19.14
C TRP C 182 31.15 -13.01 19.64
N GLY C 183 32.22 -12.62 20.33
CA GLY C 183 32.25 -11.30 20.94
C GLY C 183 33.64 -10.73 21.10
N VAL C 184 33.66 -9.44 21.44
CA VAL C 184 34.88 -8.68 21.69
C VAL C 184 34.73 -7.95 23.03
N HIS C 185 35.78 -7.98 23.84
CA HIS C 185 35.75 -7.35 25.16
C HIS C 185 36.38 -5.96 25.10
N HIS C 186 35.69 -4.97 25.68
CA HIS C 186 36.15 -3.60 25.79
C HIS C 186 36.53 -3.30 27.23
N PRO C 187 37.82 -3.17 27.55
CA PRO C 187 38.24 -2.88 28.92
C PRO C 187 38.07 -1.40 29.26
N SER C 188 38.24 -1.09 30.53
CA SER C 188 38.03 0.26 31.01
C SER C 188 39.29 1.11 31.04
N THR C 189 40.48 0.51 31.19
CA THR C 189 41.72 1.25 31.23
C THR C 189 42.79 0.55 30.39
N ASN C 190 43.88 1.29 30.11
CA ASN C 190 45.02 0.71 29.41
C ASN C 190 45.71 -0.33 30.27
N GLN C 191 45.79 -0.08 31.58
CA GLN C 191 46.42 -1.04 32.49
C GLN C 191 45.66 -2.35 32.52
N GLU C 192 44.34 -2.29 32.54
CA GLU C 192 43.53 -3.52 32.47
C GLU C 192 43.76 -4.24 31.16
N GLN C 193 43.85 -3.49 30.06
CA GLN C 193 44.12 -4.10 28.76
C GLN C 193 45.43 -4.88 28.78
N THR C 194 46.50 -4.26 29.28
CA THR C 194 47.78 -4.99 29.32
C THR C 194 47.75 -6.13 30.33
N ASN C 195 46.95 -6.00 31.39
CA ASN C 195 46.90 -7.05 32.41
C ASN C 195 46.21 -8.31 31.90
N LEU C 196 45.12 -8.14 31.14
CA LEU C 196 44.38 -9.31 30.67
C LEU C 196 44.99 -9.88 29.40
N TYR C 197 45.32 -9.02 28.45
CA TYR C 197 45.91 -9.41 27.17
C TYR C 197 47.21 -8.65 27.00
N VAL C 198 48.30 -9.37 26.75
CA VAL C 198 49.63 -8.78 26.87
C VAL C 198 49.80 -7.60 25.92
N GLN C 199 49.25 -7.71 24.71
CA GLN C 199 49.42 -6.66 23.72
C GLN C 199 48.63 -5.41 24.11
N ALA C 200 49.19 -4.24 23.79
CA ALA C 200 48.57 -2.97 24.13
C ALA C 200 47.36 -2.64 23.27
N SER C 201 47.16 -3.35 22.17
CA SER C 201 45.99 -3.13 21.31
C SER C 201 45.60 -4.45 20.70
N GLY C 202 44.44 -4.96 21.09
CA GLY C 202 43.95 -6.23 20.57
C GLY C 202 43.29 -6.08 19.20
N ARG C 203 42.92 -7.23 18.64
CA ARG C 203 42.32 -7.29 17.32
C ARG C 203 41.69 -8.66 17.12
N VAL C 204 40.48 -8.67 16.56
CA VAL C 204 39.75 -9.91 16.28
C VAL C 204 39.29 -9.89 14.82
N THR C 205 39.62 -10.95 14.08
CA THR C 205 39.22 -11.09 12.69
C THR C 205 38.54 -12.44 12.49
N VAL C 206 37.35 -12.42 11.89
CA VAL C 206 36.55 -13.61 11.64
C VAL C 206 36.15 -13.61 10.17
N SER C 207 36.46 -14.68 9.45
CA SER C 207 36.25 -14.65 8.01
C SER C 207 35.86 -16.01 7.46
N THR C 208 35.16 -15.97 6.34
CA THR C 208 34.89 -17.11 5.47
C THR C 208 35.48 -16.81 4.09
N ARG C 209 35.18 -17.67 3.11
CA ARG C 209 35.65 -17.43 1.75
C ARG C 209 34.92 -16.27 1.09
N ARG C 210 33.75 -15.88 1.60
CA ARG C 210 32.96 -14.83 0.97
C ARG C 210 32.72 -13.61 1.86
N SER C 211 33.26 -13.56 3.08
CA SER C 211 33.00 -12.44 3.96
C SER C 211 34.11 -12.34 5.00
N GLN C 212 34.20 -11.17 5.64
CA GLN C 212 35.18 -10.93 6.68
C GLN C 212 34.71 -9.79 7.58
N GLN C 213 35.06 -9.89 8.86
CA GLN C 213 34.79 -8.85 9.85
C GLN C 213 36.00 -8.69 10.75
N THR C 214 36.44 -7.46 10.97
CA THR C 214 37.54 -7.17 11.87
C THR C 214 37.11 -6.12 12.89
N ILE C 215 37.40 -6.38 14.16
CA ILE C 215 37.01 -5.51 15.26
C ILE C 215 38.25 -5.15 16.07
N VAL C 216 38.43 -3.85 16.31
CA VAL C 216 39.43 -3.33 17.22
C VAL C 216 38.71 -2.85 18.48
N PRO C 217 39.11 -3.29 19.67
CA PRO C 217 38.38 -2.92 20.88
C PRO C 217 38.56 -1.45 21.26
N ASN C 218 37.59 -0.96 22.03
CA ASN C 218 37.59 0.41 22.54
C ASN C 218 37.86 0.41 24.04
N ILE C 219 38.65 1.38 24.49
CA ILE C 219 39.06 1.49 25.89
C ILE C 219 38.48 2.76 26.48
N GLY C 220 37.97 2.69 27.70
CA GLY C 220 37.45 3.85 28.38
C GLY C 220 36.52 3.47 29.51
N SER C 221 36.42 4.37 30.49
CA SER C 221 35.55 4.15 31.63
C SER C 221 34.09 4.35 31.26
N ARG C 222 33.23 3.51 31.83
CA ARG C 222 31.79 3.50 31.61
C ARG C 222 31.08 3.38 32.95
N PRO C 223 29.80 3.73 33.02
CA PRO C 223 29.07 3.59 34.28
C PRO C 223 29.04 2.13 34.75
N TRP C 224 29.13 1.96 36.07
CA TRP C 224 29.09 0.63 36.65
C TRP C 224 27.77 -0.06 36.40
N VAL C 225 27.83 -1.28 35.88
CA VAL C 225 26.67 -2.15 35.77
C VAL C 225 27.04 -3.46 36.46
N ARG C 226 26.37 -3.74 37.57
CA ARG C 226 26.66 -4.91 38.41
C ARG C 226 28.15 -4.97 38.78
N GLY C 227 28.72 -3.80 39.08
CA GLY C 227 30.09 -3.70 39.55
C GLY C 227 31.16 -3.56 38.48
N GLN C 228 30.79 -3.58 37.20
CA GLN C 228 31.77 -3.62 36.12
C GLN C 228 31.62 -2.41 35.20
N SER C 229 32.76 -1.82 34.84
CA SER C 229 32.79 -0.71 33.88
C SER C 229 33.21 -1.15 32.47
N GLY C 230 33.65 -2.40 32.29
CA GLY C 230 33.93 -2.91 30.97
C GLY C 230 32.67 -3.38 30.25
N ARG C 231 32.82 -3.69 28.97
CA ARG C 231 31.67 -4.12 28.17
C ARG C 231 32.08 -5.24 27.20
N ILE C 232 31.08 -5.83 26.57
CA ILE C 232 31.28 -6.84 25.53
C ILE C 232 30.36 -6.54 24.36
N SER C 233 30.88 -6.68 23.14
CA SER C 233 30.11 -6.50 21.92
C SER C 233 29.94 -7.84 21.22
N ILE C 234 28.73 -8.07 20.69
CA ILE C 234 28.33 -9.36 20.15
C ILE C 234 28.20 -9.27 18.63
N TYR C 235 28.71 -10.29 17.94
CA TYR C 235 28.66 -10.40 16.49
C TYR C 235 28.30 -11.83 16.10
N TRP C 236 27.88 -11.99 14.85
CA TRP C 236 27.46 -13.30 14.35
C TRP C 236 27.95 -13.51 12.92
N THR C 237 28.11 -14.78 12.55
CA THR C 237 28.59 -15.17 11.23
C THR C 237 27.86 -16.43 10.77
N ILE C 238 27.52 -16.50 9.48
CA ILE C 238 26.85 -17.66 8.90
C ILE C 238 27.80 -18.34 7.93
N VAL C 239 27.94 -19.65 8.08
CA VAL C 239 28.84 -20.47 7.25
C VAL C 239 27.98 -21.44 6.44
N LYS C 240 28.02 -21.32 5.12
CA LYS C 240 27.28 -22.17 4.21
C LYS C 240 27.97 -23.53 4.05
N PRO C 241 27.25 -24.55 3.59
CA PRO C 241 27.88 -25.85 3.36
C PRO C 241 29.01 -25.76 2.36
N GLY C 242 30.11 -26.44 2.67
CA GLY C 242 31.30 -26.42 1.83
C GLY C 242 32.23 -25.26 2.08
N ASP C 243 31.89 -24.33 2.96
CA ASP C 243 32.74 -23.20 3.29
C ASP C 243 33.56 -23.52 4.55
N VAL C 244 34.32 -22.52 5.00
CA VAL C 244 35.21 -22.69 6.13
C VAL C 244 35.26 -21.38 6.91
N LEU C 245 35.39 -21.49 8.24
CA LEU C 245 35.50 -20.35 9.12
C LEU C 245 36.92 -20.27 9.66
N VAL C 246 37.50 -19.06 9.64
CA VAL C 246 38.82 -18.82 10.21
C VAL C 246 38.72 -17.69 11.23
N ILE C 247 39.28 -17.92 12.40
CA ILE C 247 39.33 -16.92 13.47
C ILE C 247 40.80 -16.62 13.75
N ASN C 248 41.15 -15.34 13.69
CA ASN C 248 42.52 -14.87 13.87
C ASN C 248 42.50 -13.68 14.81
N SER C 249 43.18 -13.80 15.94
CA SER C 249 43.06 -12.75 16.95
C SER C 249 44.32 -12.65 17.78
N ASN C 250 44.66 -11.43 18.19
CA ASN C 250 45.80 -11.24 19.10
C ASN C 250 45.39 -10.57 20.40
N GLY C 251 44.12 -10.66 20.77
CA GLY C 251 43.65 -10.14 22.04
C GLY C 251 42.18 -9.80 22.04
N ASN C 252 41.55 -9.88 23.21
CA ASN C 252 40.18 -9.41 23.45
C ASN C 252 39.12 -10.27 22.76
N LEU C 253 39.38 -11.56 22.56
CA LEU C 253 38.43 -12.42 21.87
C LEU C 253 37.54 -13.15 22.86
N ILE C 254 36.23 -13.10 22.61
CA ILE C 254 35.25 -13.93 23.31
C ILE C 254 34.85 -15.02 22.32
N ALA C 255 35.41 -16.21 22.50
CA ALA C 255 35.32 -17.26 21.50
C ALA C 255 33.98 -18.00 21.55
N PRO C 256 33.52 -18.52 20.42
CA PRO C 256 32.37 -19.43 20.44
C PRO C 256 32.76 -20.81 20.94
N ARG C 257 31.76 -21.53 21.44
CA ARG C 257 31.93 -22.90 21.87
C ARG C 257 31.34 -23.91 20.90
N GLY C 258 30.70 -23.42 19.84
CA GLY C 258 30.00 -24.30 18.90
C GLY C 258 29.16 -23.46 17.95
N PHE C 259 28.13 -24.07 17.40
CA PHE C 259 27.27 -23.38 16.44
C PHE C 259 25.80 -23.68 16.69
N PHE C 260 24.96 -22.76 16.23
CA PHE C 260 23.51 -22.91 16.26
C PHE C 260 23.01 -23.36 14.88
N LYS C 261 22.06 -24.28 14.87
CA LYS C 261 21.34 -24.58 13.64
C LYS C 261 20.41 -23.44 13.28
N ILE C 262 20.29 -23.14 11.99
CA ILE C 262 19.42 -22.08 11.51
C ILE C 262 18.48 -22.69 10.47
N ARG C 263 17.18 -22.43 10.63
CA ARG C 263 16.17 -23.07 9.81
C ARG C 263 15.29 -22.01 9.16
N THR C 264 14.57 -22.44 8.13
CA THR C 264 13.55 -21.63 7.48
C THR C 264 12.18 -22.14 7.90
N GLY C 265 11.32 -21.24 8.36
CA GLY C 265 10.02 -21.66 8.82
C GLY C 265 9.09 -20.49 9.05
N ARG C 266 8.05 -20.75 9.84
CA ARG C 266 6.98 -19.78 10.08
C ARG C 266 6.93 -19.31 11.52
N SER C 267 8.07 -19.33 12.22
CA SER C 267 8.13 -18.91 13.61
C SER C 267 8.30 -17.40 13.71
N SER C 268 7.93 -16.85 14.87
CA SER C 268 7.99 -15.41 15.10
C SER C 268 8.06 -15.14 16.60
N ILE C 269 8.07 -13.84 16.96
CA ILE C 269 8.18 -13.39 18.34
C ILE C 269 7.16 -12.28 18.57
N MET C 270 6.70 -12.15 19.81
CA MET C 270 5.68 -11.17 20.16
C MET C 270 5.87 -10.69 21.59
N ARG C 271 5.59 -9.40 21.83
CA ARG C 271 5.63 -8.81 23.16
C ARG C 271 4.21 -8.74 23.72
N SER C 272 4.00 -9.32 24.89
CA SER C 272 2.67 -9.36 25.49
C SER C 272 2.77 -9.71 26.96
N ASP C 273 1.78 -9.25 27.73
CA ASP C 273 1.67 -9.60 29.15
C ASP C 273 0.45 -10.47 29.45
N ALA C 274 -0.26 -10.93 28.42
CA ALA C 274 -1.45 -11.73 28.65
C ALA C 274 -1.07 -13.14 29.10
N PRO C 275 -1.83 -13.72 30.04
CA PRO C 275 -1.53 -15.09 30.48
C PRO C 275 -1.91 -16.12 29.44
N ILE C 276 -1.31 -17.30 29.58
CA ILE C 276 -1.46 -18.40 28.63
C ILE C 276 -2.33 -19.47 29.29
N GLU C 277 -3.37 -19.91 28.58
CA GLU C 277 -4.34 -20.86 29.09
C GLU C 277 -4.55 -21.99 28.08
N THR C 278 -5.21 -23.05 28.55
CA THR C 278 -5.47 -24.24 27.74
C THR C 278 -6.78 -24.03 26.97
N CYS C 279 -6.67 -23.72 25.69
CA CYS C 279 -7.82 -23.56 24.81
C CYS C 279 -7.33 -23.65 23.37
N ILE C 280 -8.25 -23.47 22.42
CA ILE C 280 -7.94 -23.57 21.00
C ILE C 280 -8.33 -22.27 20.33
N SER C 281 -7.40 -21.71 19.55
CA SER C 281 -7.64 -20.48 18.81
C SER C 281 -6.56 -20.34 17.75
N GLU C 282 -6.94 -19.91 16.55
CA GLU C 282 -6.02 -19.78 15.44
C GLU C 282 -5.39 -18.39 15.34
N CYS C 283 -5.93 -17.38 16.02
CA CYS C 283 -5.44 -16.01 15.90
C CYS C 283 -5.06 -15.45 17.27
N ILE C 284 -3.81 -14.98 17.37
CA ILE C 284 -3.22 -14.46 18.60
C ILE C 284 -2.84 -13.01 18.39
N THR C 285 -3.16 -12.16 19.35
CA THR C 285 -2.76 -10.76 19.40
C THR C 285 -2.14 -10.49 20.75
N PRO C 286 -1.44 -9.36 20.91
CA PRO C 286 -0.92 -9.01 22.24
C PRO C 286 -2.01 -8.87 23.30
N ASN C 287 -3.26 -8.64 22.91
CA ASN C 287 -4.36 -8.60 23.86
C ASN C 287 -4.88 -9.98 24.24
N GLY C 288 -4.51 -11.02 23.50
CA GLY C 288 -5.01 -12.37 23.71
C GLY C 288 -5.47 -12.98 22.41
N SER C 289 -6.09 -14.14 22.51
CA SER C 289 -6.61 -14.80 21.32
C SER C 289 -7.95 -14.19 20.91
N ILE C 290 -8.21 -14.21 19.61
CA ILE C 290 -9.51 -13.73 19.13
C ILE C 290 -10.11 -14.72 18.14
N PRO C 291 -11.43 -14.88 18.12
CA PRO C 291 -12.07 -15.70 17.08
C PRO C 291 -11.94 -15.03 15.70
N ASN C 292 -11.91 -15.87 14.66
CA ASN C 292 -11.67 -15.38 13.31
C ASN C 292 -12.84 -15.65 12.37
N ASP C 293 -14.07 -15.73 12.89
CA ASP C 293 -15.21 -15.93 12.01
C ASP C 293 -15.64 -14.65 11.30
N LYS C 294 -15.22 -13.49 11.78
CA LYS C 294 -15.53 -12.23 11.12
C LYS C 294 -14.39 -11.80 10.21
N PRO C 295 -14.69 -11.04 9.14
CA PRO C 295 -13.62 -10.64 8.21
C PRO C 295 -12.74 -9.49 8.68
N PHE C 296 -13.17 -8.72 9.69
CA PHE C 296 -12.42 -7.56 10.14
C PHE C 296 -12.30 -7.56 11.66
N GLN C 297 -11.26 -6.91 12.17
CA GLN C 297 -11.04 -6.81 13.60
C GLN C 297 -10.49 -5.42 13.93
N ASN C 298 -10.71 -5.02 15.19
CA ASN C 298 -10.31 -3.71 15.68
C ASN C 298 -9.45 -3.82 16.94
N VAL C 299 -8.95 -5.01 17.27
CA VAL C 299 -8.30 -5.23 18.55
C VAL C 299 -6.85 -4.75 18.52
N ASN C 300 -6.08 -5.19 17.53
CA ASN C 300 -4.66 -4.88 17.49
C ASN C 300 -4.13 -5.13 16.08
N LYS C 301 -3.28 -4.23 15.59
CA LYS C 301 -2.66 -4.41 14.29
C LYS C 301 -1.50 -5.41 14.32
N ILE C 302 -1.08 -5.85 15.49
CA ILE C 302 -0.08 -6.91 15.62
C ILE C 302 -0.81 -8.24 15.77
N THR C 303 -0.56 -9.17 14.84
CA THR C 303 -1.28 -10.43 14.82
C THR C 303 -0.34 -11.55 14.41
N TYR C 304 -0.73 -12.78 14.77
CA TYR C 304 -0.04 -13.99 14.36
C TYR C 304 -1.07 -15.06 14.07
N GLY C 305 -0.96 -15.70 12.90
CA GLY C 305 -1.83 -16.79 12.52
C GLY C 305 -2.86 -16.38 11.49
N ALA C 306 -3.97 -17.12 11.48
CA ALA C 306 -5.09 -16.86 10.58
C ALA C 306 -6.01 -15.84 11.24
N CYS C 307 -5.95 -14.60 10.78
CA CYS C 307 -6.57 -13.49 11.48
C CYS C 307 -7.40 -12.63 10.55
N PRO C 308 -8.42 -11.96 11.07
CA PRO C 308 -9.13 -10.95 10.28
C PRO C 308 -8.26 -9.73 10.05
N LYS C 309 -8.59 -8.98 9.00
CA LYS C 309 -7.85 -7.79 8.65
C LYS C 309 -8.16 -6.65 9.62
N TYR C 310 -7.13 -5.91 9.99
CA TYR C 310 -7.29 -4.80 10.92
C TYR C 310 -7.89 -3.58 10.21
N VAL C 311 -8.88 -2.96 10.86
CA VAL C 311 -9.50 -1.74 10.37
C VAL C 311 -9.64 -0.76 11.52
N LYS C 312 -9.93 0.49 11.18
CA LYS C 312 -10.10 1.54 12.18
C LYS C 312 -11.49 1.60 12.77
N GLN C 313 -12.51 1.14 12.04
CA GLN C 313 -13.88 1.23 12.52
C GLN C 313 -14.14 0.20 13.62
N ASN C 314 -14.98 0.59 14.59
CA ASN C 314 -15.34 -0.31 15.67
C ASN C 314 -16.65 -1.08 15.41
N THR C 315 -17.39 -0.73 14.35
CA THR C 315 -18.60 -1.46 14.01
C THR C 315 -18.93 -1.27 12.54
N LEU C 316 -19.40 -2.34 11.90
CA LEU C 316 -19.88 -2.30 10.53
C LEU C 316 -21.01 -3.32 10.40
N LYS C 317 -22.20 -2.86 10.04
CA LYS C 317 -23.38 -3.71 10.00
C LYS C 317 -23.74 -4.04 8.56
N LEU C 318 -23.86 -5.34 8.27
CA LEU C 318 -24.25 -5.83 6.95
C LEU C 318 -25.69 -6.33 7.01
N ALA C 319 -26.52 -5.82 6.09
CA ALA C 319 -27.93 -6.18 6.08
C ALA C 319 -28.12 -7.63 5.65
N THR C 320 -29.05 -8.30 6.32
CA THR C 320 -29.39 -9.69 6.01
C THR C 320 -30.83 -9.88 5.56
N GLY C 321 -31.73 -8.97 5.91
CA GLY C 321 -33.10 -9.05 5.44
C GLY C 321 -33.52 -7.85 4.62
N MET C 322 -34.81 -7.75 4.30
CA MET C 322 -35.35 -6.65 3.52
C MET C 322 -35.62 -5.44 4.40
N ARG C 323 -36.05 -4.35 3.79
CA ARG C 323 -36.38 -3.16 4.55
C ARG C 323 -37.61 -3.41 5.43
N ASN C 324 -37.63 -2.77 6.59
CA ASN C 324 -38.66 -2.98 7.60
C ASN C 324 -39.66 -1.83 7.53
N VAL C 325 -40.89 -2.14 7.15
CA VAL C 325 -41.96 -1.15 7.00
C VAL C 325 -43.05 -1.48 8.02
N PRO C 326 -43.49 -0.52 8.83
CA PRO C 326 -44.55 -0.80 9.81
C PRO C 326 -45.88 -1.09 9.12
N GLU C 327 -46.69 -1.90 9.80
CA GLU C 327 -48.03 -2.21 9.31
C GLU C 327 -48.96 -1.02 9.49
N ILE C 337 -58.19 -5.45 3.71
CA ILE C 337 -56.80 -5.87 3.68
C ILE C 337 -56.03 -5.03 2.66
N ALA C 338 -54.71 -4.93 2.84
CA ALA C 338 -53.86 -4.08 2.02
C ALA C 338 -52.69 -4.89 1.50
N GLY C 339 -51.97 -4.29 0.55
CA GLY C 339 -50.83 -4.91 -0.10
C GLY C 339 -49.51 -4.48 0.49
N PHE C 340 -48.48 -4.49 -0.34
CA PHE C 340 -47.11 -4.20 0.08
C PHE C 340 -46.74 -2.73 -0.07
N ILE C 341 -47.61 -1.90 -0.64
CA ILE C 341 -47.25 -0.51 -0.89
C ILE C 341 -47.25 0.24 0.44
N GLU C 342 -46.04 0.53 0.94
CA GLU C 342 -45.84 1.27 2.19
C GLU C 342 -46.58 0.61 3.35
N ASN C 343 -46.58 -0.72 3.38
CA ASN C 343 -47.28 -1.45 4.43
C ASN C 343 -46.68 -2.85 4.53
N GLY C 344 -46.23 -3.22 5.72
CA GLY C 344 -45.72 -4.56 5.96
C GLY C 344 -46.69 -5.40 6.76
N TRP C 345 -46.49 -6.72 6.77
CA TRP C 345 -47.39 -7.63 7.48
C TRP C 345 -46.68 -8.16 8.72
N GLU C 346 -47.01 -7.58 9.87
CA GLU C 346 -46.47 -8.06 11.14
C GLU C 346 -47.04 -9.40 11.56
N GLY C 347 -48.14 -9.83 10.97
CA GLY C 347 -48.77 -11.09 11.30
C GLY C 347 -48.32 -12.28 10.51
N MET C 348 -47.25 -12.16 9.74
CA MET C 348 -46.75 -13.24 8.89
C MET C 348 -45.46 -13.77 9.49
N ILE C 349 -45.46 -15.06 9.85
CA ILE C 349 -44.27 -15.72 10.39
C ILE C 349 -43.92 -17.00 9.64
N ASP C 350 -44.51 -17.22 8.45
CA ASP C 350 -44.29 -18.44 7.69
C ASP C 350 -43.34 -18.25 6.52
N GLY C 351 -42.95 -17.02 6.22
CA GLY C 351 -42.08 -16.77 5.08
C GLY C 351 -41.80 -15.30 4.96
N TRP C 352 -41.17 -14.93 3.83
CA TRP C 352 -40.83 -13.53 3.57
C TRP C 352 -41.86 -12.85 2.69
N TYR C 353 -42.35 -13.52 1.65
CA TYR C 353 -43.38 -12.99 0.76
C TYR C 353 -44.59 -13.90 0.82
N GLY C 354 -45.77 -13.34 0.57
CA GLY C 354 -46.97 -14.16 0.65
C GLY C 354 -48.20 -13.48 0.08
N PHE C 355 -49.28 -14.25 0.08
CA PHE C 355 -50.59 -13.85 -0.42
C PHE C 355 -51.58 -13.77 0.74
N ARG C 356 -52.57 -12.89 0.58
CA ARG C 356 -53.75 -12.86 1.42
C ARG C 356 -54.97 -12.77 0.53
N HIS C 357 -56.07 -13.39 0.95
CA HIS C 357 -57.29 -13.36 0.16
C HIS C 357 -58.49 -13.06 1.03
N GLN C 358 -59.40 -12.25 0.49
CA GLN C 358 -60.66 -11.89 1.14
C GLN C 358 -61.80 -12.39 0.26
N ASN C 359 -62.72 -13.12 0.88
CA ASN C 359 -63.66 -13.95 0.13
C ASN C 359 -64.94 -14.11 0.93
N SER C 360 -65.92 -14.81 0.34
CA SER C 360 -67.16 -15.09 1.03
C SER C 360 -66.93 -16.00 2.23
N GLU C 361 -66.06 -17.01 2.08
CA GLU C 361 -65.72 -17.87 3.21
C GLU C 361 -65.03 -17.08 4.32
N GLY C 362 -64.14 -16.17 3.94
CA GLY C 362 -63.45 -15.35 4.92
C GLY C 362 -62.01 -15.06 4.52
N THR C 363 -61.30 -14.33 5.37
CA THR C 363 -59.91 -14.00 5.08
C THR C 363 -59.02 -15.22 5.24
N GLY C 364 -57.99 -15.29 4.39
CA GLY C 364 -57.00 -16.36 4.49
C GLY C 364 -55.64 -15.83 4.09
N GLN C 365 -54.60 -16.56 4.51
CA GLN C 365 -53.23 -16.12 4.32
C GLN C 365 -52.35 -17.32 3.95
N ALA C 366 -51.32 -17.05 3.15
CA ALA C 366 -50.37 -18.08 2.77
C ALA C 366 -49.07 -17.40 2.36
N ALA C 367 -48.03 -18.22 2.16
CA ALA C 367 -46.71 -17.72 1.83
C ALA C 367 -46.24 -18.33 0.51
N ASP C 368 -45.29 -17.64 -0.12
CA ASP C 368 -44.72 -18.05 -1.40
C ASP C 368 -43.32 -18.59 -1.15
N LEU C 369 -43.13 -19.88 -1.42
CA LEU C 369 -41.85 -20.52 -1.12
C LEU C 369 -40.78 -20.17 -2.15
N LYS C 370 -41.17 -20.03 -3.42
CA LYS C 370 -40.17 -19.84 -4.48
C LYS C 370 -39.43 -18.52 -4.34
N SER C 371 -40.17 -17.42 -4.17
CA SER C 371 -39.53 -16.11 -4.07
C SER C 371 -38.73 -15.99 -2.79
N THR C 372 -39.26 -16.52 -1.68
CA THR C 372 -38.51 -16.54 -0.43
C THR C 372 -37.20 -17.30 -0.58
N GLN C 373 -37.25 -18.47 -1.21
CA GLN C 373 -36.05 -19.27 -1.40
C GLN C 373 -35.05 -18.55 -2.30
N ALA C 374 -35.52 -17.90 -3.36
CA ALA C 374 -34.63 -17.16 -4.24
C ALA C 374 -33.93 -16.03 -3.48
N ALA C 375 -34.69 -15.28 -2.68
CA ALA C 375 -34.10 -14.18 -1.92
C ALA C 375 -33.08 -14.69 -0.92
N ILE C 376 -33.40 -15.78 -0.20
CA ILE C 376 -32.48 -16.29 0.80
C ILE C 376 -31.20 -16.83 0.14
N ASP C 377 -31.34 -17.56 -0.95
CA ASP C 377 -30.17 -18.09 -1.65
C ASP C 377 -29.32 -16.98 -2.22
N GLN C 378 -29.94 -15.86 -2.64
CA GLN C 378 -29.16 -14.72 -3.09
C GLN C 378 -28.41 -14.08 -1.93
N ILE C 379 -29.06 -13.94 -0.77
CA ILE C 379 -28.46 -13.23 0.36
C ILE C 379 -27.35 -14.08 0.99
N ASN C 380 -27.57 -15.39 1.10
CA ASN C 380 -26.61 -16.25 1.79
C ASN C 380 -25.31 -16.37 1.00
N GLY C 381 -24.19 -16.30 1.72
CA GLY C 381 -22.89 -16.43 1.09
C GLY C 381 -22.45 -15.23 0.28
N LYS C 382 -23.00 -14.05 0.56
CA LYS C 382 -22.73 -12.88 -0.28
C LYS C 382 -21.29 -12.41 -0.14
N LEU C 383 -20.81 -12.29 1.10
CA LEU C 383 -19.50 -11.70 1.33
C LEU C 383 -18.35 -12.62 0.93
N ASN C 384 -18.59 -13.93 0.83
CA ASN C 384 -17.54 -14.85 0.43
C ASN C 384 -17.21 -14.73 -1.06
N ARG C 385 -18.06 -14.07 -1.84
CA ARG C 385 -17.81 -13.95 -3.28
C ARG C 385 -16.67 -12.99 -3.57
N VAL C 386 -16.47 -11.98 -2.73
CA VAL C 386 -15.50 -10.92 -2.97
C VAL C 386 -14.26 -11.08 -2.11
N ILE C 387 -14.44 -11.34 -0.82
CA ILE C 387 -13.33 -11.35 0.13
C ILE C 387 -12.94 -12.78 0.45
N GLU C 388 -11.65 -12.97 0.70
CA GLU C 388 -11.07 -14.29 0.98
C GLU C 388 -11.37 -14.71 2.41
N LYS C 389 -11.29 -16.02 2.65
CA LYS C 389 -11.69 -16.56 3.95
C LYS C 389 -10.76 -16.10 5.07
N THR C 390 -9.49 -16.50 5.00
CA THR C 390 -8.52 -16.14 6.03
C THR C 390 -7.16 -16.00 5.38
N ASN C 391 -6.49 -14.89 5.68
CA ASN C 391 -5.11 -14.66 5.25
C ASN C 391 -4.18 -15.00 6.40
N GLU C 392 -3.28 -15.96 6.18
CA GLU C 392 -2.34 -16.41 7.21
C GLU C 392 -1.01 -15.69 7.03
N LYS C 393 -0.61 -14.94 8.05
CA LYS C 393 0.67 -14.25 8.08
C LYS C 393 1.38 -14.60 9.38
N PHE C 394 2.69 -14.85 9.31
CA PHE C 394 3.41 -15.36 10.46
C PHE C 394 4.46 -14.39 10.98
N HIS C 395 5.46 -14.01 10.19
CA HIS C 395 6.52 -13.12 10.64
C HIS C 395 6.45 -11.84 9.83
N GLN C 396 6.46 -10.70 10.53
CA GLN C 396 6.23 -9.40 9.90
C GLN C 396 7.21 -8.41 10.50
N ILE C 397 6.97 -7.13 10.26
CA ILE C 397 7.80 -6.07 10.78
C ILE C 397 7.34 -5.71 12.19
N GLU C 398 8.20 -5.00 12.92
CA GLU C 398 7.81 -4.44 14.20
C GLU C 398 6.90 -3.24 13.98
N LYS C 399 5.93 -3.07 14.88
CA LYS C 399 4.95 -1.99 14.74
C LYS C 399 4.85 -1.11 15.97
N GLU C 400 5.59 -1.41 17.04
CA GLU C 400 5.67 -0.56 18.22
C GLU C 400 7.12 -0.43 18.64
N PHE C 401 7.52 0.76 19.06
CA PHE C 401 8.92 1.06 19.35
C PHE C 401 9.04 1.75 20.70
N SER C 402 10.16 1.50 21.37
CA SER C 402 10.42 2.08 22.68
C SER C 402 11.43 3.22 22.66
N GLU C 403 12.27 3.31 21.63
CA GLU C 403 13.25 4.38 21.50
C GLU C 403 13.09 5.07 20.16
N VAL C 404 13.60 6.29 20.08
CA VAL C 404 13.57 7.06 18.83
C VAL C 404 14.82 6.74 18.03
N GLU C 405 14.65 6.49 16.74
CA GLU C 405 15.77 6.08 15.90
C GLU C 405 15.92 6.94 14.64
N GLY C 406 14.81 7.38 14.05
CA GLY C 406 14.89 8.22 12.88
C GLY C 406 14.34 7.63 11.59
N ARG C 407 15.21 7.46 10.60
CA ARG C 407 14.78 7.24 9.23
C ARG C 407 14.02 5.92 9.07
N ILE C 408 14.62 4.81 9.52
CA ILE C 408 14.03 3.49 9.29
C ILE C 408 12.72 3.34 10.07
N GLN C 409 12.68 3.83 11.31
CA GLN C 409 11.44 3.79 12.09
C GLN C 409 10.35 4.62 11.43
N ASP C 410 10.72 5.80 10.91
CA ASP C 410 9.76 6.61 10.17
C ASP C 410 9.17 5.85 8.99
N LEU C 411 10.02 5.15 8.23
CA LEU C 411 9.54 4.40 7.07
C LEU C 411 8.61 3.25 7.48
N GLU C 412 8.96 2.53 8.54
CA GLU C 412 8.12 1.42 8.99
C GLU C 412 6.75 1.92 9.45
N LYS C 413 6.72 3.01 10.23
CA LYS C 413 5.45 3.59 10.66
C LYS C 413 4.63 4.06 9.47
N TYR C 414 5.27 4.69 8.48
CA TYR C 414 4.55 5.17 7.31
C TYR C 414 3.92 4.02 6.54
N VAL C 415 4.65 2.91 6.36
CA VAL C 415 4.12 1.76 5.64
C VAL C 415 2.89 1.20 6.35
N GLU C 416 2.99 1.02 7.68
CA GLU C 416 1.85 0.46 8.42
C GLU C 416 0.64 1.37 8.34
N ASP C 417 0.84 2.68 8.49
CA ASP C 417 -0.27 3.63 8.44
C ASP C 417 -0.96 3.60 7.08
N THR C 418 -0.17 3.57 6.00
CA THR C 418 -0.75 3.52 4.66
C THR C 418 -1.62 2.28 4.47
N LYS C 419 -1.09 1.12 4.90
CA LYS C 419 -1.85 -0.12 4.75
C LYS C 419 -3.17 -0.05 5.52
N VAL C 420 -3.13 0.44 6.75
CA VAL C 420 -4.34 0.50 7.57
C VAL C 420 -5.39 1.40 6.91
N ASP C 421 -4.98 2.57 6.42
CA ASP C 421 -5.93 3.48 5.80
C ASP C 421 -6.59 2.85 4.58
N LEU C 422 -5.79 2.21 3.72
CA LEU C 422 -6.37 1.63 2.51
C LEU C 422 -7.36 0.51 2.83
N TRP C 423 -7.03 -0.35 3.80
CA TRP C 423 -7.96 -1.44 4.12
C TRP C 423 -9.23 -0.93 4.79
N SER C 424 -9.14 0.12 5.63
CA SER C 424 -10.35 0.69 6.21
C SER C 424 -11.28 1.23 5.13
N TYR C 425 -10.71 1.93 4.14
CA TYR C 425 -11.54 2.42 3.04
C TYR C 425 -12.21 1.27 2.30
N ASN C 426 -11.46 0.20 2.03
CA ASN C 426 -12.03 -0.96 1.35
C ASN C 426 -13.23 -1.52 2.12
N ALA C 427 -13.09 -1.68 3.44
CA ALA C 427 -14.16 -2.26 4.23
C ALA C 427 -15.42 -1.38 4.18
N GLU C 428 -15.25 -0.07 4.35
CA GLU C 428 -16.40 0.84 4.32
C GLU C 428 -17.14 0.74 2.98
N LEU C 429 -16.40 0.84 1.87
CA LEU C 429 -17.04 0.81 0.57
C LEU C 429 -17.75 -0.52 0.32
N LEU C 430 -17.11 -1.63 0.71
CA LEU C 430 -17.71 -2.93 0.46
C LEU C 430 -19.03 -3.09 1.21
N VAL C 431 -19.08 -2.65 2.48
CA VAL C 431 -20.32 -2.77 3.23
C VAL C 431 -21.42 -1.94 2.58
N ALA C 432 -21.11 -0.70 2.18
CA ALA C 432 -22.14 0.14 1.59
C ALA C 432 -22.68 -0.46 0.29
N LEU C 433 -21.79 -0.95 -0.58
CA LEU C 433 -22.22 -1.54 -1.84
C LEU C 433 -23.09 -2.77 -1.63
N GLU C 434 -22.67 -3.66 -0.73
CA GLU C 434 -23.43 -4.88 -0.50
C GLU C 434 -24.82 -4.58 0.04
N ASN C 435 -24.92 -3.61 0.97
CA ASN C 435 -26.24 -3.27 1.50
C ASN C 435 -27.14 -2.71 0.41
N GLN C 436 -26.60 -1.84 -0.44
CA GLN C 436 -27.39 -1.30 -1.55
C GLN C 436 -27.95 -2.42 -2.42
N HIS C 437 -27.10 -3.36 -2.81
CA HIS C 437 -27.56 -4.41 -3.71
C HIS C 437 -28.55 -5.36 -3.03
N THR C 438 -28.39 -5.62 -1.73
CA THR C 438 -29.36 -6.47 -1.03
C THR C 438 -30.74 -5.83 -1.01
N ILE C 439 -30.82 -4.53 -0.69
CA ILE C 439 -32.11 -3.85 -0.67
C ILE C 439 -32.74 -3.89 -2.06
N ASP C 440 -31.94 -3.61 -3.08
CA ASP C 440 -32.47 -3.60 -4.44
C ASP C 440 -33.02 -4.97 -4.83
N LEU C 441 -32.30 -6.05 -4.49
CA LEU C 441 -32.77 -7.37 -4.88
C LEU C 441 -34.07 -7.76 -4.17
N THR C 442 -34.20 -7.43 -2.89
CA THR C 442 -35.45 -7.76 -2.20
C THR C 442 -36.63 -7.00 -2.81
N ASP C 443 -36.45 -5.70 -3.10
CA ASP C 443 -37.53 -4.94 -3.73
C ASP C 443 -37.89 -5.51 -5.09
N SER C 444 -36.88 -5.88 -5.88
CA SER C 444 -37.15 -6.43 -7.21
C SER C 444 -37.91 -7.76 -7.11
N GLU C 445 -37.57 -8.58 -6.12
CA GLU C 445 -38.29 -9.85 -5.94
C GLU C 445 -39.77 -9.61 -5.66
N MET C 446 -40.07 -8.67 -4.75
CA MET C 446 -41.48 -8.39 -4.47
C MET C 446 -42.21 -7.90 -5.72
N ASN C 447 -41.58 -6.98 -6.47
CA ASN C 447 -42.22 -6.46 -7.67
C ASN C 447 -42.44 -7.55 -8.71
N LYS C 448 -41.47 -8.46 -8.85
CA LYS C 448 -41.61 -9.55 -9.81
C LYS C 448 -42.78 -10.46 -9.45
N LEU C 449 -42.94 -10.77 -8.16
CA LEU C 449 -44.08 -11.58 -7.75
C LEU C 449 -45.40 -10.89 -8.09
N PHE C 450 -45.49 -9.59 -7.80
CA PHE C 450 -46.72 -8.87 -8.12
C PHE C 450 -46.99 -8.87 -9.62
N GLU C 451 -45.96 -8.67 -10.44
CA GLU C 451 -46.14 -8.64 -11.89
C GLU C 451 -46.57 -9.99 -12.43
N LYS C 452 -45.99 -11.08 -11.90
CA LYS C 452 -46.41 -12.41 -12.33
C LYS C 452 -47.88 -12.66 -11.99
N THR C 453 -48.29 -12.27 -10.77
CA THR C 453 -49.71 -12.41 -10.41
C THR C 453 -50.59 -11.60 -11.35
N ARG C 454 -50.17 -10.39 -11.70
CA ARG C 454 -50.93 -9.59 -12.66
C ARG C 454 -51.02 -10.29 -14.02
N ARG C 455 -49.92 -10.91 -14.45
CA ARG C 455 -49.94 -11.64 -15.72
C ARG C 455 -50.96 -12.77 -15.70
N GLN C 456 -51.05 -13.49 -14.58
CA GLN C 456 -52.01 -14.59 -14.51
C GLN C 456 -53.44 -14.11 -14.67
N LEU C 457 -53.80 -13.04 -13.97
CA LEU C 457 -55.15 -12.45 -14.08
C LEU C 457 -55.16 -11.50 -15.26
N ARG C 458 -55.56 -12.01 -16.43
CA ARG C 458 -55.43 -11.23 -17.65
C ARG C 458 -56.47 -10.11 -17.72
N GLU C 459 -57.75 -10.47 -17.75
CA GLU C 459 -58.82 -9.47 -17.85
C GLU C 459 -59.90 -9.60 -16.80
N ASN C 460 -59.83 -10.60 -15.91
CA ASN C 460 -60.87 -10.81 -14.91
C ASN C 460 -60.62 -10.05 -13.61
N ALA C 461 -59.49 -9.35 -13.50
CA ALA C 461 -59.13 -8.68 -12.26
C ALA C 461 -58.58 -7.30 -12.57
N GLU C 462 -58.61 -6.42 -11.56
CA GLU C 462 -58.10 -5.08 -11.69
C GLU C 462 -57.26 -4.69 -10.49
N ASP C 463 -56.25 -3.86 -10.73
CA ASP C 463 -55.34 -3.37 -9.70
C ASP C 463 -55.99 -2.21 -8.96
N MET C 464 -56.05 -2.31 -7.63
CA MET C 464 -56.59 -1.21 -6.83
C MET C 464 -55.60 -0.08 -6.61
N GLY C 465 -54.32 -0.29 -6.92
CA GLY C 465 -53.32 0.75 -6.74
C GLY C 465 -52.62 0.72 -5.40
N ASN C 466 -52.98 -0.19 -4.50
CA ASN C 466 -52.29 -0.40 -3.23
C ASN C 466 -51.69 -1.79 -3.13
N GLY C 467 -51.27 -2.34 -4.26
CA GLY C 467 -50.70 -3.68 -4.28
C GLY C 467 -51.71 -4.80 -4.18
N CYS C 468 -52.97 -4.53 -4.49
CA CYS C 468 -54.06 -5.45 -4.22
C CYS C 468 -54.91 -5.58 -5.49
N PHE C 469 -55.30 -6.81 -5.83
CA PHE C 469 -56.15 -7.07 -6.98
C PHE C 469 -57.57 -7.34 -6.51
N LYS C 470 -58.54 -6.89 -7.31
CA LYS C 470 -59.95 -7.22 -7.12
C LYS C 470 -60.41 -8.05 -8.31
N ILE C 471 -60.95 -9.23 -8.02
CA ILE C 471 -61.40 -10.18 -9.03
C ILE C 471 -62.90 -10.05 -9.18
N TYR C 472 -63.36 -9.85 -10.41
CA TYR C 472 -64.75 -9.52 -10.69
C TYR C 472 -65.68 -10.72 -10.66
N HIS C 473 -65.15 -11.95 -10.65
CA HIS C 473 -65.96 -13.15 -10.63
C HIS C 473 -65.86 -13.80 -9.25
N LYS C 474 -66.62 -14.89 -9.08
CA LYS C 474 -66.65 -15.62 -7.82
C LYS C 474 -65.44 -16.54 -7.76
N CYS C 475 -64.50 -16.20 -6.89
CA CYS C 475 -63.23 -16.92 -6.75
C CYS C 475 -63.20 -17.50 -5.34
N ASP C 476 -63.57 -18.77 -5.21
CA ASP C 476 -63.61 -19.43 -3.91
C ASP C 476 -62.21 -19.88 -3.53
N ASN C 477 -62.10 -20.67 -2.45
CA ASN C 477 -60.78 -21.03 -1.93
C ASN C 477 -59.98 -21.85 -2.93
N ALA C 478 -60.63 -22.80 -3.62
CA ALA C 478 -59.93 -23.56 -4.64
C ALA C 478 -59.46 -22.67 -5.77
N CYS C 479 -60.24 -21.64 -6.08
CA CYS C 479 -59.83 -20.64 -7.08
C CYS C 479 -58.56 -19.90 -6.65
N ILE C 480 -58.50 -19.47 -5.39
CA ILE C 480 -57.30 -18.81 -4.88
C ILE C 480 -56.10 -19.76 -4.91
N GLU C 481 -56.33 -21.02 -4.54
CA GLU C 481 -55.23 -21.98 -4.57
C GLU C 481 -54.72 -22.21 -5.99
N SER C 482 -55.64 -22.25 -6.96
CA SER C 482 -55.23 -22.36 -8.36
C SER C 482 -54.42 -21.14 -8.79
N ILE C 483 -54.82 -19.96 -8.36
CA ILE C 483 -54.07 -18.75 -8.68
C ILE C 483 -52.66 -18.83 -8.08
N ARG C 484 -52.58 -19.24 -6.82
CA ARG C 484 -51.29 -19.28 -6.13
C ARG C 484 -50.36 -20.33 -6.74
N ASN C 485 -50.91 -21.48 -7.15
CA ASN C 485 -50.09 -22.52 -7.73
C ASN C 485 -49.54 -22.12 -9.10
N GLY C 486 -50.33 -21.38 -9.87
CA GLY C 486 -49.99 -21.07 -11.24
C GLY C 486 -50.81 -21.82 -12.28
N THR C 487 -51.88 -22.49 -11.88
CA THR C 487 -52.73 -23.25 -12.81
C THR C 487 -54.06 -22.56 -13.07
N TYR C 488 -54.12 -21.24 -12.87
CA TYR C 488 -55.36 -20.51 -13.06
C TYR C 488 -55.68 -20.35 -14.54
N ASP C 489 -56.89 -20.72 -14.92
CA ASP C 489 -57.37 -20.62 -16.30
C ASP C 489 -58.41 -19.52 -16.36
N HIS C 490 -58.11 -18.44 -17.08
CA HIS C 490 -58.99 -17.29 -17.09
C HIS C 490 -60.22 -17.50 -17.96
N ASP C 491 -60.08 -18.26 -19.06
CA ASP C 491 -61.21 -18.47 -19.98
C ASP C 491 -62.44 -18.96 -19.24
N ILE C 492 -62.25 -19.88 -18.28
CA ILE C 492 -63.37 -20.46 -17.56
C ILE C 492 -64.21 -19.38 -16.91
N TYR C 493 -63.55 -18.37 -16.33
CA TYR C 493 -64.25 -17.27 -15.68
C TYR C 493 -64.29 -16.01 -16.54
N ARG C 494 -63.97 -16.12 -17.83
CA ARG C 494 -63.80 -14.94 -18.65
C ARG C 494 -65.12 -14.18 -18.82
N ASP C 495 -66.10 -14.81 -19.46
CA ASP C 495 -67.31 -14.11 -19.86
C ASP C 495 -67.99 -13.44 -18.66
N GLU C 496 -68.17 -14.19 -17.58
CA GLU C 496 -68.80 -13.65 -16.39
C GLU C 496 -68.08 -12.38 -15.92
N ALA C 497 -66.75 -12.44 -15.86
CA ALA C 497 -65.98 -11.28 -15.43
C ALA C 497 -66.22 -10.10 -16.37
N LEU C 498 -66.29 -10.36 -17.67
CA LEU C 498 -66.54 -9.29 -18.63
C LEU C 498 -67.91 -8.66 -18.42
N ASN C 499 -68.86 -9.39 -17.82
CA ASN C 499 -70.13 -8.78 -17.48
C ASN C 499 -70.02 -7.90 -16.23
N ASN C 500 -69.18 -8.31 -15.29
CA ASN C 500 -69.08 -7.58 -14.02
C ASN C 500 -68.29 -6.28 -14.19
N ARG C 501 -67.26 -6.30 -15.03
CA ARG C 501 -66.41 -5.12 -15.18
C ARG C 501 -67.10 -4.00 -15.94
N PHE C 502 -67.82 -4.33 -17.01
CA PHE C 502 -68.47 -3.30 -17.82
C PHE C 502 -69.98 -3.35 -17.65
C1 NAG D . 35.74 7.83 35.87
C2 NAG D . 36.36 7.21 37.11
C3 NAG D . 35.51 6.05 37.62
C4 NAG D . 34.07 6.50 37.83
C5 NAG D . 33.54 7.14 36.55
C6 NAG D . 32.15 7.71 36.70
C7 NAG D . 38.79 7.36 37.42
C8 NAG D . 40.12 6.79 37.03
N2 NAG D . 37.72 6.78 36.86
O3 NAG D . 36.05 5.56 38.84
O4 NAG D . 33.24 5.39 38.15
O5 NAG D . 34.39 8.21 36.14
O6 NAG D . 32.13 8.74 37.68
O7 NAG D . 38.69 8.32 38.18
C1 NAG D . 32.93 5.34 39.56
C2 NAG D . 31.53 4.75 39.72
C3 NAG D . 31.19 4.56 41.20
C4 NAG D . 32.29 3.80 41.92
C5 NAG D . 33.63 4.47 41.68
C6 NAG D . 34.80 3.73 42.29
C7 NAG D . 29.66 5.16 38.18
C8 NAG D . 28.71 6.19 37.63
N2 NAG D . 30.54 5.61 39.09
O3 NAG D . 29.95 3.85 41.31
O4 NAG D . 32.04 3.79 43.32
O5 NAG D . 33.87 4.54 40.27
O6 NAG D . 34.98 2.46 41.70
O7 NAG D . 29.62 3.99 37.83
C1 BMA D . 31.51 2.52 43.76
C2 BMA D . 31.99 2.27 45.20
C3 BMA D . 31.26 1.06 45.82
C4 BMA D . 29.75 1.15 45.60
C5 BMA D . 29.46 1.31 44.10
C6 BMA D . 27.99 1.40 43.80
O2 BMA D . 31.71 3.38 46.03
O3 BMA D . 31.52 0.93 47.20
O4 BMA D . 29.12 -0.02 46.08
O5 BMA D . 30.09 2.53 43.68
O6 BMA D . 27.47 2.55 44.45
C1 MAN D . 32.92 0.63 47.40
C2 MAN D . 33.01 -0.66 48.25
C3 MAN D . 32.54 -0.39 49.68
C4 MAN D . 33.23 0.87 50.26
C5 MAN D . 33.00 2.06 49.32
C6 MAN D . 33.68 3.32 49.79
O2 MAN D . 34.35 -1.13 48.35
O3 MAN D . 32.77 -1.51 50.52
O4 MAN D . 32.69 1.16 51.55
O5 MAN D . 33.55 1.72 48.03
O6 MAN D . 33.14 3.69 51.05
C1 MAN D . 26.04 2.48 44.47
C2 MAN D . 25.50 3.93 44.49
C3 MAN D . 25.84 4.58 45.83
C4 MAN D . 25.29 3.72 46.98
C5 MAN D . 25.89 2.31 46.89
C6 MAN D . 25.34 1.36 47.94
O2 MAN D . 24.08 3.96 44.39
O3 MAN D . 25.33 5.91 45.93
O4 MAN D . 25.63 4.30 48.22
O5 MAN D . 25.58 1.74 45.60
O6 MAN D . 24.61 0.34 47.27
C1 NAG E . 3.92 22.41 -7.21
C2 NAG E . 3.50 22.46 -8.68
C3 NAG E . 4.10 21.27 -9.44
C4 NAG E . 5.60 21.18 -9.22
C5 NAG E . 5.92 21.22 -7.72
C6 NAG E . 7.40 21.29 -7.42
C7 NAG E . 1.32 23.56 -8.93
C8 NAG E . -0.15 23.38 -9.05
N2 NAG E . 2.05 22.45 -8.81
O3 NAG E . 3.83 21.43 -10.83
O4 NAG E . 6.09 19.96 -9.76
O5 NAG E . 5.33 22.39 -7.13
O6 NAG E . 7.91 20.00 -7.09
O7 NAG E . 1.84 24.67 -8.95
C1 NAG E . 7.14 20.19 -10.71
C2 NAG E . 7.77 18.84 -11.07
C3 NAG E . 8.88 19.02 -12.10
C4 NAG E . 8.34 19.78 -13.32
C5 NAG E . 7.69 21.09 -12.88
C6 NAG E . 7.03 21.83 -14.01
C7 NAG E . 7.75 17.07 -9.36
C8 NAG E . 8.42 16.52 -8.14
N2 NAG E . 8.29 18.17 -9.88
O3 NAG E . 9.37 17.75 -12.50
O4 NAG E . 9.41 20.07 -14.22
O5 NAG E . 6.66 20.82 -11.91
O6 NAG E . 6.09 21.01 -14.69
O7 NAG E . 6.76 16.55 -9.85
C1 NAG F . 47.39 18.24 0.04
C2 NAG F . 48.50 19.24 0.29
C3 NAG F . 47.88 20.63 0.42
C4 NAG F . 46.91 20.94 -0.72
C5 NAG F . 46.01 19.74 -1.08
C6 NAG F . 45.30 19.91 -2.40
C7 NAG F . 50.60 19.04 1.53
C8 NAG F . 51.23 18.64 2.82
N2 NAG F . 49.27 18.90 1.47
O3 NAG F . 48.91 21.61 0.45
O4 NAG F . 46.03 21.98 -0.29
O5 NAG F . 46.77 18.53 -1.17
O6 NAG F . 46.13 20.52 -3.37
O7 NAG F . 51.25 19.45 0.57
C1 NAG F . 46.31 23.27 -0.85
C2 NAG F . 44.97 23.99 -1.11
C3 NAG F . 45.21 25.43 -1.58
C4 NAG F . 46.18 26.16 -0.65
C5 NAG F . 47.44 25.34 -0.46
C6 NAG F . 48.40 25.95 0.54
C7 NAG F . 42.89 22.96 -1.89
C8 NAG F . 42.23 22.21 -3.01
N2 NAG F . 44.18 23.27 -2.08
O3 NAG F . 43.97 26.11 -1.64
O4 NAG F . 46.54 27.42 -1.22
O5 NAG F . 47.10 24.04 0.05
O6 NAG F . 47.80 26.13 1.81
O7 NAG F . 42.29 23.26 -0.87
C1 BMA F . 45.82 28.52 -0.63
C2 BMA F . 46.74 29.76 -0.68
C3 BMA F . 45.97 31.04 -0.33
C4 BMA F . 44.66 31.13 -1.12
C5 BMA F . 43.84 29.87 -0.86
C6 BMA F . 42.52 29.89 -1.61
O2 BMA F . 47.26 29.94 -1.99
O3 BMA F . 46.73 32.21 -0.58
O4 BMA F . 43.93 32.26 -0.71
O5 BMA F . 44.60 28.74 -1.32
O6 BMA F . 42.80 30.07 -2.98
C1 MAN F . 47.88 32.23 0.28
C2 MAN F . 47.85 33.57 1.07
C3 MAN F . 48.16 34.74 0.14
C4 MAN F . 49.42 34.48 -0.71
C5 MAN F . 49.26 33.15 -1.46
C6 MAN F . 50.47 32.78 -2.28
O2 MAN F . 48.86 33.60 2.07
O3 MAN F . 48.29 35.96 0.86
O4 MAN F . 49.60 35.52 -1.64
O5 MAN F . 49.06 32.10 -0.49
O6 MAN F . 50.79 33.87 -3.13
C1 MAN F . 41.58 30.43 -3.67
C2 MAN F . 41.68 29.88 -5.12
C3 MAN F . 42.71 30.69 -5.90
C4 MAN F . 42.39 32.17 -5.83
C5 MAN F . 42.37 32.62 -4.37
C6 MAN F . 42.01 34.08 -4.19
O2 MAN F . 40.45 30.06 -5.82
O3 MAN F . 42.80 30.26 -7.26
O4 MAN F . 43.37 32.92 -6.54
O5 MAN F . 41.39 31.84 -3.65
O6 MAN F . 40.70 34.15 -3.68
C1 NAG G . 8.08 -18.01 -13.33
C2 NAG G . 7.13 -19.18 -13.08
C3 NAG G . 6.89 -19.35 -11.58
C4 NAG G . 8.20 -19.42 -10.82
C5 NAG G . 9.11 -18.26 -11.20
C6 NAG G . 10.49 -18.34 -10.60
C7 NAG G . 5.62 -19.50 -15.00
C8 NAG G . 4.27 -19.20 -15.56
N2 NAG G . 5.87 -18.99 -13.78
O3 NAG G . 6.14 -20.54 -11.37
O4 NAG G . 7.95 -19.37 -9.43
O5 NAG G . 9.29 -18.21 -12.63
O6 NAG G . 10.53 -17.73 -9.31
O7 NAG G . 6.45 -20.16 -15.60
C1 NAG G . 8.50 -20.53 -8.75
C2 NAG G . 8.41 -20.30 -7.25
C3 NAG G . 8.95 -21.53 -6.49
C4 NAG G . 8.24 -22.78 -6.97
C5 NAG G . 8.32 -22.91 -8.49
C6 NAG G . 7.54 -24.08 -9.03
C7 NAG G . 8.53 -17.99 -6.43
C8 NAG G . 9.42 -16.84 -6.07
N2 NAG G . 9.13 -19.10 -6.85
O3 NAG G . 8.74 -21.34 -5.09
O4 NAG G . 8.84 -23.93 -6.37
O5 NAG G . 7.79 -21.73 -9.11
O6 NAG G . 6.23 -24.13 -8.49
O7 NAG G . 7.30 -17.89 -6.38
C1 NAG H . 46.20 -19.67 9.80
C2 NAG H . 47.49 -20.15 9.11
C3 NAG H . 47.27 -20.29 7.61
C4 NAG H . 46.08 -21.20 7.33
C5 NAG H . 44.86 -20.70 8.09
C6 NAG H . 43.68 -21.64 7.96
C7 NAG H . 49.63 -19.59 10.18
C8 NAG H . 50.68 -18.53 10.37
N2 NAG H . 48.60 -19.25 9.40
O3 NAG H . 48.45 -20.82 7.02
O4 NAG H . 45.80 -21.20 5.94
O5 NAG H . 45.15 -20.58 9.48
O6 NAG H . 44.04 -22.97 8.26
O7 NAG H . 49.71 -20.69 10.71
C1 NAG H . 46.29 -22.39 5.28
C2 NAG H . 45.36 -22.70 4.10
C3 NAG H . 45.92 -23.88 3.28
C4 NAG H . 47.38 -23.67 2.92
C5 NAG H . 48.17 -23.33 4.18
C6 NAG H . 49.62 -23.00 3.90
C7 NAG H . 42.94 -22.28 4.22
C8 NAG H . 41.65 -22.74 4.80
N2 NAG H . 44.02 -23.00 4.56
O3 NAG H . 45.14 -24.02 2.10
O4 NAG H . 47.91 -24.85 2.36
O5 NAG H . 47.61 -22.17 4.81
O6 NAG H . 49.76 -22.11 2.80
O7 NAG H . 43.01 -21.32 3.48
C1 BMA H . 47.98 -24.78 0.92
C2 BMA H . 49.16 -25.66 0.44
C3 BMA H . 49.13 -25.83 -1.08
C4 BMA H . 47.74 -26.20 -1.58
C5 BMA H . 46.73 -25.18 -1.08
C6 BMA H . 45.32 -25.49 -1.54
O2 BMA H . 49.05 -26.96 1.00
O3 BMA H . 50.06 -26.78 -1.53
O4 BMA H . 47.73 -26.24 -3.00
O5 BMA H . 46.75 -25.20 0.34
O6 BMA H . 44.98 -26.77 -1.05
C1 MAN H . 51.40 -26.35 -1.23
C2 MAN H . 52.17 -26.24 -2.57
C3 MAN H . 52.43 -27.63 -3.14
C4 MAN H . 53.04 -28.58 -2.09
C5 MAN H . 52.13 -28.60 -0.85
C6 MAN H . 52.67 -29.47 0.28
O2 MAN H . 53.47 -25.66 -2.38
O3 MAN H . 53.27 -27.58 -4.29
O4 MAN H . 53.15 -29.89 -2.61
O5 MAN H . 52.02 -27.26 -0.34
O6 MAN H . 52.81 -30.79 -0.21
C1 MAN H . 43.79 -27.24 -1.73
C2 MAN H . 43.02 -28.13 -0.73
C3 MAN H . 43.80 -29.41 -0.48
C4 MAN H . 44.09 -30.12 -1.81
C5 MAN H . 44.88 -29.17 -2.72
C6 MAN H . 45.15 -29.75 -4.09
O2 MAN H . 41.77 -28.55 -1.28
O3 MAN H . 43.12 -30.29 0.42
O4 MAN H . 44.84 -31.29 -1.57
O5 MAN H . 44.12 -27.94 -2.91
O6 MAN H . 44.45 -28.98 -5.05
C1 NAG I . -5.34 -4.02 22.93
C2 NAG I . -6.44 -3.02 23.28
C3 NAG I . -6.07 -1.62 22.79
C4 NAG I . -4.68 -1.23 23.29
C5 NAG I . -3.66 -2.32 22.96
C6 NAG I . -2.30 -2.06 23.56
C7 NAG I . -8.63 -4.13 23.39
C8 NAG I . -9.88 -4.47 22.64
N2 NAG I . -7.72 -3.44 22.71
O3 NAG I . -7.03 -0.69 23.25
O4 NAG I . -4.28 -0.02 22.65
O5 NAG I . -4.11 -3.58 23.49
O6 NAG I . -1.45 -1.37 22.64
O7 NAG I . -8.45 -4.49 24.55
C1 NAG I . -3.96 1.01 23.60
C2 NAG I . -3.31 2.18 22.86
C3 NAG I . -2.99 3.31 23.84
C4 NAG I . -4.23 3.70 24.62
C5 NAG I . -4.84 2.47 25.30
C6 NAG I . -6.14 2.77 26.00
C7 NAG I . -2.03 1.69 20.82
C8 NAG I . -0.72 1.24 20.26
N2 NAG I . -2.11 1.76 22.16
O3 NAG I . -2.50 4.43 23.11
O4 NAG I . -3.90 4.67 25.62
O5 NAG I . -5.12 1.46 24.31
O6 NAG I . -7.09 3.35 25.12
O7 NAG I . -2.98 1.98 20.10
C1 GAL J . 47.66 28.64 10.44
C2 GAL J . 46.23 29.09 10.78
C3 GAL J . 45.57 28.06 11.69
C4 GAL J . 45.59 26.68 11.02
C5 GAL J . 47.02 26.33 10.63
C6 GAL J . 47.15 25.06 9.80
O1 GAL J . 48.27 29.54 9.56
O2 GAL J . 46.21 30.34 11.46
O3 GAL J . 44.21 28.39 11.97
O4 GAL J . 44.75 26.68 9.87
O5 GAL J . 47.62 27.37 9.83
O6 GAL J . 48.50 24.63 9.74
C1 SIA J . 41.82 28.73 12.57
C2 SIA J . 43.30 28.30 13.01
C3 SIA J . 43.87 29.08 14.19
C4 SIA J . 43.19 28.76 15.51
C5 SIA J . 43.22 27.26 15.80
C6 SIA J . 42.75 26.43 14.57
C7 SIA J . 43.11 24.94 14.67
C8 SIA J . 42.88 24.21 13.33
C9 SIA J . 42.94 22.69 13.49
C10 SIA J . 42.57 26.00 17.88
C11 SIA J . 41.47 25.88 18.92
N5 SIA J . 42.34 26.94 16.92
O1A SIA J . 41.09 27.74 12.29
O1B SIA J . 41.56 29.94 12.56
O4 SIA J . 43.82 29.43 16.62
O6 SIA J . 43.34 26.87 13.35
O7 SIA J . 44.44 24.79 15.14
O8 SIA J . 41.63 24.62 12.76
O9 SIA J . 42.85 22.06 12.22
O10 SIA J . 43.57 25.30 17.92
C1 GAL K . 38.63 -5.55 40.94
C2 GAL K . 37.57 -6.60 40.55
C3 GAL K . 37.76 -7.05 39.10
C4 GAL K . 37.73 -5.83 38.17
C5 GAL K . 38.75 -4.80 38.65
C6 GAL K . 38.71 -3.48 37.90
O1 GAL K . 38.41 -5.07 42.23
O2 GAL K . 37.65 -7.75 41.37
O3 GAL K . 36.74 -7.95 38.68
O4 GAL K . 36.44 -5.27 38.14
O5 GAL K . 38.56 -4.45 40.04
O6 GAL K . 39.82 -2.67 38.23
C1 SIA K . 34.90 -9.40 37.75
C2 SIA K . 36.44 -9.02 37.87
C3 SIA K . 37.35 -10.14 38.36
C4 SIA K . 37.52 -11.26 37.34
C5 SIA K . 38.02 -10.72 36.00
C6 SIA K . 37.17 -9.49 35.54
C7 SIA K . 37.87 -8.68 34.41
C8 SIA K . 37.17 -7.33 34.15
C9 SIA K . 37.61 -6.74 32.82
C10 SIA K . 38.82 -11.95 33.97
C11 SIA K . 38.47 -13.10 33.02
N5 SIA K . 37.92 -11.74 34.96
O1A SIA K . 34.36 -9.00 36.69
O1B SIA K . 34.40 -10.05 38.70
O4 SIA K . 38.46 -12.26 37.78
O6 SIA K . 36.95 -8.54 36.58
O7 SIA K . 39.25 -8.54 34.69
O8 SIA K . 35.75 -7.48 34.22
O9 SIA K . 37.04 -5.44 32.66
O10 SIA K . 39.85 -11.30 33.82
C1 GAL L . 54.24 -15.91 -1.95
C2 GAL L . 53.34 -15.52 -3.14
C3 GAL L . 52.82 -14.10 -2.97
C4 GAL L . 52.06 -13.99 -1.65
C5 GAL L . 52.97 -14.46 -0.51
C6 GAL L . 52.28 -14.54 0.86
O1 GAL L . 54.68 -17.22 -2.05
O2 GAL L . 54.05 -15.57 -4.37
O3 GAL L . 51.93 -13.73 -4.02
O4 GAL L . 50.87 -14.77 -1.67
O5 GAL L . 53.49 -15.78 -0.74
O6 GAL L . 53.21 -14.68 1.90
C1 SIA L . 50.32 -12.88 -5.68
C2 SIA L . 51.57 -12.63 -4.76
C3 SIA L . 52.84 -12.15 -5.47
C4 SIA L . 52.71 -10.72 -6.01
C5 SIA L . 52.33 -9.75 -4.90
C6 SIA L . 51.12 -10.27 -4.08
C7 SIA L . 50.94 -9.52 -2.74
C8 SIA L . 49.91 -10.22 -1.82
C9 SIA L . 49.50 -9.34 -0.66
C10 SIA L . 52.23 -7.23 -4.94
C11 SIA L . 51.72 -6.05 -5.76
N5 SIA L . 51.96 -8.46 -5.47
O1A SIA L . 49.23 -12.47 -5.18
O1B SIA L . 50.51 -13.44 -6.79
O4 SIA L . 53.94 -10.26 -6.60
O6 SIA L . 51.25 -11.63 -3.71
O7 SIA L . 52.20 -9.35 -2.10
O8 SIA L . 48.78 -10.63 -2.60
O9 SIA L . 48.66 -10.08 0.24
O10 SIA L . 52.84 -7.06 -3.88
C1 NAG M . -25.18 22.36 -8.72
C2 NAG M . -25.99 23.64 -8.51
C3 NAG M . -25.34 24.52 -7.44
C4 NAG M . -25.15 23.72 -6.17
C5 NAG M . -24.37 22.44 -6.44
C6 NAG M . -24.26 21.53 -5.24
C7 NAG M . -27.31 24.74 -10.27
C8 NAG M . -27.26 25.50 -11.56
N2 NAG M . -26.13 24.38 -9.76
O3 NAG M . -26.15 25.66 -7.20
O4 NAG M . -24.42 24.49 -5.21
O5 NAG M . -25.05 21.67 -7.47
O6 NAG M . -23.31 20.50 -5.44
O7 NAG M . -28.37 24.46 -9.73
C1 NAG N . -16.81 -12.90 -27.58
C2 NAG N . -16.99 -13.12 -29.08
C3 NAG N . -15.70 -12.84 -29.82
C4 NAG N . -15.18 -11.43 -29.48
C5 NAG N . -15.06 -11.28 -27.97
C6 NAG N . -14.69 -9.88 -27.55
C7 NAG N . -18.53 -14.76 -30.10
C8 NAG N . -18.84 -16.21 -30.28
N2 NAG N . -17.44 -14.48 -29.35
O3 NAG N . -15.91 -12.95 -31.22
O4 NAG N . -13.92 -11.21 -30.07
O5 NAG N . -16.32 -11.57 -27.34
O6 NAG N . -14.85 -9.68 -26.16
O7 NAG N . -19.21 -13.87 -30.60
C1 NAG O . -30.30 -12.99 10.93
C2 NAG O . -31.12 -14.11 11.55
C3 NAG O . -30.21 -15.16 12.18
C4 NAG O . -29.20 -15.66 11.15
C5 NAG O . -28.45 -14.49 10.51
C6 NAG O . -27.56 -14.93 9.37
C7 NAG O . -33.37 -13.80 12.50
C8 NAG O . -34.17 -13.18 13.61
N2 NAG O . -32.05 -13.58 12.55
O3 NAG O . -30.97 -16.24 12.68
O4 NAG O . -28.27 -16.55 11.76
O5 NAG O . -29.38 -13.55 9.97
O6 NAG O . -26.40 -14.10 9.28
O7 NAG O . -33.89 -14.44 11.60
#